data_5CX7
#
_entry.id   5CX7
#
_cell.length_a   71.300
_cell.length_b   130.120
_cell.length_c   120.750
_cell.angle_alpha   90.00
_cell.angle_beta   90.00
_cell.angle_gamma   90.00
#
_symmetry.space_group_name_H-M   'P 1 21 1'
#
loop_
_entity.id
_entity.type
_entity.pdbx_description
1 polymer 'ATP:cob(I)alamin adenosyltransferase'
2 non-polymer 'PROTOPORPHYRIN IX CONTAINING FE'
3 non-polymer GLYCEROL
4 non-polymer 'SODIUM ION'
5 non-polymer 'CHLORIDE ION'
6 non-polymer 'MAGNESIUM ION'
7 water water
#
_entity_poly.entity_id   1
_entity_poly.type   'polypeptide(L)'
_entity_poly.pdbx_seq_one_letter_code
;GAMAKETTPVALSFHDLHQLTRAAVERAQQLQVPVVVSIVDAHGTETVTWRMPDALLVSSELAPKKAWTAVAMKTATHEL
SDVVQPGAALYGLESHLQGKVVTFGGGYALWRDGILIGGLGISGGSVEQDMDIAQTAIAAINVGTHQ
;
_entity_poly.pdbx_strand_id   A,B,C,D,E,F,G,H,I,J,K,L,M,N,O,P
#
loop_
_chem_comp.id
_chem_comp.type
_chem_comp.name
_chem_comp.formula
CL non-polymer 'CHLORIDE ION' 'Cl -1'
GOL non-polymer GLYCEROL 'C3 H8 O3'
HEM non-polymer 'PROTOPORPHYRIN IX CONTAINING FE' 'C34 H32 Fe N4 O4'
MG non-polymer 'MAGNESIUM ION' 'Mg 2'
NA non-polymer 'SODIUM ION' 'Na 1'
#
# COMPACT_ATOMS: atom_id res chain seq x y z
N VAL A 10 2.64 20.55 -60.77
CA VAL A 10 1.62 21.60 -60.42
C VAL A 10 2.00 22.33 -59.11
N ALA A 11 2.31 23.61 -59.28
CA ALA A 11 2.81 24.50 -58.24
C ALA A 11 2.86 25.97 -58.60
N LEU A 12 2.97 26.81 -57.58
CA LEU A 12 3.20 28.24 -57.80
C LEU A 12 4.57 28.45 -58.39
N SER A 13 4.59 29.05 -59.56
CA SER A 13 5.82 29.41 -60.24
C SER A 13 6.34 30.72 -59.73
N PHE A 14 7.54 31.09 -60.19
CA PHE A 14 8.08 32.41 -59.88
C PHE A 14 7.09 33.50 -60.29
N HIS A 15 6.60 33.39 -61.51
CA HIS A 15 5.69 34.37 -62.06
C HIS A 15 4.38 34.49 -61.21
N ASP A 16 3.82 33.35 -60.79
CA ASP A 16 2.69 33.34 -59.88
C ASP A 16 2.98 34.12 -58.56
N LEU A 17 4.11 33.86 -57.94
CA LEU A 17 4.50 34.49 -56.67
C LEU A 17 4.76 35.96 -56.79
N HIS A 18 5.49 36.31 -57.86
CA HIS A 18 5.77 37.65 -58.14
C HIS A 18 4.55 38.49 -58.39
N GLN A 19 3.67 38.01 -59.27
CA GLN A 19 2.46 38.73 -59.63
C GLN A 19 1.48 38.83 -58.49
N LEU A 20 1.33 37.78 -57.70
CA LEU A 20 0.46 37.87 -56.51
C LEU A 20 0.90 38.98 -55.59
N THR A 21 2.20 39.02 -55.31
CA THR A 21 2.77 39.98 -54.39
C THR A 21 2.70 41.38 -54.89
N ARG A 22 3.21 41.59 -56.12
CA ARG A 22 3.02 42.88 -56.75
C ARG A 22 1.60 43.38 -56.82
N ALA A 23 0.63 42.57 -57.30
CA ALA A 23 -0.72 42.98 -57.42
C ALA A 23 -1.30 43.31 -56.03
N ALA A 24 -0.90 42.57 -55.00
CA ALA A 24 -1.46 42.86 -53.62
C ALA A 24 -0.95 44.21 -53.15
N VAL A 25 0.35 44.46 -53.29
CA VAL A 25 0.93 45.77 -52.88
C VAL A 25 0.34 46.90 -53.65
N GLU A 26 0.24 46.72 -54.97
CA GLU A 26 -0.36 47.77 -55.83
C GLU A 26 -1.79 48.12 -55.43
N ARG A 27 -2.59 47.10 -55.18
CA ARG A 27 -3.95 47.35 -54.73
C ARG A 27 -3.95 48.11 -53.38
N ALA A 28 -3.12 47.64 -52.48
CA ALA A 28 -3.05 48.25 -51.13
C ALA A 28 -2.63 49.75 -51.21
N GLN A 29 -1.67 50.06 -52.11
CA GLN A 29 -1.36 51.42 -52.49
C GLN A 29 -2.51 52.21 -53.03
N GLN A 30 -3.29 51.64 -53.92
CA GLN A 30 -4.48 52.31 -54.39
C GLN A 30 -5.41 52.65 -53.24
N LEU A 31 -5.56 51.70 -52.34
CA LEU A 31 -6.53 51.94 -51.22
C LEU A 31 -5.99 52.85 -50.16
N GLN A 32 -4.66 53.10 -50.22
CA GLN A 32 -3.92 53.82 -49.22
C GLN A 32 -3.98 53.12 -47.86
N VAL A 33 -3.82 51.81 -47.86
CA VAL A 33 -3.69 51.11 -46.59
C VAL A 33 -2.46 50.24 -46.66
N PRO A 34 -1.57 50.38 -45.68
CA PRO A 34 -0.38 49.51 -45.72
C PRO A 34 -0.67 48.14 -45.17
N VAL A 35 -0.28 47.09 -45.90
CA VAL A 35 -0.57 45.72 -45.46
C VAL A 35 0.72 44.89 -45.42
N VAL A 36 0.57 43.71 -44.82
CA VAL A 36 1.50 42.64 -44.94
C VAL A 36 0.85 41.63 -45.87
N VAL A 37 1.63 41.15 -46.85
CA VAL A 37 1.30 40.06 -47.78
C VAL A 37 2.07 38.83 -47.44
N SER A 38 1.40 37.68 -47.40
CA SER A 38 2.08 36.45 -47.14
C SER A 38 1.57 35.41 -48.06
N ILE A 39 2.51 34.57 -48.54
CA ILE A 39 2.17 33.45 -49.39
C ILE A 39 2.86 32.24 -48.85
N VAL A 40 2.10 31.18 -48.74
CA VAL A 40 2.62 29.91 -48.29
C VAL A 40 2.41 28.90 -49.39
N ASP A 41 3.22 27.85 -49.36
CA ASP A 41 3.03 26.79 -50.36
C ASP A 41 2.01 25.77 -49.90
N ALA A 42 1.85 24.71 -50.66
CA ALA A 42 0.80 23.72 -50.37
C ALA A 42 1.03 22.95 -49.09
N HIS A 43 2.24 23.01 -48.55
CA HIS A 43 2.54 22.39 -47.26
C HIS A 43 2.53 23.38 -46.11
N GLY A 44 2.18 24.61 -46.36
CA GLY A 44 2.11 25.64 -45.32
C GLY A 44 3.41 26.34 -45.04
N THR A 45 4.43 26.13 -45.90
CA THR A 45 5.72 26.76 -45.65
C THR A 45 5.68 28.19 -46.19
N GLU A 46 6.12 29.12 -45.36
CA GLU A 46 6.22 30.53 -45.76
C GLU A 46 7.16 30.71 -47.01
N THR A 47 6.61 31.26 -48.10
CA THR A 47 7.30 31.35 -49.37
C THR A 47 7.60 32.76 -49.73
N VAL A 48 6.64 33.66 -49.57
CA VAL A 48 6.88 35.11 -49.71
C VAL A 48 6.25 35.86 -48.55
N THR A 49 6.97 36.86 -48.05
CA THR A 49 6.38 37.84 -47.14
C THR A 49 6.81 39.19 -47.64
N TRP A 50 5.88 40.15 -47.64
CA TRP A 50 6.25 41.56 -47.90
C TRP A 50 5.46 42.50 -47.03
N ARG A 51 6.14 43.31 -46.27
CA ARG A 51 5.52 44.29 -45.39
C ARG A 51 5.67 45.68 -45.97
N MET A 52 4.55 46.36 -46.14
CA MET A 52 4.53 47.77 -46.49
C MET A 52 4.78 48.67 -45.29
N PRO A 53 5.46 49.83 -45.50
CA PRO A 53 5.75 50.72 -44.40
C PRO A 53 4.51 51.10 -43.60
N ASP A 54 4.65 51.16 -42.30
CA ASP A 54 3.57 51.50 -41.38
C ASP A 54 2.40 50.52 -41.31
N ALA A 55 2.52 49.31 -41.86
CA ALA A 55 1.49 48.31 -41.63
C ALA A 55 1.33 48.02 -40.12
N LEU A 56 0.08 47.81 -39.70
CA LEU A 56 -0.21 47.50 -38.30
C LEU A 56 0.80 46.44 -37.88
N LEU A 57 1.35 46.58 -36.71
CA LEU A 57 2.25 45.51 -36.20
C LEU A 57 1.59 44.11 -36.18
N VAL A 58 0.30 44.05 -35.79
CA VAL A 58 -0.40 42.74 -35.66
C VAL A 58 -0.40 42.00 -36.98
N SER A 59 -0.37 42.76 -38.09
CA SER A 59 -0.41 42.17 -39.38
C SER A 59 0.80 41.27 -39.76
N SER A 60 1.96 41.53 -39.14
CA SER A 60 3.14 40.67 -39.30
C SER A 60 2.87 39.26 -38.84
N GLU A 61 1.94 39.11 -37.85
CA GLU A 61 1.56 37.76 -37.42
C GLU A 61 0.29 37.28 -38.17
N LEU A 62 -0.70 38.19 -38.35
CA LEU A 62 -1.97 37.76 -38.91
C LEU A 62 -1.84 37.30 -40.38
N ALA A 63 -1.04 38.02 -41.18
CA ALA A 63 -1.05 37.69 -42.57
C ALA A 63 -0.50 36.27 -42.84
N PRO A 64 0.69 35.93 -42.33
CA PRO A 64 1.13 34.54 -42.53
C PRO A 64 0.19 33.52 -41.92
N LYS A 65 -0.39 33.82 -40.75
CA LYS A 65 -1.37 32.86 -40.21
C LYS A 65 -2.58 32.67 -41.10
N LYS A 66 -3.09 33.74 -41.65
CA LYS A 66 -4.25 33.63 -42.58
C LYS A 66 -3.88 32.73 -43.79
N ALA A 67 -2.67 32.95 -44.29
CA ALA A 67 -2.20 32.11 -45.45
C ALA A 67 -2.05 30.65 -45.07
N TRP A 68 -1.47 30.41 -43.90
CA TRP A 68 -1.34 29.05 -43.36
C TRP A 68 -2.68 28.34 -43.12
N THR A 69 -3.62 29.07 -42.55
CA THR A 69 -4.95 28.57 -42.24
C THR A 69 -5.64 28.11 -43.51
N ALA A 70 -5.47 28.89 -44.58
CA ALA A 70 -6.11 28.58 -45.86
C ALA A 70 -5.68 27.23 -46.36
N VAL A 71 -4.40 26.96 -46.31
CA VAL A 71 -3.89 25.64 -46.71
C VAL A 71 -4.24 24.54 -45.66
N ALA A 72 -4.03 24.85 -44.40
CA ALA A 72 -4.24 23.86 -43.26
C ALA A 72 -5.63 23.39 -43.11
N MET A 73 -6.59 24.19 -43.57
CA MET A 73 -8.04 23.90 -43.53
C MET A 73 -8.70 23.82 -44.89
N LYS A 74 -7.91 23.98 -45.95
CA LYS A 74 -8.36 24.01 -47.34
C LYS A 74 -9.57 24.90 -47.57
N THR A 75 -9.51 26.15 -47.05
CA THR A 75 -10.60 27.02 -47.11
C THR A 75 -10.13 28.48 -47.21
N ALA A 76 -11.02 29.40 -47.54
CA ALA A 76 -10.75 30.81 -47.25
C ALA A 76 -10.99 31.07 -45.77
N THR A 77 -10.27 32.01 -45.18
CA THR A 77 -10.44 32.24 -43.77
C THR A 77 -11.83 32.84 -43.40
N HIS A 78 -12.45 33.64 -44.28
CA HIS A 78 -13.81 34.21 -44.00
C HIS A 78 -14.88 33.11 -43.91
N GLU A 79 -14.65 31.96 -44.54
CA GLU A 79 -15.51 30.84 -44.50
C GLU A 79 -15.45 30.09 -43.16
N LEU A 80 -14.47 30.37 -42.30
CA LEU A 80 -14.41 29.82 -40.97
C LEU A 80 -15.14 30.67 -39.91
N SER A 81 -15.51 31.90 -40.24
CA SER A 81 -16.09 32.80 -39.25
C SER A 81 -17.37 32.21 -38.62
N ASP A 82 -18.29 31.66 -39.40
CA ASP A 82 -19.56 31.15 -38.83
C ASP A 82 -19.33 29.88 -37.99
N VAL A 83 -18.38 29.05 -38.41
CA VAL A 83 -18.24 27.70 -37.82
C VAL A 83 -17.49 27.69 -36.49
N VAL A 84 -16.87 28.83 -36.11
CA VAL A 84 -16.21 28.92 -34.82
C VAL A 84 -17.01 29.72 -33.78
N GLN A 85 -18.18 30.22 -34.17
CA GLN A 85 -18.96 31.02 -33.27
C GLN A 85 -19.46 30.14 -32.07
N PRO A 86 -19.77 30.75 -30.95
CA PRO A 86 -20.51 30.01 -29.86
C PRO A 86 -21.69 29.27 -30.48
N GLY A 87 -21.87 27.99 -30.12
CA GLY A 87 -22.98 27.21 -30.61
C GLY A 87 -22.70 26.51 -31.95
N ALA A 88 -21.60 26.86 -32.63
CA ALA A 88 -21.31 26.24 -33.94
C ALA A 88 -20.33 25.09 -33.79
N ALA A 89 -20.11 24.37 -34.87
CA ALA A 89 -19.47 23.05 -34.80
C ALA A 89 -18.04 23.03 -34.34
N LEU A 90 -17.26 24.08 -34.69
CA LEU A 90 -15.86 24.18 -34.30
C LEU A 90 -15.54 25.35 -33.33
N TYR A 91 -16.51 25.66 -32.46
CA TYR A 91 -16.28 26.59 -31.38
C TYR A 91 -15.00 26.21 -30.64
N GLY A 92 -14.19 27.20 -30.35
CA GLY A 92 -12.95 27.02 -29.63
C GLY A 92 -11.69 26.79 -30.51
N LEU A 93 -11.87 26.61 -31.80
CA LEU A 93 -10.79 26.14 -32.69
C LEU A 93 -9.55 26.94 -32.56
N GLU A 94 -9.73 28.24 -32.50
CA GLU A 94 -8.57 29.16 -32.41
C GLU A 94 -7.70 28.92 -31.20
N SER A 95 -8.29 28.51 -30.09
CA SER A 95 -7.48 28.11 -28.89
C SER A 95 -6.95 26.70 -29.01
N HIS A 96 -7.75 25.78 -29.56
CA HIS A 96 -7.30 24.42 -29.76
C HIS A 96 -6.01 24.36 -30.59
N LEU A 97 -5.91 25.22 -31.59
CA LEU A 97 -4.71 25.30 -32.46
C LEU A 97 -3.71 26.37 -32.02
N GLN A 98 -3.79 26.80 -30.74
CA GLN A 98 -2.79 27.69 -30.11
C GLN A 98 -2.50 28.96 -31.00
N GLY A 99 -3.53 29.47 -31.60
CA GLY A 99 -3.46 30.73 -32.33
C GLY A 99 -2.90 30.60 -33.74
N LYS A 100 -2.75 29.37 -34.24
CA LYS A 100 -2.20 29.22 -35.56
C LYS A 100 -3.22 29.50 -36.66
N VAL A 101 -4.51 29.39 -36.35
CA VAL A 101 -5.57 29.60 -37.31
C VAL A 101 -6.23 30.91 -37.05
N VAL A 102 -6.52 31.64 -38.13
CA VAL A 102 -7.22 32.90 -38.03
C VAL A 102 -8.54 32.64 -38.73
N THR A 103 -9.62 33.15 -38.17
CA THR A 103 -10.96 32.81 -38.62
C THR A 103 -11.77 33.95 -39.17
N PHE A 104 -11.12 35.07 -39.45
CA PHE A 104 -11.78 36.17 -40.11
C PHE A 104 -11.03 36.37 -41.49
N GLY A 105 -11.69 37.08 -42.35
CA GLY A 105 -11.29 37.24 -43.75
C GLY A 105 -9.91 37.77 -44.03
N GLY A 106 -9.42 37.38 -45.21
CA GLY A 106 -8.14 37.82 -45.71
C GLY A 106 -7.18 36.76 -46.18
N GLY A 107 -7.52 35.47 -45.91
CA GLY A 107 -6.77 34.36 -46.37
C GLY A 107 -7.56 33.52 -47.34
N TYR A 108 -6.87 33.04 -48.41
CA TYR A 108 -7.49 32.24 -49.47
C TYR A 108 -6.58 31.11 -49.89
N ALA A 109 -7.20 29.93 -50.09
CA ALA A 109 -6.54 28.75 -50.58
C ALA A 109 -6.46 28.89 -52.10
N LEU A 110 -5.34 28.45 -52.66
CA LEU A 110 -5.07 28.64 -54.12
C LEU A 110 -5.06 27.24 -54.74
N TRP A 111 -5.84 27.05 -55.79
CA TRP A 111 -5.99 25.73 -56.43
C TRP A 111 -5.74 25.87 -57.95
N ARG A 112 -5.18 24.81 -58.54
CA ARG A 112 -4.98 24.73 -60.01
C ARG A 112 -5.21 23.30 -60.41
N ASP A 113 -6.14 23.07 -61.34
CA ASP A 113 -6.42 21.76 -61.88
C ASP A 113 -6.77 20.73 -60.77
N GLY A 114 -7.54 21.18 -59.77
CA GLY A 114 -7.93 20.34 -58.65
C GLY A 114 -6.87 20.11 -57.57
N ILE A 115 -5.71 20.74 -57.69
CA ILE A 115 -4.58 20.57 -56.77
C ILE A 115 -4.40 21.83 -55.94
N LEU A 116 -4.21 21.64 -54.64
CA LEU A 116 -3.99 22.78 -53.71
C LEU A 116 -2.54 23.19 -53.90
N ILE A 117 -2.30 24.41 -54.30
CA ILE A 117 -0.88 24.84 -54.57
C ILE A 117 -0.36 25.85 -53.55
N GLY A 118 -1.27 26.40 -52.72
CA GLY A 118 -0.78 27.38 -51.73
C GLY A 118 -1.90 28.15 -51.07
N GLY A 119 -1.47 29.19 -50.35
CA GLY A 119 -2.34 30.07 -49.62
C GLY A 119 -1.82 31.49 -49.60
N LEU A 120 -2.74 32.44 -49.66
CA LEU A 120 -2.40 33.85 -49.63
C LEU A 120 -3.09 34.46 -48.42
N GLY A 121 -2.38 35.33 -47.74
CA GLY A 121 -2.93 36.04 -46.57
C GLY A 121 -2.58 37.52 -46.58
N ILE A 122 -3.59 38.35 -46.31
CA ILE A 122 -3.41 39.81 -46.20
C ILE A 122 -3.91 40.32 -44.89
N SER A 123 -3.18 41.20 -44.29
CA SER A 123 -3.61 41.85 -43.07
C SER A 123 -3.11 43.27 -43.05
N GLY A 124 -3.90 44.17 -42.45
CA GLY A 124 -3.53 45.52 -42.23
C GLY A 124 -4.61 46.51 -42.42
N GLY A 125 -5.67 46.13 -43.16
CA GLY A 125 -6.81 46.99 -43.31
C GLY A 125 -7.94 46.55 -42.43
N SER A 126 -9.13 46.99 -42.77
CA SER A 126 -10.36 46.35 -42.25
C SER A 126 -10.31 44.92 -42.81
N VAL A 127 -11.11 44.03 -42.24
CA VAL A 127 -11.30 42.73 -42.82
C VAL A 127 -11.72 42.86 -44.33
N GLU A 128 -12.66 43.77 -44.60
CA GLU A 128 -13.19 43.88 -45.96
C GLU A 128 -12.04 44.35 -46.93
N GLN A 129 -11.20 45.27 -46.46
CA GLN A 129 -10.02 45.76 -47.32
C GLN A 129 -9.03 44.65 -47.56
N ASP A 130 -8.82 43.83 -46.49
CA ASP A 130 -7.88 42.69 -46.59
C ASP A 130 -8.39 41.70 -47.66
N MET A 131 -9.72 41.45 -47.62
CA MET A 131 -10.34 40.55 -48.60
C MET A 131 -10.27 41.15 -50.08
N ASP A 132 -10.58 42.44 -50.22
CA ASP A 132 -10.51 43.14 -51.53
C ASP A 132 -9.10 43.04 -52.10
N ILE A 133 -8.11 43.32 -51.26
CA ILE A 133 -6.70 43.25 -51.67
C ILE A 133 -6.31 41.81 -52.09
N ALA A 134 -6.63 40.86 -51.20
CA ALA A 134 -6.36 39.43 -51.49
C ALA A 134 -7.02 38.98 -52.80
N GLN A 135 -8.30 39.32 -52.95
CA GLN A 135 -9.01 38.93 -54.18
C GLN A 135 -8.46 39.58 -55.50
N THR A 136 -8.07 40.86 -55.38
CA THR A 136 -7.43 41.61 -56.50
C THR A 136 -6.14 40.96 -56.91
N ALA A 137 -5.32 40.62 -55.91
CA ALA A 137 -4.10 39.90 -56.16
C ALA A 137 -4.29 38.55 -56.82
N ILE A 138 -5.18 37.77 -56.26
CA ILE A 138 -5.50 36.47 -56.89
C ILE A 138 -5.98 36.56 -58.37
N ALA A 139 -6.81 37.54 -58.64
CA ALA A 139 -7.31 37.80 -60.00
C ALA A 139 -6.13 38.14 -61.00
N ALA A 140 -4.96 38.56 -60.48
CA ALA A 140 -3.80 38.81 -61.31
C ALA A 140 -3.11 37.56 -61.86
N ILE A 141 -3.41 36.37 -61.35
CA ILE A 141 -2.88 35.12 -61.89
C ILE A 141 -3.95 34.11 -62.25
N ASN A 142 -3.57 33.01 -62.89
CA ASN A 142 -4.51 32.04 -63.37
C ASN A 142 -4.65 30.94 -62.33
N VAL A 143 -5.55 31.18 -61.37
CA VAL A 143 -5.80 30.23 -60.30
C VAL A 143 -7.24 30.33 -59.80
N GLY A 144 -7.64 29.27 -59.10
CA GLY A 144 -8.93 29.25 -58.42
C GLY A 144 -8.78 29.24 -56.90
N THR A 145 -9.85 29.66 -56.26
CA THR A 145 -9.94 29.70 -54.80
C THR A 145 -10.78 28.58 -54.24
N HIS A 146 -11.15 27.61 -55.07
CA HIS A 146 -11.83 26.35 -54.59
C HIS A 146 -11.37 25.24 -55.52
N GLN A 147 -11.39 24.01 -55.04
CA GLN A 147 -10.92 22.88 -55.78
C GLN A 147 -11.74 22.72 -57.11
N VAL B 10 15.76 58.35 -43.56
CA VAL B 10 16.59 57.29 -44.11
C VAL B 10 16.04 55.91 -43.65
N ALA B 11 15.91 55.10 -44.68
CA ALA B 11 15.30 53.76 -44.65
C ALA B 11 15.48 52.98 -45.94
N LEU B 12 15.26 51.68 -45.83
CA LEU B 12 15.22 50.84 -47.01
C LEU B 12 14.01 51.19 -47.88
N SER B 13 14.29 51.54 -49.14
CA SER B 13 13.27 51.86 -50.13
C SER B 13 12.80 50.59 -50.79
N PHE B 14 11.74 50.70 -51.58
CA PHE B 14 11.29 49.56 -52.38
C PHE B 14 12.44 49.00 -53.20
N HIS B 15 13.14 49.90 -53.89
CA HIS B 15 14.27 49.51 -54.76
C HIS B 15 15.39 48.80 -53.98
N ASP B 16 15.72 49.30 -52.79
CA ASP B 16 16.64 48.59 -51.89
C ASP B 16 16.22 47.14 -51.62
N LEU B 17 14.96 46.98 -51.19
CA LEU B 17 14.44 45.66 -50.80
C LEU B 17 14.44 44.71 -52.00
N HIS B 18 13.95 45.22 -53.13
CA HIS B 18 13.78 44.44 -54.35
C HIS B 18 15.11 44.00 -54.92
N GLN B 19 16.09 44.92 -54.95
CA GLN B 19 17.46 44.57 -55.38
C GLN B 19 18.21 43.66 -54.45
N LEU B 20 18.11 43.87 -53.13
CA LEU B 20 18.71 42.94 -52.17
C LEU B 20 18.24 41.53 -52.44
N THR B 21 16.92 41.41 -52.53
CA THR B 21 16.29 40.08 -52.66
C THR B 21 16.69 39.42 -53.98
N ARG B 22 16.54 40.17 -55.08
CA ARG B 22 16.97 39.70 -56.42
C ARG B 22 18.39 39.28 -56.47
N ALA B 23 19.29 40.10 -55.93
CA ALA B 23 20.72 39.78 -55.95
C ALA B 23 21.04 38.55 -55.10
N ALA B 24 20.35 38.40 -53.94
CA ALA B 24 20.60 37.22 -53.11
C ALA B 24 20.19 35.97 -53.83
N VAL B 25 19.02 35.96 -54.44
CA VAL B 25 18.52 34.80 -55.15
C VAL B 25 19.44 34.47 -56.35
N GLU B 26 19.84 35.51 -57.09
CA GLU B 26 20.72 35.31 -58.25
C GLU B 26 22.03 34.70 -57.85
N ARG B 27 22.63 35.19 -56.75
CA ARG B 27 23.85 34.59 -56.24
C ARG B 27 23.67 33.14 -55.77
N ALA B 28 22.58 32.87 -55.06
CA ALA B 28 22.28 31.50 -54.67
C ALA B 28 22.15 30.55 -55.89
N GLN B 29 21.47 31.02 -56.94
CA GLN B 29 21.38 30.27 -58.19
C GLN B 29 22.75 29.98 -58.80
N GLN B 30 23.64 30.96 -58.77
CA GLN B 30 25.02 30.75 -59.26
C GLN B 30 25.76 29.70 -58.44
N LEU B 31 25.56 29.72 -57.12
CA LEU B 31 26.15 28.71 -56.25
C LEU B 31 25.43 27.39 -56.26
N GLN B 32 24.28 27.32 -56.93
CA GLN B 32 23.41 26.14 -56.97
C GLN B 32 22.96 25.66 -55.61
N VAL B 33 22.61 26.61 -54.74
CA VAL B 33 22.08 26.21 -53.41
C VAL B 33 20.80 26.99 -53.15
N PRO B 34 19.69 26.31 -52.83
CA PRO B 34 18.50 27.04 -52.52
C PRO B 34 18.58 27.61 -51.11
N VAL B 35 18.23 28.89 -50.97
CA VAL B 35 18.18 29.55 -49.67
C VAL B 35 16.81 30.19 -49.35
N VAL B 36 16.68 30.57 -48.09
CA VAL B 36 15.73 31.55 -47.65
C VAL B 36 16.47 32.86 -47.48
N VAL B 37 15.87 33.91 -47.99
CA VAL B 37 16.31 35.29 -47.85
C VAL B 37 15.31 36.01 -46.91
N SER B 38 15.83 36.69 -45.92
CA SER B 38 14.99 37.48 -45.06
C SER B 38 15.58 38.86 -44.85
N ILE B 39 14.72 39.84 -44.88
CA ILE B 39 15.09 41.23 -44.60
C ILE B 39 14.16 41.70 -43.48
N VAL B 40 14.76 42.30 -42.47
CA VAL B 40 14.03 42.99 -41.42
C VAL B 40 14.39 44.48 -41.43
N ASP B 41 13.48 45.30 -40.92
CA ASP B 41 13.72 46.72 -40.81
C ASP B 41 14.56 47.05 -39.57
N ALA B 42 14.82 48.33 -39.33
CA ALA B 42 15.63 48.75 -38.20
C ALA B 42 15.05 48.40 -36.85
N HIS B 43 13.78 48.07 -36.78
CA HIS B 43 13.15 47.66 -35.50
C HIS B 43 13.03 46.17 -35.39
N GLY B 44 13.56 45.46 -36.37
CA GLY B 44 13.44 44.00 -36.34
C GLY B 44 12.16 43.38 -36.88
N THR B 45 11.31 44.18 -37.53
CA THR B 45 10.09 43.66 -38.15
C THR B 45 10.44 43.01 -39.46
N GLU B 46 9.95 41.79 -39.64
CA GLU B 46 10.06 41.13 -40.93
C GLU B 46 9.47 41.98 -42.07
N THR B 47 10.25 42.19 -43.11
CA THR B 47 9.90 43.03 -44.22
C THR B 47 9.85 42.35 -45.56
N VAL B 48 10.82 41.48 -45.83
CA VAL B 48 10.76 40.59 -46.95
C VAL B 48 11.19 39.20 -46.57
N THR B 49 10.46 38.21 -47.05
CA THR B 49 10.92 36.81 -46.98
C THR B 49 10.75 36.22 -48.35
N TRP B 50 11.73 35.45 -48.79
CA TRP B 50 11.65 34.71 -50.02
C TRP B 50 12.31 33.36 -49.87
N ARG B 51 11.56 32.29 -50.12
CA ARG B 51 12.09 30.97 -50.06
C ARG B 51 12.25 30.41 -51.46
N MET B 52 13.46 29.96 -51.76
CA MET B 52 13.72 29.23 -52.99
C MET B 52 13.23 27.78 -52.84
N PRO B 53 12.76 27.21 -53.95
CA PRO B 53 12.38 25.80 -53.88
C PRO B 53 13.43 24.85 -53.33
N ASP B 54 13.00 23.92 -52.49
CA ASP B 54 13.86 22.94 -51.83
C ASP B 54 14.88 23.46 -50.82
N ALA B 55 14.78 24.73 -50.39
CA ALA B 55 15.61 25.19 -49.31
C ALA B 55 15.38 24.36 -48.03
N LEU B 56 16.45 24.14 -47.25
CA LEU B 56 16.36 23.35 -46.04
C LEU B 56 15.22 23.90 -45.21
N LEU B 57 14.37 23.04 -44.69
CA LEU B 57 13.27 23.54 -43.79
C LEU B 57 13.72 24.41 -42.65
N VAL B 58 14.82 24.06 -42.00
CA VAL B 58 15.39 24.87 -40.92
C VAL B 58 15.64 26.31 -41.33
N SER B 59 15.91 26.52 -42.63
CA SER B 59 16.25 27.87 -43.12
C SER B 59 15.12 28.86 -43.03
N SER B 60 13.87 28.38 -43.05
CA SER B 60 12.68 29.19 -42.82
C SER B 60 12.67 29.83 -41.46
N GLU B 61 13.27 29.18 -40.49
CA GLU B 61 13.44 29.80 -39.13
C GLU B 61 14.79 30.55 -39.00
N LEU B 62 15.90 29.97 -39.53
CA LEU B 62 17.21 30.57 -39.34
C LEU B 62 17.42 31.89 -40.06
N ALA B 63 16.87 32.05 -41.28
CA ALA B 63 17.14 33.26 -42.03
C ALA B 63 16.55 34.51 -41.37
N PRO B 64 15.26 34.45 -40.94
CA PRO B 64 14.71 35.61 -40.24
C PRO B 64 15.35 35.86 -38.93
N LYS B 65 15.71 34.80 -38.20
CA LYS B 65 16.46 34.98 -36.96
C LYS B 65 17.84 35.65 -37.15
N LYS B 66 18.55 35.28 -38.21
CA LYS B 66 19.83 35.94 -38.52
C LYS B 66 19.64 37.41 -38.78
N ALA B 67 18.60 37.74 -39.54
CA ALA B 67 18.32 39.11 -39.85
C ALA B 67 17.98 39.90 -38.62
N TRP B 68 17.14 39.31 -37.76
CA TRP B 68 16.73 39.94 -36.52
C TRP B 68 17.91 40.14 -35.58
N THR B 69 18.71 39.10 -35.42
CA THR B 69 19.91 39.14 -34.62
C THR B 69 20.80 40.34 -35.02
N ALA B 70 20.98 40.52 -36.32
CA ALA B 70 21.86 41.58 -36.82
C ALA B 70 21.37 42.95 -36.32
N VAL B 71 20.06 43.23 -36.39
CA VAL B 71 19.59 44.47 -35.87
C VAL B 71 19.60 44.53 -34.33
N ALA B 72 19.15 43.42 -33.72
CA ALA B 72 18.94 43.37 -32.26
C ALA B 72 20.23 43.51 -31.47
N MET B 73 21.33 43.11 -32.09
CA MET B 73 22.68 43.21 -31.54
C MET B 73 23.63 44.13 -32.34
N LYS B 74 23.11 44.82 -33.33
CA LYS B 74 23.88 45.77 -34.17
C LYS B 74 25.21 45.12 -34.60
N THR B 75 25.15 43.93 -35.16
CA THR B 75 26.36 43.19 -35.53
C THR B 75 26.07 42.26 -36.70
N ALA B 76 27.12 41.73 -37.35
CA ALA B 76 26.93 40.56 -38.23
C ALA B 76 26.89 39.33 -37.33
N THR B 77 26.11 38.31 -37.73
CA THR B 77 25.99 37.13 -36.90
C THR B 77 27.28 36.30 -36.76
N HIS B 78 28.16 36.27 -37.79
CA HIS B 78 29.47 35.63 -37.62
C HIS B 78 30.40 36.29 -36.58
N GLU B 79 30.19 37.57 -36.28
CA GLU B 79 30.89 38.25 -35.24
C GLU B 79 30.45 37.87 -33.84
N LEU B 80 29.32 37.17 -33.69
CA LEU B 80 28.91 36.63 -32.38
C LEU B 80 29.48 35.22 -32.09
N SER B 81 30.11 34.55 -33.07
CA SER B 81 30.54 33.15 -32.86
C SER B 81 31.51 33.03 -31.69
N ASP B 82 32.49 33.92 -31.60
CA ASP B 82 33.56 33.72 -30.57
C ASP B 82 33.02 34.08 -29.18
N VAL B 83 32.14 35.06 -29.12
CA VAL B 83 31.70 35.62 -27.85
C VAL B 83 30.69 34.71 -27.09
N VAL B 84 30.10 33.73 -27.76
CA VAL B 84 29.15 32.83 -27.12
C VAL B 84 29.75 31.49 -26.81
N GLN B 85 31.04 31.31 -27.08
CA GLN B 85 31.71 30.02 -26.77
C GLN B 85 31.78 29.80 -25.26
N PRO B 86 31.88 28.53 -24.80
CA PRO B 86 32.29 28.26 -23.42
C PRO B 86 33.54 29.06 -23.05
N GLY B 87 33.52 29.71 -21.89
CA GLY B 87 34.61 30.59 -21.48
C GLY B 87 34.55 32.04 -21.95
N ALA B 88 33.67 32.36 -22.91
CA ALA B 88 33.62 33.71 -23.47
C ALA B 88 32.51 34.52 -22.82
N ALA B 89 32.48 35.82 -23.10
CA ALA B 89 31.76 36.74 -22.27
C ALA B 89 30.22 36.50 -22.25
N LEU B 90 29.66 36.07 -23.37
CA LEU B 90 28.19 35.89 -23.55
C LEU B 90 27.78 34.43 -23.73
N TYR B 91 28.58 33.52 -23.20
CA TYR B 91 28.23 32.11 -23.14
C TYR B 91 26.76 31.99 -22.62
N GLY B 92 25.98 31.17 -23.33
CA GLY B 92 24.63 30.92 -23.01
C GLY B 92 23.62 31.79 -23.71
N LEU B 93 24.09 32.80 -24.45
CA LEU B 93 23.21 33.85 -24.98
C LEU B 93 22.02 33.26 -25.74
N GLU B 94 22.30 32.29 -26.56
CA GLU B 94 21.26 31.67 -27.42
C GLU B 94 20.10 31.06 -26.60
N SER B 95 20.39 30.53 -25.41
CA SER B 95 19.33 30.13 -24.51
C SER B 95 18.67 31.28 -23.77
N HIS B 96 19.47 32.25 -23.31
CA HIS B 96 18.92 33.38 -22.61
C HIS B 96 17.85 34.09 -23.41
N LEU B 97 18.04 34.15 -24.74
CA LEU B 97 17.13 34.81 -25.63
C LEU B 97 16.15 33.82 -26.33
N GLN B 98 16.00 32.61 -25.75
CA GLN B 98 15.01 31.61 -26.16
C GLN B 98 15.06 31.39 -27.68
N GLY B 99 16.26 31.27 -28.20
CA GLY B 99 16.42 30.89 -29.59
C GLY B 99 16.22 32.03 -30.58
N LYS B 100 16.03 33.28 -30.11
CA LYS B 100 15.82 34.34 -31.07
C LYS B 100 17.09 34.82 -31.79
N VAL B 101 18.24 34.59 -31.20
CA VAL B 101 19.54 34.99 -31.78
C VAL B 101 20.27 33.79 -32.37
N VAL B 102 20.85 33.98 -33.57
CA VAL B 102 21.66 32.99 -34.22
C VAL B 102 23.07 33.57 -34.30
N THR B 103 24.05 32.74 -33.96
CA THR B 103 25.40 33.15 -33.64
C THR B 103 26.44 32.59 -34.61
N PHE B 104 25.96 32.02 -35.70
CA PHE B 104 26.86 31.73 -36.86
C PHE B 104 26.50 32.60 -38.04
N GLY B 105 27.41 32.67 -38.99
CA GLY B 105 27.30 33.57 -40.13
C GLY B 105 26.10 33.48 -41.03
N GLY B 106 25.80 34.62 -41.62
CA GLY B 106 24.77 34.75 -42.62
C GLY B 106 23.81 35.89 -42.42
N GLY B 107 23.92 36.56 -41.29
CA GLY B 107 23.19 37.75 -41.02
C GLY B 107 24.11 38.96 -40.95
N TYR B 108 23.66 40.07 -41.55
CA TYR B 108 24.38 41.34 -41.51
C TYR B 108 23.42 42.48 -41.17
N ALA B 109 23.94 43.42 -40.40
CA ALA B 109 23.27 44.67 -40.16
C ALA B 109 23.49 45.61 -41.38
N LEU B 110 22.45 46.42 -41.74
CA LEU B 110 22.49 47.28 -42.89
C LEU B 110 22.44 48.75 -42.43
N TRP B 111 23.41 49.54 -42.88
CA TRP B 111 23.61 50.93 -42.34
C TRP B 111 23.71 51.90 -43.50
N ARG B 112 23.17 53.11 -43.33
CA ARG B 112 23.28 54.19 -44.35
C ARG B 112 23.41 55.52 -43.61
N ASP B 113 24.48 56.25 -43.92
CA ASP B 113 24.76 57.57 -43.29
C ASP B 113 24.76 57.49 -41.76
N GLY B 114 25.42 56.46 -41.21
CA GLY B 114 25.47 56.25 -39.74
C GLY B 114 24.19 55.78 -39.04
N ILE B 115 23.16 55.45 -39.81
CA ILE B 115 21.88 55.04 -39.28
C ILE B 115 21.62 53.56 -39.61
N LEU B 116 21.16 52.81 -38.63
CA LEU B 116 20.85 51.37 -38.82
C LEU B 116 19.51 51.34 -39.54
N ILE B 117 19.44 50.75 -40.73
CA ILE B 117 18.20 50.70 -41.49
C ILE B 117 17.59 49.29 -41.60
N GLY B 118 18.29 48.28 -41.16
CA GLY B 118 17.74 46.91 -41.29
C GLY B 118 18.76 45.82 -41.10
N GLY B 119 18.33 44.61 -41.42
CA GLY B 119 19.13 43.41 -41.32
C GLY B 119 18.78 42.44 -42.41
N LEU B 120 19.80 41.70 -42.86
CA LEU B 120 19.60 40.71 -43.92
C LEU B 120 20.07 39.38 -43.37
N GLY B 121 19.29 38.32 -43.65
CA GLY B 121 19.66 36.96 -43.23
C GLY B 121 19.49 35.98 -44.35
N ILE B 122 20.49 35.14 -44.49
CA ILE B 122 20.51 34.09 -45.45
C ILE B 122 20.76 32.79 -44.74
N SER B 123 19.97 31.80 -45.11
CA SER B 123 20.22 30.45 -44.65
C SER B 123 19.86 29.46 -45.71
N GLY B 124 20.55 28.33 -45.68
CA GLY B 124 20.28 27.23 -46.64
C GLY B 124 21.51 26.55 -47.20
N GLY B 125 22.65 27.25 -47.20
CA GLY B 125 23.93 26.62 -47.59
C GLY B 125 24.80 26.33 -46.41
N SER B 126 26.08 26.16 -46.70
CA SER B 126 27.08 26.17 -45.64
C SER B 126 27.08 27.60 -45.11
N VAL B 127 27.63 27.80 -43.93
CA VAL B 127 27.79 29.10 -43.38
C VAL B 127 28.52 30.01 -44.38
N GLU B 128 29.56 29.49 -45.04
CA GLU B 128 30.36 30.29 -45.99
C GLU B 128 29.57 30.67 -47.22
N GLN B 129 28.75 29.75 -47.75
CA GLN B 129 27.81 30.07 -48.82
C GLN B 129 26.79 31.14 -48.41
N ASP B 130 26.21 30.98 -47.21
CA ASP B 130 25.23 31.97 -46.74
C ASP B 130 25.84 33.38 -46.62
N MET B 131 27.06 33.48 -46.07
CA MET B 131 27.79 34.76 -45.97
C MET B 131 28.14 35.35 -47.35
N ASP B 132 28.57 34.50 -48.26
CA ASP B 132 28.81 34.94 -49.68
C ASP B 132 27.58 35.55 -50.32
N ILE B 133 26.45 34.84 -50.21
CA ILE B 133 25.20 35.30 -50.76
C ILE B 133 24.81 36.63 -50.16
N ALA B 134 24.93 36.73 -48.83
CA ALA B 134 24.52 37.92 -48.13
C ALA B 134 25.40 39.10 -48.58
N GLN B 135 26.71 38.88 -48.58
CA GLN B 135 27.66 39.96 -49.00
C GLN B 135 27.44 40.40 -50.45
N THR B 136 27.15 39.45 -51.33
CA THR B 136 26.85 39.75 -52.74
C THR B 136 25.61 40.59 -52.88
N ALA B 137 24.56 40.22 -52.14
CA ALA B 137 23.34 40.97 -52.17
C ALA B 137 23.55 42.38 -51.70
N ILE B 138 24.27 42.52 -50.61
CA ILE B 138 24.47 43.84 -49.99
C ILE B 138 25.24 44.75 -50.96
N ALA B 139 26.22 44.19 -51.63
CA ALA B 139 27.02 44.92 -52.64
C ALA B 139 26.15 45.44 -53.78
N ALA B 140 24.99 44.83 -54.05
CA ALA B 140 24.09 45.29 -55.07
C ALA B 140 23.41 46.61 -54.75
N ILE B 141 23.38 47.07 -53.49
CA ILE B 141 22.73 48.32 -53.18
C ILE B 141 23.69 49.26 -52.47
N ASN B 142 23.29 50.49 -52.29
CA ASN B 142 24.21 51.46 -51.71
C ASN B 142 24.02 51.45 -50.18
N VAL B 143 24.58 50.43 -49.49
CA VAL B 143 24.65 50.38 -48.02
C VAL B 143 25.85 49.72 -47.44
N GLY B 144 26.09 50.01 -46.18
CA GLY B 144 27.28 49.48 -45.48
C GLY B 144 26.81 48.40 -44.54
N THR B 145 27.75 47.61 -44.04
CA THR B 145 27.52 46.62 -43.01
C THR B 145 28.02 47.03 -41.64
N HIS B 146 28.51 48.27 -41.50
CA HIS B 146 28.95 48.76 -40.18
C HIS B 146 28.56 50.26 -40.22
N GLN B 147 28.39 50.83 -39.07
CA GLN B 147 28.03 52.18 -38.96
C GLN B 147 29.05 53.11 -39.71
N VAL C 10 10.20 63.49 -34.50
CA VAL C 10 8.89 63.35 -33.75
C VAL C 10 8.90 62.00 -32.96
N ALA C 11 8.94 62.17 -31.65
CA ALA C 11 9.03 61.08 -30.68
C ALA C 11 8.77 61.49 -29.25
N LEU C 12 8.51 60.51 -28.41
CA LEU C 12 8.46 60.74 -26.97
C LEU C 12 9.86 61.12 -26.45
N SER C 13 9.94 62.27 -25.78
CA SER C 13 11.14 62.71 -25.13
C SER C 13 11.26 62.10 -23.75
N PHE C 14 12.41 62.30 -23.13
CA PHE C 14 12.55 62.01 -21.69
C PHE C 14 11.43 62.63 -20.87
N HIS C 15 11.25 63.94 -21.03
CA HIS C 15 10.27 64.65 -20.29
C HIS C 15 8.85 64.06 -20.52
N ASP C 16 8.50 63.74 -21.75
CA ASP C 16 7.22 63.10 -22.09
C ASP C 16 7.01 61.79 -21.29
N LEU C 17 8.03 60.95 -21.29
CA LEU C 17 8.03 59.68 -20.56
C LEU C 17 7.90 59.85 -19.02
N HIS C 18 8.72 60.76 -18.48
CA HIS C 18 8.73 61.05 -17.10
C HIS C 18 7.38 61.60 -16.60
N GLN C 19 6.84 62.60 -17.31
CA GLN C 19 5.54 63.23 -17.00
C GLN C 19 4.38 62.31 -17.10
N LEU C 20 4.36 61.46 -18.14
CA LEU C 20 3.31 60.45 -18.24
C LEU C 20 3.27 59.51 -17.06
N THR C 21 4.45 59.02 -16.70
CA THR C 21 4.59 58.10 -15.58
C THR C 21 4.22 58.73 -14.23
N ARG C 22 4.81 59.88 -13.94
CA ARG C 22 4.44 60.59 -12.73
C ARG C 22 2.98 60.89 -12.64
N ALA C 23 2.40 61.42 -13.68
CA ALA C 23 0.97 61.77 -13.63
C ALA C 23 0.09 60.54 -13.45
N ALA C 24 0.49 59.41 -14.07
CA ALA C 24 -0.30 58.18 -13.89
C ALA C 24 -0.27 57.73 -12.40
N VAL C 25 0.94 57.72 -11.79
CA VAL C 25 1.10 57.30 -10.42
C VAL C 25 0.34 58.24 -9.50
N GLU C 26 0.44 59.54 -9.76
CA GLU C 26 -0.30 60.52 -8.94
C GLU C 26 -1.81 60.35 -9.00
N ARG C 27 -2.34 60.10 -10.21
CA ARG C 27 -3.77 59.88 -10.35
C ARG C 27 -4.22 58.55 -9.69
N ALA C 28 -3.41 57.51 -9.84
CA ALA C 28 -3.72 56.24 -9.17
C ALA C 28 -3.77 56.45 -7.61
N GLN C 29 -2.85 57.22 -7.07
CA GLN C 29 -2.86 57.56 -5.63
C GLN C 29 -4.15 58.28 -5.23
N GLN C 30 -4.63 59.22 -6.04
CA GLN C 30 -5.85 59.96 -5.77
C GLN C 30 -7.07 59.05 -5.76
N LEU C 31 -7.07 58.06 -6.65
CA LEU C 31 -8.09 57.05 -6.66
C LEU C 31 -7.92 55.95 -5.65
N GLN C 32 -6.78 55.90 -4.97
CA GLN C 32 -6.43 54.89 -4.01
C GLN C 32 -6.42 53.49 -4.60
N VAL C 33 -5.87 53.37 -5.78
CA VAL C 33 -5.71 52.02 -6.37
C VAL C 33 -4.29 51.86 -6.91
N PRO C 34 -3.57 50.76 -6.53
CA PRO C 34 -2.22 50.58 -7.05
C PRO C 34 -2.26 49.99 -8.43
N VAL C 35 -1.54 50.61 -9.36
CA VAL C 35 -1.50 50.13 -10.72
C VAL C 35 -0.10 49.87 -11.23
N VAL C 36 -0.03 49.20 -12.38
CA VAL C 36 1.17 49.08 -13.18
C VAL C 36 0.96 50.02 -14.40
N VAL C 37 1.96 50.82 -14.67
CA VAL C 37 2.00 51.76 -15.75
C VAL C 37 3.01 51.24 -16.73
N SER C 38 2.66 51.23 -17.99
CA SER C 38 3.58 50.82 -19.02
C SER C 38 3.50 51.74 -20.23
N ILE C 39 4.66 52.05 -20.78
CA ILE C 39 4.76 52.92 -21.94
C ILE C 39 5.60 52.16 -22.97
N VAL C 40 5.11 52.09 -24.19
CA VAL C 40 5.87 51.54 -25.28
C VAL C 40 6.11 52.64 -26.30
N ASP C 41 7.13 52.46 -27.14
CA ASP C 41 7.35 53.37 -28.23
C ASP C 41 6.51 53.04 -29.45
N ALA C 42 6.72 53.77 -30.54
CA ALA C 42 5.95 53.56 -31.76
C ALA C 42 6.15 52.18 -32.42
N HIS C 43 7.19 51.46 -32.04
CA HIS C 43 7.46 50.13 -32.60
C HIS C 43 7.02 49.05 -31.62
N GLY C 44 6.41 49.46 -30.50
CA GLY C 44 5.97 48.50 -29.52
C GLY C 44 7.01 48.02 -28.52
N THR C 45 8.18 48.68 -28.45
CA THR C 45 9.22 48.27 -27.52
C THR C 45 8.89 48.86 -26.18
N GLU C 46 8.91 48.02 -25.19
CA GLU C 46 8.75 48.47 -23.81
C GLU C 46 9.79 49.56 -23.43
N THR C 47 9.31 50.71 -22.98
CA THR C 47 10.15 51.87 -22.71
C THR C 47 10.16 52.23 -21.27
N VAL C 48 8.99 52.27 -20.64
CA VAL C 48 8.90 52.48 -19.18
C VAL C 48 7.91 51.49 -18.58
N THR C 49 8.27 50.92 -17.42
CA THR C 49 7.33 50.21 -16.61
C THR C 49 7.50 50.66 -15.13
N TRP C 50 6.40 50.87 -14.45
CA TRP C 50 6.39 51.20 -13.05
C TRP C 50 5.27 50.46 -12.35
N ARG C 51 5.59 49.67 -11.34
CA ARG C 51 4.61 49.01 -10.53
C ARG C 51 4.48 49.66 -9.19
N MET C 52 3.27 50.05 -8.85
CA MET C 52 2.98 50.52 -7.50
C MET C 52 2.82 49.32 -6.54
N PRO C 53 3.19 49.53 -5.27
CA PRO C 53 3.06 48.43 -4.29
C PRO C 53 1.64 47.87 -4.15
N ASP C 54 1.55 46.54 -4.05
CA ASP C 54 0.34 45.81 -4.00
C ASP C 54 -0.56 45.85 -5.26
N ALA C 55 -0.05 46.27 -6.42
CA ALA C 55 -0.83 46.18 -7.65
C ALA C 55 -1.14 44.69 -7.92
N LEU C 56 -2.30 44.41 -8.45
CA LEU C 56 -2.66 43.05 -8.80
C LEU C 56 -1.57 42.42 -9.63
N LEU C 57 -1.18 41.20 -9.30
CA LEU C 57 -0.14 40.53 -10.05
C LEU C 57 -0.44 40.47 -11.60
N VAL C 58 -1.70 40.22 -12.00
CA VAL C 58 -2.08 40.21 -13.42
C VAL C 58 -1.73 41.51 -14.17
N SER C 59 -1.70 42.64 -13.43
CA SER C 59 -1.43 43.90 -14.03
C SER C 59 -0.02 44.01 -14.63
N SER C 60 0.94 43.28 -14.09
CA SER C 60 2.29 43.19 -14.59
C SER C 60 2.35 42.68 -16.05
N GLU C 61 1.38 41.86 -16.44
CA GLU C 61 1.27 41.35 -17.79
C GLU C 61 0.26 42.21 -18.58
N LEU C 62 -0.85 42.61 -17.96
CA LEU C 62 -1.87 43.38 -18.69
C LEU C 62 -1.48 44.82 -19.10
N ALA C 63 -0.78 45.54 -18.22
CA ALA C 63 -0.48 46.95 -18.52
C ALA C 63 0.48 47.05 -19.78
N PRO C 64 1.55 46.28 -19.81
CA PRO C 64 2.38 46.34 -21.03
C PRO C 64 1.69 45.82 -22.26
N LYS C 65 0.85 44.81 -22.10
CA LYS C 65 0.06 44.32 -23.23
C LYS C 65 -0.96 45.39 -23.76
N LYS C 66 -1.60 46.14 -22.85
CA LYS C 66 -2.50 47.21 -23.29
C LYS C 66 -1.75 48.30 -24.09
N ALA C 67 -0.57 48.65 -23.60
CA ALA C 67 0.27 49.66 -24.30
C ALA C 67 0.68 49.14 -25.71
N TRP C 68 1.16 47.91 -25.76
CA TRP C 68 1.56 47.29 -27.01
C TRP C 68 0.39 47.23 -28.00
N THR C 69 -0.78 46.81 -27.51
CA THR C 69 -1.98 46.69 -28.32
C THR C 69 -2.38 48.03 -28.97
N ALA C 70 -2.32 49.10 -28.15
CA ALA C 70 -2.58 50.44 -28.64
C ALA C 70 -1.74 50.77 -29.91
N VAL C 71 -0.46 50.52 -29.84
CA VAL C 71 0.37 50.74 -31.05
C VAL C 71 0.17 49.73 -32.14
N ALA C 72 0.03 48.46 -31.75
CA ALA C 72 -0.03 47.38 -32.74
C ALA C 72 -1.35 47.41 -33.58
N MET C 73 -2.43 47.94 -33.00
CA MET C 73 -3.70 48.13 -33.64
C MET C 73 -4.03 49.59 -33.89
N LYS C 74 -3.16 50.53 -33.52
CA LYS C 74 -3.39 51.97 -33.71
C LYS C 74 -4.69 52.44 -33.16
N THR C 75 -5.00 52.01 -31.92
CA THR C 75 -6.30 52.24 -31.37
C THR C 75 -6.24 52.22 -29.84
N ALA C 76 -7.21 52.81 -29.18
CA ALA C 76 -7.33 52.64 -27.73
C ALA C 76 -7.95 51.23 -27.47
N THR C 77 -7.57 50.58 -26.36
CA THR C 77 -7.95 49.15 -26.17
C THR C 77 -9.45 49.04 -25.94
N HIS C 78 -10.08 50.08 -25.34
CA HIS C 78 -11.55 50.05 -25.16
C HIS C 78 -12.30 50.05 -26.49
N GLU C 79 -11.66 50.54 -27.55
CA GLU C 79 -12.25 50.56 -28.87
C GLU C 79 -12.21 49.22 -29.53
N LEU C 80 -11.45 48.27 -28.99
CA LEU C 80 -11.50 46.90 -29.46
C LEU C 80 -12.56 46.01 -28.82
N SER C 81 -13.17 46.46 -27.73
CA SER C 81 -14.14 45.60 -27.05
C SER C 81 -15.25 45.12 -27.92
N ASP C 82 -15.87 46.01 -28.70
CA ASP C 82 -17.01 45.61 -29.54
C ASP C 82 -16.62 44.69 -30.66
N VAL C 83 -15.47 44.95 -31.26
CA VAL C 83 -15.05 44.29 -32.48
C VAL C 83 -14.54 42.83 -32.31
N VAL C 84 -14.27 42.39 -31.09
CA VAL C 84 -13.89 41.03 -30.79
C VAL C 84 -14.98 40.18 -30.13
N GLN C 85 -16.20 40.71 -30.02
CA GLN C 85 -17.30 39.96 -29.50
C GLN C 85 -17.70 38.85 -30.47
N PRO C 86 -18.30 37.77 -29.95
CA PRO C 86 -19.00 36.82 -30.86
C PRO C 86 -19.86 37.59 -31.84
N GLY C 87 -19.75 37.25 -33.10
CA GLY C 87 -20.54 37.85 -34.13
C GLY C 87 -19.92 39.12 -34.70
N ALA C 88 -18.83 39.62 -34.14
CA ALA C 88 -18.16 40.81 -34.66
C ALA C 88 -16.92 40.46 -35.47
N ALA C 89 -16.40 41.48 -36.15
CA ALA C 89 -15.49 41.26 -37.30
C ALA C 89 -14.16 40.55 -36.91
N LEU C 90 -13.65 40.84 -35.71
CA LEU C 90 -12.41 40.27 -35.22
C LEU C 90 -12.58 39.30 -34.06
N TYR C 91 -13.65 38.59 -34.03
CA TYR C 91 -13.89 37.54 -33.02
C TYR C 91 -12.71 36.55 -33.05
N GLY C 92 -12.22 36.18 -31.87
CA GLY C 92 -11.08 35.35 -31.75
C GLY C 92 -9.68 35.98 -31.74
N LEU C 93 -9.59 37.27 -31.95
CA LEU C 93 -8.33 37.96 -32.09
C LEU C 93 -7.36 37.74 -30.99
N GLU C 94 -7.86 37.72 -29.75
CA GLU C 94 -7.00 37.52 -28.60
C GLU C 94 -6.28 36.17 -28.58
N SER C 95 -6.91 35.14 -29.13
CA SER C 95 -6.26 33.90 -29.34
C SER C 95 -5.36 33.88 -30.54
N HIS C 96 -5.81 34.50 -31.64
CA HIS C 96 -4.96 34.54 -32.90
C HIS C 96 -3.60 35.14 -32.64
N LEU C 97 -3.52 36.14 -31.76
CA LEU C 97 -2.31 36.75 -31.39
C LEU C 97 -1.66 36.21 -30.10
N GLN C 98 -2.13 35.06 -29.61
CA GLN C 98 -1.51 34.33 -28.51
C GLN C 98 -1.40 35.21 -27.24
N GLY C 99 -2.45 35.91 -26.96
CA GLY C 99 -2.57 36.72 -25.75
C GLY C 99 -1.80 38.04 -25.81
N LYS C 100 -1.27 38.45 -26.94
CA LYS C 100 -0.50 39.75 -26.97
C LYS C 100 -1.37 40.97 -26.98
N VAL C 101 -2.63 40.84 -27.41
CA VAL C 101 -3.56 41.93 -27.43
C VAL C 101 -4.59 41.85 -26.27
N VAL C 102 -4.85 42.97 -25.64
CA VAL C 102 -5.88 43.12 -24.59
C VAL C 102 -6.93 44.04 -25.13
N THR C 103 -8.18 43.65 -25.00
CA THR C 103 -9.30 44.23 -25.70
C THR C 103 -10.33 44.92 -24.79
N PHE C 104 -9.92 45.21 -23.55
CA PHE C 104 -10.66 46.06 -22.67
C PHE C 104 -9.85 47.27 -22.33
N GLY C 105 -10.52 48.29 -21.84
CA GLY C 105 -9.90 49.61 -21.62
C GLY C 105 -8.69 49.72 -20.72
N GLY C 106 -7.91 50.77 -20.98
CA GLY C 106 -6.78 51.09 -20.23
C GLY C 106 -5.55 51.42 -21.05
N GLY C 107 -5.60 51.09 -22.31
CA GLY C 107 -4.49 51.35 -23.25
C GLY C 107 -4.92 52.44 -24.21
N TYR C 108 -3.99 53.36 -24.53
CA TYR C 108 -4.23 54.40 -25.51
C TYR C 108 -2.98 54.57 -26.45
N ALA C 109 -3.27 54.81 -27.71
CA ALA C 109 -2.25 55.19 -28.68
C ALA C 109 -1.93 56.66 -28.53
N LEU C 110 -0.67 57.05 -28.71
CA LEU C 110 -0.20 58.43 -28.49
C LEU C 110 0.26 58.96 -29.85
N TRP C 111 -0.29 60.12 -30.25
CA TRP C 111 -0.03 60.71 -31.56
C TRP C 111 0.44 62.17 -31.38
N ARG C 112 1.33 62.61 -32.26
CA ARG C 112 1.77 63.99 -32.28
C ARG C 112 1.95 64.36 -33.77
N ASP C 113 1.25 65.42 -34.21
CA ASP C 113 1.39 65.93 -35.59
C ASP C 113 1.11 64.85 -36.66
N GLY C 114 0.09 64.04 -36.43
CA GLY C 114 -0.23 62.91 -37.30
C GLY C 114 0.67 61.68 -37.25
N ILE C 115 1.63 61.63 -36.36
CA ILE C 115 2.57 60.53 -36.25
C ILE C 115 2.25 59.74 -34.94
N LEU C 116 2.28 58.41 -35.06
CA LEU C 116 2.13 57.53 -33.92
C LEU C 116 3.46 57.47 -33.17
N ILE C 117 3.47 57.87 -31.91
CA ILE C 117 4.76 57.93 -31.16
C ILE C 117 4.85 56.92 -30.02
N GLY C 118 3.74 56.27 -29.69
CA GLY C 118 3.79 55.28 -28.60
C GLY C 118 2.41 54.88 -28.11
N GLY C 119 2.46 54.18 -26.97
CA GLY C 119 1.29 53.60 -26.34
C GLY C 119 1.47 53.64 -24.84
N LEU C 120 0.34 53.87 -24.13
CA LEU C 120 0.31 53.90 -22.70
C LEU C 120 -0.71 52.89 -22.23
N GLY C 121 -0.34 52.12 -21.21
CA GLY C 121 -1.18 51.07 -20.66
C GLY C 121 -1.23 51.15 -19.16
N ILE C 122 -2.45 51.06 -18.62
CA ILE C 122 -2.68 51.05 -17.16
C ILE C 122 -3.46 49.80 -16.79
N SER C 123 -3.02 49.07 -15.78
CA SER C 123 -3.82 48.00 -15.24
C SER C 123 -3.70 47.98 -13.71
N GLY C 124 -4.78 47.58 -13.04
CA GLY C 124 -4.80 47.39 -11.63
C GLY C 124 -6.11 47.75 -10.97
N GLY C 125 -6.87 48.63 -11.59
CA GLY C 125 -8.21 49.01 -11.07
C GLY C 125 -9.32 48.27 -11.77
N SER C 126 -10.51 48.84 -11.66
CA SER C 126 -11.58 48.55 -12.53
C SER C 126 -11.11 49.11 -13.94
N VAL C 127 -11.74 48.62 -14.97
CA VAL C 127 -11.49 49.13 -16.31
C VAL C 127 -11.68 50.66 -16.32
N GLU C 128 -12.73 51.15 -15.70
CA GLU C 128 -13.00 52.59 -15.68
C GLU C 128 -11.91 53.39 -14.96
N GLN C 129 -11.43 52.87 -13.84
CA GLN C 129 -10.29 53.49 -13.13
C GLN C 129 -9.02 53.50 -14.02
N ASP C 130 -8.77 52.40 -14.69
CA ASP C 130 -7.57 52.32 -15.53
C ASP C 130 -7.64 53.41 -16.59
N MET C 131 -8.83 53.56 -17.20
CA MET C 131 -9.03 54.54 -18.30
C MET C 131 -8.93 55.98 -17.79
N ASP C 132 -9.43 56.21 -16.57
CA ASP C 132 -9.30 57.51 -15.92
C ASP C 132 -7.82 57.87 -15.68
N ILE C 133 -7.09 56.94 -15.11
CA ILE C 133 -5.66 57.10 -14.91
C ILE C 133 -4.91 57.37 -16.21
N ALA C 134 -5.13 56.55 -17.21
CA ALA C 134 -4.46 56.69 -18.49
C ALA C 134 -4.79 58.07 -19.13
N GLN C 135 -6.05 58.44 -19.10
CA GLN C 135 -6.46 59.74 -19.70
C GLN C 135 -5.85 60.90 -18.97
N THR C 136 -5.85 60.81 -17.63
CA THR C 136 -5.19 61.88 -16.79
C THR C 136 -3.69 62.06 -17.06
N ALA C 137 -2.99 60.93 -17.22
CA ALA C 137 -1.59 60.93 -17.54
C ALA C 137 -1.32 61.56 -18.92
N ILE C 138 -2.11 61.16 -19.88
CA ILE C 138 -2.01 61.70 -21.23
C ILE C 138 -2.23 63.23 -21.26
N ALA C 139 -3.20 63.71 -20.51
CA ALA C 139 -3.46 65.11 -20.41
C ALA C 139 -2.27 65.93 -19.85
N ALA C 140 -1.35 65.28 -19.12
CA ALA C 140 -0.22 65.94 -18.56
C ALA C 140 0.86 66.28 -19.61
N ILE C 141 0.77 65.73 -20.83
CA ILE C 141 1.74 66.07 -21.87
C ILE C 141 1.04 66.52 -23.15
N ASN C 142 1.82 67.04 -24.08
CA ASN C 142 1.22 67.64 -25.23
C ASN C 142 1.15 66.53 -26.29
N VAL C 143 0.15 65.66 -26.20
CA VAL C 143 -0.18 64.66 -27.22
C VAL C 143 -1.65 64.42 -27.42
N GLY C 144 -1.97 63.85 -28.56
CA GLY C 144 -3.33 63.36 -28.84
C GLY C 144 -3.45 61.83 -28.73
N THR C 145 -4.67 61.35 -28.67
CA THR C 145 -4.98 59.95 -28.64
C THR C 145 -5.57 59.45 -29.96
N HIS C 146 -5.60 60.31 -30.99
CA HIS C 146 -6.06 59.89 -32.31
C HIS C 146 -5.14 60.64 -33.30
N GLN C 147 -4.97 60.09 -34.47
CA GLN C 147 -4.14 60.70 -35.49
C GLN C 147 -4.65 62.12 -35.84
N VAL D 10 12.20 47.49 5.83
CA VAL D 10 13.32 47.19 4.85
C VAL D 10 13.04 47.31 3.31
N ALA D 11 11.86 47.05 2.75
CA ALA D 11 11.65 47.01 1.28
C ALA D 11 12.17 48.23 0.52
N LEU D 12 12.26 48.10 -0.80
CA LEU D 12 12.62 49.23 -1.65
C LEU D 12 11.49 50.27 -1.64
N SER D 13 11.82 51.47 -1.23
CA SER D 13 10.91 52.59 -1.17
C SER D 13 10.86 53.24 -2.57
N PHE D 14 9.90 54.16 -2.74
CA PHE D 14 9.86 55.01 -3.91
C PHE D 14 11.21 55.68 -4.15
N HIS D 15 11.77 56.29 -3.09
CA HIS D 15 13.09 56.92 -3.17
C HIS D 15 14.19 55.97 -3.64
N ASP D 16 14.22 54.77 -3.08
CA ASP D 16 15.21 53.77 -3.51
C ASP D 16 15.11 53.47 -5.00
N LEU D 17 13.91 53.20 -5.46
CA LEU D 17 13.66 52.90 -6.90
C LEU D 17 14.05 54.05 -7.81
N HIS D 18 13.66 55.25 -7.40
CA HIS D 18 13.87 56.45 -8.19
C HIS D 18 15.32 56.77 -8.30
N GLN D 19 16.02 56.72 -7.17
CA GLN D 19 17.48 56.93 -7.16
C GLN D 19 18.29 55.87 -7.91
N LEU D 20 17.91 54.58 -7.77
CA LEU D 20 18.57 53.55 -8.51
C LEU D 20 18.49 53.82 -10.00
N THR D 21 17.27 54.13 -10.46
CA THR D 21 17.01 54.31 -11.87
C THR D 21 17.72 55.53 -12.42
N ARG D 22 17.57 56.63 -11.72
CA ARG D 22 18.30 57.84 -12.12
C ARG D 22 19.78 57.69 -12.14
N ALA D 23 20.35 57.09 -11.10
CA ALA D 23 21.81 56.92 -11.05
C ALA D 23 22.30 56.00 -12.14
N ALA D 24 21.51 54.98 -12.47
CA ALA D 24 21.92 54.08 -13.54
C ALA D 24 21.97 54.87 -14.87
N VAL D 25 20.88 55.58 -15.18
CA VAL D 25 20.76 56.29 -16.43
C VAL D 25 21.89 57.34 -16.53
N GLU D 26 22.10 58.07 -15.43
CA GLU D 26 23.21 59.05 -15.38
C GLU D 26 24.58 58.43 -15.68
N ARG D 27 24.87 57.28 -15.06
CA ARG D 27 26.13 56.60 -15.32
C ARG D 27 26.25 56.10 -16.75
N ALA D 28 25.16 55.52 -17.29
CA ALA D 28 25.15 55.14 -18.68
C ALA D 28 25.46 56.35 -19.64
N GLN D 29 24.84 57.49 -19.37
CA GLN D 29 25.10 58.73 -20.12
C GLN D 29 26.57 59.12 -20.05
N GLN D 30 27.19 58.99 -18.88
CA GLN D 30 28.62 59.28 -18.74
C GLN D 30 29.44 58.35 -19.59
N LEU D 31 29.06 57.08 -19.64
CA LEU D 31 29.77 56.10 -20.47
C LEU D 31 29.43 56.18 -21.90
N GLN D 32 28.42 56.99 -22.25
CA GLN D 32 27.91 57.11 -23.60
C GLN D 32 27.44 55.75 -24.18
N VAL D 33 26.70 55.00 -23.37
CA VAL D 33 26.10 53.75 -23.87
C VAL D 33 24.64 53.71 -23.43
N PRO D 34 23.72 53.48 -24.37
CA PRO D 34 22.31 53.38 -23.96
C PRO D 34 22.04 52.01 -23.41
N VAL D 35 21.39 51.97 -22.27
CA VAL D 35 21.06 50.71 -21.65
C VAL D 35 19.56 50.62 -21.29
N VAL D 36 19.16 49.39 -20.99
CA VAL D 36 17.87 49.11 -20.31
C VAL D 36 18.22 48.88 -18.85
N VAL D 37 17.45 49.49 -17.98
CA VAL D 37 17.55 49.35 -16.52
C VAL D 37 16.32 48.61 -16.05
N SER D 38 16.49 47.59 -15.22
CA SER D 38 15.35 46.86 -14.69
C SER D 38 15.53 46.59 -13.22
N ILE D 39 14.45 46.72 -12.48
CA ILE D 39 14.43 46.50 -11.06
C ILE D 39 13.27 45.54 -10.83
N VAL D 40 13.57 44.48 -10.10
CA VAL D 40 12.53 43.57 -9.58
C VAL D 40 12.51 43.60 -8.04
N ASP D 41 11.37 43.24 -7.46
CA ASP D 41 11.27 43.18 -6.00
C ASP D 41 11.80 41.83 -5.50
N ALA D 42 11.68 41.60 -4.21
CA ALA D 42 12.23 40.40 -3.59
C ALA D 42 11.54 39.14 -4.07
N HIS D 43 10.34 39.26 -4.66
CA HIS D 43 9.64 38.10 -5.24
C HIS D 43 9.85 37.97 -6.74
N GLY D 44 10.69 38.82 -7.31
CA GLY D 44 10.99 38.75 -8.72
C GLY D 44 10.00 39.45 -9.62
N THR D 45 9.11 40.25 -9.07
CA THR D 45 8.13 40.97 -9.90
C THR D 45 8.78 42.24 -10.44
N GLU D 46 8.63 42.44 -11.74
CA GLU D 46 9.09 43.66 -12.39
C GLU D 46 8.52 44.85 -11.70
N THR D 47 9.39 45.74 -11.29
CA THR D 47 8.97 46.95 -10.55
C THR D 47 9.28 48.25 -11.26
N VAL D 48 10.45 48.32 -11.89
CA VAL D 48 10.79 49.44 -12.79
C VAL D 48 11.50 48.96 -14.00
N THR D 49 11.11 49.46 -15.17
CA THR D 49 11.87 49.29 -16.40
C THR D 49 12.05 50.63 -17.03
N TRP D 50 13.25 50.91 -17.54
CA TRP D 50 13.51 52.15 -18.28
C TRP D 50 14.48 51.85 -19.41
N ARG D 51 14.08 52.16 -20.62
CA ARG D 51 14.93 51.97 -21.79
C ARG D 51 15.40 53.31 -22.29
N MET D 52 16.72 53.44 -22.42
CA MET D 52 17.34 54.60 -23.06
C MET D 52 17.25 54.47 -24.58
N PRO D 53 17.09 55.60 -25.27
CA PRO D 53 17.01 55.54 -26.72
C PRO D 53 18.19 54.83 -27.35
N ASP D 54 17.89 54.02 -28.36
CA ASP D 54 18.85 53.23 -29.14
C ASP D 54 19.50 52.04 -28.39
N ALA D 55 19.02 51.67 -27.19
CA ALA D 55 19.60 50.53 -26.51
C ALA D 55 19.42 49.32 -27.42
N LEU D 56 20.38 48.41 -27.37
CA LEU D 56 20.25 47.17 -28.14
C LEU D 56 18.89 46.52 -27.86
N LEU D 57 18.22 46.02 -28.89
CA LEU D 57 16.92 45.38 -28.68
C LEU D 57 17.00 44.21 -27.70
N VAL D 58 18.07 43.42 -27.75
CA VAL D 58 18.23 42.27 -26.85
C VAL D 58 18.25 42.66 -25.38
N SER D 59 18.69 43.88 -25.11
CA SER D 59 18.68 44.40 -23.74
C SER D 59 17.32 44.52 -23.09
N SER D 60 16.26 44.66 -23.87
CA SER D 60 14.86 44.66 -23.37
C SER D 60 14.51 43.33 -22.68
N GLU D 61 15.12 42.23 -23.13
CA GLU D 61 14.92 40.93 -22.51
C GLU D 61 15.98 40.64 -21.48
N LEU D 62 17.27 40.94 -21.79
CA LEU D 62 18.34 40.65 -20.87
C LEU D 62 18.30 41.39 -19.54
N ALA D 63 17.89 42.69 -19.52
CA ALA D 63 18.04 43.43 -18.28
C ALA D 63 17.02 42.90 -17.21
N PRO D 64 15.78 42.66 -17.60
CA PRO D 64 14.86 42.13 -16.55
C PRO D 64 15.24 40.72 -16.13
N LYS D 65 15.74 39.93 -17.08
CA LYS D 65 16.17 38.60 -16.76
C LYS D 65 17.35 38.64 -15.77
N LYS D 66 18.31 39.55 -15.98
CA LYS D 66 19.41 39.71 -14.99
C LYS D 66 18.90 40.05 -13.57
N ALA D 67 17.96 40.94 -13.51
CA ALA D 67 17.38 41.36 -12.24
C ALA D 67 16.62 40.21 -11.57
N TRP D 68 15.83 39.48 -12.38
CA TRP D 68 15.10 38.31 -11.90
C TRP D 68 16.01 37.19 -11.42
N THR D 69 17.07 36.96 -12.19
CA THR D 69 18.09 35.95 -11.85
C THR D 69 18.69 36.23 -10.48
N ALA D 70 18.99 37.50 -10.25
CA ALA D 70 19.67 37.91 -9.00
C ALA D 70 18.81 37.55 -7.80
N VAL D 71 17.50 37.73 -7.89
CA VAL D 71 16.60 37.39 -6.76
C VAL D 71 16.40 35.87 -6.71
N ALA D 72 16.20 35.27 -7.90
CA ALA D 72 15.81 33.88 -8.01
C ALA D 72 16.89 32.93 -7.58
N MET D 73 18.14 33.38 -7.69
CA MET D 73 19.33 32.62 -7.21
C MET D 73 20.12 33.27 -6.10
N LYS D 74 19.64 34.40 -5.59
CA LYS D 74 20.28 35.17 -4.48
C LYS D 74 21.73 35.44 -4.74
N THR D 75 22.04 35.95 -5.94
CA THR D 75 23.41 36.07 -6.36
C THR D 75 23.54 37.19 -7.36
N ALA D 76 24.74 37.65 -7.59
CA ALA D 76 24.99 38.54 -8.74
C ALA D 76 25.19 37.66 -9.94
N THR D 77 24.80 38.13 -11.11
CA THR D 77 24.80 37.24 -12.28
C THR D 77 26.20 36.87 -12.69
N HIS D 78 27.20 37.75 -12.46
CA HIS D 78 28.59 37.41 -12.87
C HIS D 78 29.14 36.26 -12.05
N GLU D 79 28.57 36.05 -10.83
CA GLU D 79 28.92 34.95 -10.00
C GLU D 79 28.40 33.59 -10.49
N LEU D 80 27.51 33.57 -11.43
CA LEU D 80 27.05 32.32 -12.04
C LEU D 80 27.88 31.90 -13.25
N SER D 81 28.75 32.78 -13.78
CA SER D 81 29.48 32.48 -15.04
C SER D 81 30.28 31.18 -14.94
N ASP D 82 30.99 30.97 -13.84
CA ASP D 82 31.82 29.78 -13.72
C ASP D 82 31.04 28.47 -13.49
N VAL D 83 29.93 28.56 -12.74
CA VAL D 83 29.21 27.41 -12.31
C VAL D 83 28.32 26.79 -13.43
N VAL D 84 28.09 27.50 -14.53
CA VAL D 84 27.33 26.93 -15.67
C VAL D 84 28.16 26.46 -16.82
N GLN D 85 29.49 26.56 -16.68
CA GLN D 85 30.38 26.15 -17.77
C GLN D 85 30.32 24.63 -17.95
N PRO D 86 30.68 24.13 -19.13
CA PRO D 86 30.92 22.65 -19.26
C PRO D 86 31.83 22.14 -18.18
N GLY D 87 31.45 21.02 -17.54
CA GLY D 87 32.21 20.49 -16.43
C GLY D 87 31.92 21.07 -15.07
N ALA D 88 31.20 22.19 -14.98
CA ALA D 88 30.85 22.75 -13.74
C ALA D 88 29.47 22.26 -13.22
N ALA D 89 29.19 22.60 -11.97
CA ALA D 89 28.11 21.91 -11.20
C ALA D 89 26.70 22.16 -11.77
N LEU D 90 26.46 23.35 -12.34
CA LEU D 90 25.12 23.70 -12.89
C LEU D 90 25.14 23.87 -14.42
N TYR D 91 25.99 23.11 -15.11
CA TYR D 91 26.02 23.10 -16.57
C TYR D 91 24.58 22.83 -17.07
N GLY D 92 24.15 23.59 -18.08
CA GLY D 92 22.83 23.49 -18.64
C GLY D 92 21.73 24.31 -17.97
N LEU D 93 22.04 24.99 -16.88
CA LEU D 93 21.04 25.71 -16.11
C LEU D 93 20.17 26.64 -16.99
N GLU D 94 20.80 27.35 -17.91
CA GLU D 94 20.09 28.34 -18.74
C GLU D 94 18.99 27.67 -19.60
N SER D 95 19.20 26.42 -20.04
CA SER D 95 18.18 25.66 -20.74
C SER D 95 17.16 25.04 -19.78
N HIS D 96 17.63 24.54 -18.63
CA HIS D 96 16.71 23.97 -17.63
C HIS D 96 15.62 24.98 -17.24
N LEU D 97 15.98 26.25 -17.14
CA LEU D 97 15.08 27.30 -16.72
C LEU D 97 14.50 28.08 -17.92
N GLN D 98 14.57 27.48 -19.12
CA GLN D 98 13.93 28.00 -20.35
C GLN D 98 14.27 29.47 -20.59
N GLY D 99 15.53 29.79 -20.42
CA GLY D 99 16.04 31.12 -20.72
C GLY D 99 15.76 32.18 -19.67
N LYS D 100 15.17 31.81 -18.53
CA LYS D 100 14.84 32.84 -17.52
C LYS D 100 16.01 33.40 -16.77
N VAL D 101 17.11 32.65 -16.71
CA VAL D 101 18.30 33.06 -15.99
C VAL D 101 19.37 33.49 -16.98
N VAL D 102 20.06 34.60 -16.64
CA VAL D 102 21.20 35.06 -17.39
C VAL D 102 22.41 34.94 -16.51
N THR D 103 23.52 34.45 -17.09
CA THR D 103 24.64 33.97 -16.33
C THR D 103 25.97 34.73 -16.66
N PHE D 104 25.84 35.91 -17.26
CA PHE D 104 26.92 36.86 -17.35
C PHE D 104 26.52 38.16 -16.65
N GLY D 105 27.54 38.95 -16.36
CA GLY D 105 27.37 40.11 -15.47
C GLY D 105 26.35 41.16 -15.84
N GLY D 106 25.86 41.82 -14.80
CA GLY D 106 25.00 42.99 -14.93
C GLY D 106 23.80 43.00 -14.00
N GLY D 107 23.55 41.86 -13.33
CA GLY D 107 22.50 41.72 -12.35
C GLY D 107 23.08 41.57 -10.97
N TYR D 108 22.51 42.28 -10.02
CA TYR D 108 22.89 42.18 -8.62
C TYR D 108 21.67 42.02 -7.74
N ALA D 109 21.81 41.20 -6.69
CA ALA D 109 20.82 41.10 -5.64
C ALA D 109 21.01 42.26 -4.66
N LEU D 110 19.92 42.79 -4.13
CA LEU D 110 19.92 43.94 -3.25
C LEU D 110 19.45 43.49 -1.85
N TRP D 111 20.26 43.81 -0.83
CA TRP D 111 20.04 43.39 0.54
C TRP D 111 20.07 44.58 1.49
N ARG D 112 19.22 44.53 2.51
CA ARG D 112 19.21 45.55 3.58
C ARG D 112 18.94 44.84 4.88
N ASP D 113 19.84 45.01 5.85
CA ASP D 113 19.68 44.38 7.19
C ASP D 113 19.48 42.86 7.13
N GLY D 114 20.25 42.19 6.28
CA GLY D 114 20.13 40.73 6.08
C GLY D 114 18.92 40.23 5.27
N ILE D 115 18.13 41.15 4.73
CA ILE D 115 16.87 40.82 4.03
C ILE D 115 17.03 41.14 2.55
N LEU D 116 16.63 40.21 1.70
CA LEU D 116 16.68 40.40 0.24
C LEU D 116 15.52 41.29 -0.13
N ILE D 117 15.80 42.47 -0.69
CA ILE D 117 14.75 43.38 -1.03
C ILE D 117 14.52 43.57 -2.55
N GLY D 118 15.40 43.01 -3.39
CA GLY D 118 15.17 43.12 -4.85
C GLY D 118 16.41 42.77 -5.65
N GLY D 119 16.31 43.10 -6.93
CA GLY D 119 17.31 42.81 -7.92
C GLY D 119 17.37 43.94 -8.94
N LEU D 120 18.57 44.21 -9.44
CA LEU D 120 18.83 45.24 -10.40
C LEU D 120 19.59 44.63 -11.56
N GLY D 121 19.14 44.93 -12.75
CA GLY D 121 19.69 44.40 -13.95
C GLY D 121 19.95 45.51 -14.92
N ILE D 122 21.12 45.44 -15.54
CA ILE D 122 21.51 46.38 -16.64
C ILE D 122 21.96 45.59 -17.87
N SER D 123 21.53 46.04 -19.05
CA SER D 123 21.99 45.49 -20.27
C SER D 123 22.05 46.58 -21.32
N GLY D 124 23.02 46.46 -22.20
CA GLY D 124 23.18 47.36 -23.33
C GLY D 124 24.63 47.68 -23.72
N GLY D 125 25.53 47.58 -22.77
CA GLY D 125 26.95 47.75 -23.02
C GLY D 125 27.69 46.44 -23.07
N SER D 126 29.00 46.53 -22.93
CA SER D 126 29.82 45.35 -22.68
C SER D 126 29.39 44.90 -21.28
N VAL D 127 29.66 43.63 -21.00
CA VAL D 127 29.40 43.08 -19.67
C VAL D 127 30.03 43.99 -18.59
N GLU D 128 31.25 44.46 -18.82
CA GLU D 128 31.95 45.36 -17.84
C GLU D 128 31.22 46.69 -17.67
N GLN D 129 30.73 47.28 -18.76
CA GLN D 129 29.96 48.54 -18.67
C GLN D 129 28.65 48.33 -17.93
N ASP D 130 28.00 47.20 -18.20
CA ASP D 130 26.75 46.87 -17.51
C ASP D 130 26.98 46.78 -16.02
N MET D 131 28.04 46.10 -15.62
CA MET D 131 28.39 45.95 -14.21
C MET D 131 28.78 47.29 -13.54
N ASP D 132 29.55 48.11 -14.25
CA ASP D 132 29.91 49.48 -13.76
C ASP D 132 28.65 50.33 -13.49
N ILE D 133 27.73 50.31 -14.47
CA ILE D 133 26.48 51.01 -14.34
C ILE D 133 25.67 50.51 -13.16
N ALA D 134 25.49 49.19 -13.07
CA ALA D 134 24.75 48.60 -11.96
C ALA D 134 25.40 48.99 -10.62
N GLN D 135 26.71 48.86 -10.51
CA GLN D 135 27.42 49.13 -9.21
C GLN D 135 27.31 50.59 -8.83
N THR D 136 27.43 51.48 -9.80
CA THR D 136 27.26 52.91 -9.59
C THR D 136 25.88 53.22 -9.08
N ALA D 137 24.85 52.58 -9.68
CA ALA D 137 23.48 52.84 -9.25
C ALA D 137 23.25 52.38 -7.83
N ILE D 138 23.77 51.22 -7.53
CA ILE D 138 23.61 50.62 -6.20
C ILE D 138 24.29 51.46 -5.10
N ALA D 139 25.49 51.96 -5.39
CA ALA D 139 26.19 52.91 -4.53
C ALA D 139 25.39 54.19 -4.25
N ALA D 140 24.46 54.59 -5.13
CA ALA D 140 23.60 55.78 -4.88
C ALA D 140 22.58 55.61 -3.77
N ILE D 141 22.29 54.38 -3.34
CA ILE D 141 21.34 54.20 -2.25
C ILE D 141 21.96 53.43 -1.10
N ASN D 142 21.23 53.31 -0.02
CA ASN D 142 21.75 52.69 1.17
C ASN D 142 21.41 51.20 1.13
N VAL D 143 22.13 50.40 0.30
CA VAL D 143 21.98 48.93 0.25
C VAL D 143 23.25 48.14 0.00
N GLY D 144 23.21 46.88 0.38
CA GLY D 144 24.30 45.94 0.09
C GLY D 144 23.97 45.02 -1.08
N THR D 145 25.01 44.41 -1.63
CA THR D 145 24.89 43.37 -2.66
C THR D 145 25.13 41.96 -2.16
N HIS D 146 25.24 41.80 -0.84
CA HIS D 146 25.40 40.47 -0.20
C HIS D 146 24.67 40.52 1.13
N GLN D 147 24.14 39.41 1.56
CA GLN D 147 23.38 39.35 2.81
C GLN D 147 24.24 39.87 3.98
N PRO E 9 3.38 38.21 11.03
CA PRO E 9 2.77 37.18 11.90
C PRO E 9 1.64 36.39 11.25
N VAL E 10 0.90 37.03 10.34
CA VAL E 10 -0.23 36.36 9.79
C VAL E 10 0.10 35.43 8.62
N ALA E 11 1.29 35.26 8.01
CA ALA E 11 1.46 34.28 6.88
C ALA E 11 0.94 32.89 7.19
N LEU E 12 0.79 32.07 6.15
CA LEU E 12 0.47 30.65 6.36
C LEU E 12 1.60 29.89 7.03
N SER E 13 1.29 29.21 8.14
CA SER E 13 2.25 28.42 8.89
C SER E 13 2.26 27.04 8.31
N PHE E 14 3.20 26.21 8.78
CA PHE E 14 3.21 24.79 8.50
C PHE E 14 1.89 24.15 8.84
N HIS E 15 1.43 24.39 10.06
CA HIS E 15 0.14 23.89 10.47
C HIS E 15 -1.03 24.32 9.55
N ASP E 16 -1.09 25.59 9.18
CA ASP E 16 -2.14 26.06 8.23
C ASP E 16 -2.13 25.23 6.95
N LEU E 17 -0.95 25.08 6.38
CA LEU E 17 -0.80 24.37 5.09
C LEU E 17 -1.22 22.92 5.24
N HIS E 18 -0.73 22.29 6.30
CA HIS E 18 -0.99 20.92 6.56
C HIS E 18 -2.48 20.66 6.73
N GLN E 19 -3.15 21.48 7.52
CA GLN E 19 -4.57 21.36 7.80
C GLN E 19 -5.42 21.64 6.60
N LEU E 20 -5.06 22.64 5.81
CA LEU E 20 -5.77 22.91 4.58
C LEU E 20 -5.73 21.71 3.68
N THR E 21 -4.56 21.14 3.52
CA THR E 21 -4.33 20.04 2.61
C THR E 21 -5.04 18.74 3.06
N ARG E 22 -4.86 18.40 4.31
CA ARG E 22 -5.60 17.31 4.89
C ARG E 22 -7.09 17.44 4.83
N ALA E 23 -7.63 18.58 5.23
CA ALA E 23 -9.08 18.78 5.21
C ALA E 23 -9.61 18.73 3.79
N ALA E 24 -8.86 19.25 2.81
CA ALA E 24 -9.33 19.17 1.43
C ALA E 24 -9.40 17.73 1.00
N VAL E 25 -8.35 16.97 1.24
CA VAL E 25 -8.32 15.56 0.83
C VAL E 25 -9.41 14.75 1.55
N GLU E 26 -9.57 14.97 2.86
CA GLU E 26 -10.65 14.29 3.62
C GLU E 26 -12.04 14.57 3.02
N ARG E 27 -12.32 15.82 2.72
CA ARG E 27 -13.59 16.18 2.13
C ARG E 27 -13.78 15.56 0.73
N ALA E 28 -12.71 15.59 -0.10
CA ALA E 28 -12.79 14.91 -1.39
C ALA E 28 -13.08 13.39 -1.25
N GLN E 29 -12.42 12.75 -0.29
CA GLN E 29 -12.75 11.35 0.06
C GLN E 29 -14.24 11.15 0.44
N GLN E 30 -14.81 12.06 1.23
CA GLN E 30 -16.21 11.97 1.59
C GLN E 30 -17.10 12.06 0.37
N LEU E 31 -16.71 12.95 -0.57
CA LEU E 31 -17.48 13.12 -1.77
C LEU E 31 -17.21 12.03 -2.78
N GLN E 32 -16.22 11.20 -2.52
CA GLN E 32 -15.74 10.16 -3.45
C GLN E 32 -15.29 10.73 -4.83
N VAL E 33 -14.58 11.85 -4.81
CA VAL E 33 -14.05 12.40 -6.03
C VAL E 33 -12.56 12.71 -5.80
N PRO E 34 -11.71 12.12 -6.61
CA PRO E 34 -10.30 12.46 -6.48
C PRO E 34 -9.95 13.82 -7.06
N VAL E 35 -9.23 14.63 -6.30
CA VAL E 35 -8.85 15.97 -6.71
C VAL E 35 -7.36 16.20 -6.63
N VAL E 36 -6.95 17.32 -7.26
CA VAL E 36 -5.72 17.91 -6.99
C VAL E 36 -5.96 19.15 -6.12
N VAL E 37 -5.10 19.32 -5.12
CA VAL E 37 -5.11 20.44 -4.14
C VAL E 37 -3.89 21.23 -4.33
N SER E 38 -4.03 22.53 -4.42
CA SER E 38 -2.91 23.36 -4.61
C SER E 38 -3.03 24.57 -3.74
N ILE E 39 -1.93 24.93 -3.13
CA ILE E 39 -1.84 26.14 -2.28
C ILE E 39 -0.66 26.96 -2.86
N VAL E 40 -0.93 28.25 -3.03
CA VAL E 40 0.09 29.23 -3.35
C VAL E 40 0.18 30.28 -2.21
N ASP E 41 1.33 30.89 -2.07
CA ASP E 41 1.51 31.94 -1.09
C ASP E 41 1.00 33.27 -1.63
N ALA E 42 1.14 34.32 -0.84
CA ALA E 42 0.66 35.64 -1.24
C ALA E 42 1.31 36.20 -2.49
N HIS E 43 2.46 35.69 -2.88
CA HIS E 43 3.13 36.13 -4.12
C HIS E 43 2.83 35.21 -5.29
N GLY E 44 1.95 34.24 -5.10
CA GLY E 44 1.61 33.28 -6.16
C GLY E 44 2.58 32.12 -6.36
N THR E 45 3.54 31.94 -5.46
CA THR E 45 4.43 30.83 -5.57
C THR E 45 3.76 29.57 -5.09
N GLU E 46 3.87 28.52 -5.89
CA GLU E 46 3.44 27.17 -5.45
C GLU E 46 4.06 26.75 -4.16
N THR E 47 3.21 26.36 -3.20
CA THR E 47 3.69 26.02 -1.88
C THR E 47 3.38 24.57 -1.54
N VAL E 48 2.18 24.11 -1.87
CA VAL E 48 1.80 22.75 -1.71
C VAL E 48 1.04 22.28 -2.90
N THR E 49 1.33 21.07 -3.36
CA THR E 49 0.49 20.40 -4.28
C THR E 49 0.30 19.00 -3.77
N TRP E 50 -0.91 18.48 -3.92
CA TRP E 50 -1.21 17.07 -3.61
C TRP E 50 -2.23 16.52 -4.56
N ARG E 51 -1.87 15.42 -5.24
CA ARG E 51 -2.76 14.80 -6.19
C ARG E 51 -3.26 13.49 -5.66
N MET E 52 -4.54 13.35 -5.64
CA MET E 52 -5.19 12.08 -5.23
C MET E 52 -5.20 11.11 -6.40
N PRO E 53 -5.07 9.81 -6.10
CA PRO E 53 -5.05 8.84 -7.19
C PRO E 53 -6.27 8.96 -8.11
N ASP E 54 -6.04 8.84 -9.41
CA ASP E 54 -7.06 8.91 -10.45
C ASP E 54 -7.74 10.26 -10.64
N ALA E 55 -7.21 11.33 -10.05
CA ALA E 55 -7.72 12.65 -10.39
C ALA E 55 -7.59 12.92 -11.89
N LEU E 56 -8.55 13.65 -12.43
CA LEU E 56 -8.51 14.00 -13.88
C LEU E 56 -7.16 14.59 -14.18
N LEU E 57 -6.56 14.19 -15.31
CA LEU E 57 -5.26 14.80 -15.66
C LEU E 57 -5.27 16.31 -15.80
N VAL E 58 -6.33 16.86 -16.33
CA VAL E 58 -6.49 18.33 -16.43
C VAL E 58 -6.35 19.07 -15.09
N SER E 59 -6.81 18.40 -14.01
CA SER E 59 -6.73 19.01 -12.67
C SER E 59 -5.33 19.31 -12.15
N SER E 60 -4.32 18.60 -12.66
CA SER E 60 -2.89 18.94 -12.42
C SER E 60 -2.51 20.36 -12.84
N GLU E 61 -3.18 20.86 -13.86
CA GLU E 61 -2.94 22.24 -14.37
C GLU E 61 -3.97 23.20 -13.81
N LEU E 62 -5.25 22.74 -13.75
CA LEU E 62 -6.29 23.64 -13.29
C LEU E 62 -6.23 24.02 -11.80
N ALA E 63 -5.87 23.07 -10.94
CA ALA E 63 -5.81 23.43 -9.49
C ALA E 63 -4.74 24.53 -9.14
N PRO E 64 -3.48 24.39 -9.62
CA PRO E 64 -2.51 25.44 -9.31
C PRO E 64 -2.89 26.74 -9.96
N LYS E 65 -3.44 26.67 -11.16
CA LYS E 65 -3.94 27.92 -11.80
C LYS E 65 -5.03 28.61 -11.01
N LYS E 66 -5.99 27.84 -10.53
CA LYS E 66 -7.01 28.47 -9.67
C LYS E 66 -6.45 29.18 -8.48
N ALA E 67 -5.48 28.54 -7.82
CA ALA E 67 -4.87 29.08 -6.64
C ALA E 67 -4.14 30.34 -6.96
N TRP E 68 -3.38 30.29 -8.08
CA TRP E 68 -2.66 31.47 -8.53
C TRP E 68 -3.58 32.63 -8.92
N THR E 69 -4.67 32.32 -9.62
CA THR E 69 -5.65 33.32 -10.01
C THR E 69 -6.19 34.10 -8.79
N ALA E 70 -6.56 33.31 -7.76
CA ALA E 70 -7.10 33.87 -6.56
C ALA E 70 -6.19 34.96 -6.03
N VAL E 71 -4.89 34.70 -5.95
CA VAL E 71 -3.96 35.68 -5.45
C VAL E 71 -3.71 36.82 -6.48
N ALA E 72 -3.54 36.43 -7.74
CA ALA E 72 -3.19 37.38 -8.82
C ALA E 72 -4.28 38.39 -9.13
N MET E 73 -5.55 38.03 -8.86
CA MET E 73 -6.70 38.88 -8.97
C MET E 73 -7.42 39.22 -7.62
N LYS E 74 -6.87 38.76 -6.52
CA LYS E 74 -7.43 39.00 -5.18
C LYS E 74 -8.91 38.67 -5.12
N THR E 75 -9.29 37.51 -5.63
CA THR E 75 -10.67 37.14 -5.75
C THR E 75 -10.86 35.64 -5.66
N ALA E 76 -12.06 35.16 -5.39
CA ALA E 76 -12.35 33.72 -5.60
C ALA E 76 -12.58 33.55 -7.13
N THR E 77 -12.23 32.39 -7.66
CA THR E 77 -12.33 32.21 -9.10
C THR E 77 -13.78 32.17 -9.63
N HIS E 78 -14.77 31.76 -8.80
CA HIS E 78 -16.16 31.81 -9.24
C HIS E 78 -16.68 33.23 -9.40
N GLU E 79 -16.08 34.19 -8.73
CA GLU E 79 -16.40 35.59 -8.84
C GLU E 79 -15.91 36.20 -10.16
N LEU E 80 -15.08 35.50 -10.91
CA LEU E 80 -14.69 35.94 -12.26
C LEU E 80 -15.63 35.48 -13.37
N SER E 81 -16.53 34.51 -13.10
CA SER E 81 -17.29 33.88 -14.16
C SER E 81 -18.15 34.85 -14.93
N ASP E 82 -18.87 35.75 -14.22
CA ASP E 82 -19.70 36.70 -14.90
C ASP E 82 -18.86 37.74 -15.73
N VAL E 83 -17.75 38.16 -15.17
CA VAL E 83 -17.02 39.34 -15.70
C VAL E 83 -16.20 39.03 -16.96
N VAL E 84 -16.01 37.76 -17.24
CA VAL E 84 -15.29 37.35 -18.50
C VAL E 84 -16.22 36.88 -19.62
N GLN E 85 -17.54 36.91 -19.41
CA GLN E 85 -18.47 36.49 -20.43
C GLN E 85 -18.44 37.47 -21.63
N PRO E 86 -18.94 37.02 -22.80
CA PRO E 86 -19.21 37.93 -23.96
C PRO E 86 -20.09 39.06 -23.48
N GLY E 87 -19.72 40.31 -23.79
CA GLY E 87 -20.43 41.45 -23.35
C GLY E 87 -20.02 42.03 -21.98
N ALA E 88 -19.21 41.34 -21.21
CA ALA E 88 -18.81 41.78 -19.90
C ALA E 88 -17.42 42.39 -19.90
N ALA E 89 -17.07 43.00 -18.78
CA ALA E 89 -15.98 44.00 -18.75
C ALA E 89 -14.57 43.42 -19.11
N LEU E 90 -14.31 42.16 -18.70
CA LEU E 90 -13.09 41.49 -18.91
C LEU E 90 -13.20 40.29 -19.85
N TYR E 91 -14.12 40.36 -20.79
CA TYR E 91 -14.12 39.39 -21.90
C TYR E 91 -12.70 39.23 -22.51
N GLY E 92 -12.31 37.97 -22.75
CA GLY E 92 -11.03 37.63 -23.31
C GLY E 92 -9.91 37.41 -22.34
N LEU E 93 -10.16 37.63 -21.02
CA LEU E 93 -9.09 37.66 -20.02
C LEU E 93 -8.25 36.40 -19.99
N GLU E 94 -8.91 35.26 -20.15
CA GLU E 94 -8.26 33.97 -20.11
C GLU E 94 -7.21 33.84 -21.25
N SER E 95 -7.50 34.44 -22.40
CA SER E 95 -6.50 34.40 -23.51
C SER E 95 -5.44 35.49 -23.33
N HIS E 96 -5.84 36.66 -22.83
CA HIS E 96 -4.87 37.71 -22.57
C HIS E 96 -3.74 37.26 -21.66
N LEU E 97 -4.07 36.43 -20.63
CA LEU E 97 -3.12 36.02 -19.70
C LEU E 97 -2.60 34.60 -20.04
N GLN E 98 -2.78 34.18 -21.29
CA GLN E 98 -2.16 32.94 -21.86
C GLN E 98 -2.50 31.71 -21.02
N GLY E 99 -3.75 31.66 -20.56
CA GLY E 99 -4.20 30.52 -19.80
C GLY E 99 -3.81 30.48 -18.34
N LYS E 100 -3.17 31.54 -17.81
CA LYS E 100 -2.74 31.51 -16.41
C LYS E 100 -3.88 31.68 -15.41
N VAL E 101 -4.98 32.27 -15.84
CA VAL E 101 -6.13 32.51 -14.99
C VAL E 101 -7.26 31.52 -15.35
N VAL E 102 -7.93 31.01 -14.31
CA VAL E 102 -9.09 30.15 -14.47
C VAL E 102 -10.25 30.90 -13.88
N THR E 103 -11.35 30.92 -14.59
CA THR E 103 -12.48 31.80 -14.29
C THR E 103 -13.75 31.09 -13.88
N PHE E 104 -13.62 29.81 -13.56
CA PHE E 104 -14.72 29.08 -12.87
C PHE E 104 -14.26 28.65 -11.50
N GLY E 105 -15.27 28.26 -10.69
CA GLY E 105 -15.06 28.02 -9.30
C GLY E 105 -14.06 26.98 -8.90
N GLY E 106 -13.51 27.21 -7.72
CA GLY E 106 -12.62 26.26 -7.05
C GLY E 106 -11.37 26.86 -6.45
N GLY E 107 -11.12 28.14 -6.73
CA GLY E 107 -10.04 28.88 -6.19
C GLY E 107 -10.56 29.94 -5.24
N TYR E 108 -9.90 30.11 -4.11
CA TYR E 108 -10.20 31.11 -3.14
C TYR E 108 -8.95 31.81 -2.65
N ALA E 109 -9.05 33.11 -2.48
CA ALA E 109 -8.02 33.91 -1.86
C ALA E 109 -8.15 33.79 -0.34
N LEU E 110 -7.03 33.74 0.33
CA LEU E 110 -6.98 33.52 1.78
C LEU E 110 -6.47 34.82 2.43
N TRP E 111 -7.22 35.30 3.40
CA TRP E 111 -6.95 36.58 4.09
C TRP E 111 -6.94 36.44 5.62
N ARG E 112 -6.05 37.18 6.28
CA ARG E 112 -5.96 37.24 7.77
C ARG E 112 -5.73 38.68 8.11
N ASP E 113 -6.56 39.23 8.99
CA ASP E 113 -6.36 40.62 9.48
C ASP E 113 -6.16 41.63 8.36
N GLY E 114 -6.98 41.52 7.31
CA GLY E 114 -6.86 42.37 6.15
C GLY E 114 -5.68 42.14 5.21
N ILE E 115 -4.89 41.09 5.43
CA ILE E 115 -3.69 40.82 4.66
C ILE E 115 -3.95 39.56 3.82
N LEU E 116 -3.58 39.64 2.55
CA LEU E 116 -3.65 38.49 1.65
C LEU E 116 -2.50 37.57 1.98
N ILE E 117 -2.80 36.31 2.27
CA ILE E 117 -1.73 35.37 2.65
C ILE E 117 -1.52 34.19 1.68
N GLY E 118 -2.45 33.99 0.77
CA GLY E 118 -2.33 32.88 -0.15
C GLY E 118 -3.60 32.65 -0.91
N GLY E 119 -3.56 31.53 -1.61
CA GLY E 119 -4.59 31.07 -2.48
C GLY E 119 -4.67 29.57 -2.44
N LEU E 120 -5.90 29.08 -2.47
CA LEU E 120 -6.16 27.64 -2.50
C LEU E 120 -6.92 27.33 -3.77
N GLY E 121 -6.56 26.25 -4.41
CA GLY E 121 -7.24 25.77 -5.59
C GLY E 121 -7.49 24.28 -5.61
N ILE E 122 -8.70 23.93 -6.03
CA ILE E 122 -9.15 22.55 -6.12
C ILE E 122 -9.69 22.27 -7.50
N SER E 123 -9.31 21.14 -8.06
CA SER E 123 -9.86 20.71 -9.28
C SER E 123 -9.95 19.21 -9.31
N GLY E 124 -10.95 18.73 -10.02
CA GLY E 124 -11.15 17.29 -10.19
C GLY E 124 -12.58 16.82 -10.14
N GLY E 125 -13.42 17.58 -9.47
CA GLY E 125 -14.86 17.34 -9.48
C GLY E 125 -15.63 18.29 -10.34
N SER E 126 -16.93 18.35 -10.11
CA SER E 126 -17.74 19.38 -10.74
C SER E 126 -17.23 20.67 -10.14
N VAL E 127 -17.58 21.80 -10.73
CA VAL E 127 -17.25 23.07 -10.20
C VAL E 127 -17.82 23.23 -8.73
N GLU E 128 -19.04 22.76 -8.53
CA GLU E 128 -19.66 22.77 -7.18
C GLU E 128 -18.88 21.95 -6.20
N GLN E 129 -18.47 20.76 -6.59
CA GLN E 129 -17.69 19.91 -5.70
C GLN E 129 -16.37 20.52 -5.33
N ASP E 130 -15.72 21.15 -6.32
CA ASP E 130 -14.45 21.78 -6.10
C ASP E 130 -14.57 22.94 -5.12
N MET E 131 -15.63 23.72 -5.24
CA MET E 131 -15.91 24.78 -4.33
C MET E 131 -16.17 24.23 -2.90
N ASP E 132 -16.99 23.22 -2.81
CA ASP E 132 -17.30 22.56 -1.51
C ASP E 132 -16.06 22.13 -0.83
N ILE E 133 -15.21 21.40 -1.54
CA ILE E 133 -13.92 20.97 -0.99
C ILE E 133 -13.03 22.12 -0.51
N ALA E 134 -12.92 23.17 -1.34
CA ALA E 134 -12.16 24.32 -1.01
C ALA E 134 -12.72 25.02 0.24
N GLN E 135 -14.00 25.24 0.27
CA GLN E 135 -14.66 25.90 1.42
C GLN E 135 -14.51 25.11 2.71
N THR E 136 -14.65 23.81 2.61
CA THR E 136 -14.47 22.91 3.78
C THR E 136 -13.06 23.02 4.31
N ALA E 137 -12.05 23.02 3.41
CA ALA E 137 -10.67 23.06 3.82
C ALA E 137 -10.38 24.38 4.50
N ILE E 138 -10.92 25.46 3.95
CA ILE E 138 -10.71 26.78 4.47
C ILE E 138 -11.31 26.94 5.89
N ALA E 139 -12.48 26.36 6.08
CA ALA E 139 -13.14 26.34 7.40
C ALA E 139 -12.29 25.59 8.44
N ALA E 140 -11.41 24.66 8.04
CA ALA E 140 -10.57 23.92 8.99
C ALA E 140 -9.50 24.78 9.63
N ILE E 141 -9.19 25.94 9.07
CA ILE E 141 -8.21 26.77 9.68
C ILE E 141 -8.68 28.12 10.01
N ASN E 142 -9.88 28.67 9.84
CA ASN E 142 -9.85 30.22 10.35
C ASN E 142 -8.85 31.22 9.69
N VAL E 143 -9.24 31.45 8.48
CA VAL E 143 -8.81 32.51 7.73
C VAL E 143 -10.08 32.88 7.08
N GLY E 144 -10.07 34.03 6.48
CA GLY E 144 -11.18 34.49 5.74
C GLY E 144 -10.90 34.37 4.24
N THR E 145 -11.98 34.47 3.49
CA THR E 145 -11.92 34.47 2.02
C THR E 145 -12.15 35.85 1.39
N HIS E 146 -12.23 36.87 2.22
CA HIS E 146 -12.33 38.24 1.77
C HIS E 146 -11.57 39.10 2.71
N GLN E 147 -11.11 40.22 2.15
CA GLN E 147 -10.39 41.16 2.93
C GLN E 147 -11.30 41.72 4.01
N VAL F 10 1.86 -2.15 -5.50
CA VAL F 10 3.28 -1.74 -5.62
C VAL F 10 3.52 -0.21 -5.71
N ALA F 11 2.59 0.54 -6.28
CA ALA F 11 2.66 1.98 -6.36
C ALA F 11 3.01 2.66 -5.07
N LEU F 12 3.31 3.96 -5.15
CA LEU F 12 3.50 4.75 -3.95
C LEU F 12 2.19 4.89 -3.22
N SER F 13 2.18 4.47 -1.96
CA SER F 13 1.02 4.61 -1.07
C SER F 13 1.03 5.99 -0.42
N PHE F 14 -0.07 6.30 0.28
CA PHE F 14 -0.14 7.54 1.05
C PHE F 14 1.03 7.63 2.01
N HIS F 15 1.26 6.50 2.71
CA HIS F 15 2.36 6.43 3.67
C HIS F 15 3.73 6.69 3.01
N ASP F 16 3.96 6.08 1.86
CA ASP F 16 5.20 6.35 1.10
C ASP F 16 5.39 7.87 0.85
N LEU F 17 4.36 8.50 0.34
CA LEU F 17 4.42 9.91 -0.08
C LEU F 17 4.64 10.82 1.11
N HIS F 18 3.89 10.50 2.20
CA HIS F 18 3.91 11.28 3.44
C HIS F 18 5.26 11.17 4.13
N GLN F 19 5.81 9.95 4.21
CA GLN F 19 7.15 9.72 4.74
C GLN F 19 8.28 10.28 3.90
N LEU F 20 8.22 10.11 2.57
CA LEU F 20 9.26 10.76 1.72
C LEU F 20 9.34 12.26 1.97
N THR F 21 8.19 12.89 1.96
CA THR F 21 8.10 14.35 2.07
C THR F 21 8.57 14.83 3.47
N ARG F 22 8.06 14.17 4.52
CA ARG F 22 8.48 14.46 5.90
C ARG F 22 9.95 14.29 6.12
N ALA F 23 10.48 13.17 5.65
CA ALA F 23 11.89 12.92 5.82
C ALA F 23 12.75 13.94 5.04
N ALA F 24 12.32 14.31 3.84
CA ALA F 24 13.11 15.29 3.03
C ALA F 24 13.15 16.65 3.77
N VAL F 25 11.97 17.08 4.23
CA VAL F 25 11.87 18.38 4.94
C VAL F 25 12.72 18.32 6.23
N GLU F 26 12.61 17.21 6.96
CA GLU F 26 13.42 17.06 8.20
C GLU F 26 14.92 17.13 7.94
N ARG F 27 15.39 16.43 6.90
CA ARG F 27 16.78 16.49 6.55
C ARG F 27 17.25 17.88 6.10
N ALA F 28 16.43 18.54 5.28
CA ALA F 28 16.71 19.92 4.91
C ALA F 28 16.84 20.86 6.14
N GLN F 29 15.94 20.70 7.10
CA GLN F 29 16.03 21.46 8.36
C GLN F 29 17.33 21.17 9.11
N GLN F 30 17.76 19.91 9.18
CA GLN F 30 19.05 19.56 9.80
C GLN F 30 20.20 20.22 9.09
N LEU F 31 20.15 20.27 7.75
CA LEU F 31 21.19 20.96 6.97
C LEU F 31 21.07 22.47 6.96
N GLN F 32 20.00 22.99 7.52
CA GLN F 32 19.66 24.42 7.51
C GLN F 32 19.60 25.01 6.11
N VAL F 33 18.97 24.28 5.18
CA VAL F 33 18.77 24.83 3.85
C VAL F 33 17.32 24.63 3.45
N PRO F 34 16.66 25.69 3.01
CA PRO F 34 15.22 25.49 2.57
C PRO F 34 15.20 24.93 1.17
N VAL F 35 14.41 23.89 0.95
CA VAL F 35 14.29 23.30 -0.39
C VAL F 35 12.82 23.19 -0.85
N VAL F 36 12.67 22.85 -2.13
CA VAL F 36 11.45 22.42 -2.71
C VAL F 36 11.66 20.91 -2.82
N VAL F 37 10.64 20.17 -2.40
CA VAL F 37 10.50 18.75 -2.57
C VAL F 37 9.40 18.47 -3.61
N SER F 38 9.68 17.60 -4.55
CA SER F 38 8.70 17.21 -5.52
C SER F 38 8.72 15.72 -5.73
N ILE F 39 7.54 15.18 -5.83
CA ILE F 39 7.39 13.71 -6.12
C ILE F 39 6.47 13.62 -7.32
N VAL F 40 6.86 12.78 -8.25
CA VAL F 40 6.03 12.43 -9.37
C VAL F 40 5.74 10.94 -9.32
N ASP F 41 4.65 10.54 -9.95
CA ASP F 41 4.37 9.10 -10.10
C ASP F 41 5.13 8.47 -11.24
N ALA F 42 4.86 7.20 -11.51
CA ALA F 42 5.55 6.50 -12.61
C ALA F 42 5.33 7.06 -13.99
N HIS F 43 4.29 7.86 -14.16
CA HIS F 43 3.96 8.45 -15.48
C HIS F 43 4.43 9.87 -15.55
N GLY F 44 5.08 10.36 -14.51
CA GLY F 44 5.61 11.71 -14.51
C GLY F 44 4.67 12.75 -14.00
N THR F 45 3.51 12.33 -13.43
CA THR F 45 2.50 13.30 -13.00
C THR F 45 2.89 13.80 -11.66
N GLU F 46 2.87 15.11 -11.49
CA GLU F 46 3.17 15.71 -10.21
C GLU F 46 2.15 15.19 -9.15
N THR F 47 2.70 14.68 -8.07
CA THR F 47 1.87 14.05 -7.02
C THR F 47 1.98 14.77 -5.70
N VAL F 48 3.22 15.17 -5.30
CA VAL F 48 3.41 16.03 -4.14
C VAL F 48 4.41 17.13 -4.45
N THR F 49 4.14 18.33 -3.97
CA THR F 49 5.11 19.41 -3.99
C THR F 49 5.03 20.07 -2.63
N TRP F 50 6.18 20.39 -2.09
CA TRP F 50 6.24 21.16 -0.84
C TRP F 50 7.41 22.13 -0.94
N ARG F 51 7.16 23.39 -0.68
CA ARG F 51 8.15 24.43 -0.68
C ARG F 51 8.38 24.92 0.76
N MET F 52 9.61 24.82 1.22
CA MET F 52 10.00 25.41 2.49
C MET F 52 10.20 26.92 2.36
N PRO F 53 9.87 27.68 3.42
CA PRO F 53 10.04 29.12 3.34
C PRO F 53 11.43 29.52 2.91
N ASP F 54 11.49 30.50 2.04
CA ASP F 54 12.73 31.09 1.53
C ASP F 54 13.53 30.21 0.56
N ALA F 55 12.98 29.08 0.09
CA ALA F 55 13.69 28.29 -0.88
C ALA F 55 13.96 29.17 -2.11
N LEU F 56 15.10 28.97 -2.74
CA LEU F 56 15.42 29.72 -3.96
C LEU F 56 14.22 29.61 -4.95
N LEU F 57 13.81 30.71 -5.53
CA LEU F 57 12.72 30.70 -6.47
C LEU F 57 12.93 29.71 -7.63
N VAL F 58 14.16 29.58 -8.14
CA VAL F 58 14.45 28.60 -9.21
C VAL F 58 14.09 27.15 -8.83
N SER F 59 14.17 26.83 -7.55
CA SER F 59 13.88 25.53 -7.06
C SER F 59 12.43 25.08 -7.30
N SER F 60 11.51 26.04 -7.43
CA SER F 60 10.10 25.76 -7.77
C SER F 60 9.96 25.11 -9.14
N GLU F 61 10.87 25.45 -10.06
CA GLU F 61 10.92 24.79 -11.36
C GLU F 61 11.89 23.60 -11.38
N LEU F 62 13.03 23.70 -10.71
CA LEU F 62 14.03 22.61 -10.77
C LEU F 62 13.64 21.34 -10.07
N ALA F 63 12.94 21.44 -8.93
CA ALA F 63 12.64 20.17 -8.22
C ALA F 63 11.69 19.31 -8.97
N PRO F 64 10.54 19.85 -9.44
CA PRO F 64 9.66 18.99 -10.20
C PRO F 64 10.26 18.47 -11.52
N LYS F 65 11.08 19.30 -12.17
CA LYS F 65 11.81 18.81 -13.34
C LYS F 65 12.80 17.67 -13.03
N LYS F 66 13.47 17.72 -11.88
CA LYS F 66 14.34 16.63 -11.51
C LYS F 66 13.58 15.34 -11.28
N ALA F 67 12.44 15.47 -10.59
CA ALA F 67 11.60 14.30 -10.34
C ALA F 67 11.07 13.71 -11.66
N TRP F 68 10.62 14.60 -12.55
CA TRP F 68 10.15 14.17 -13.88
C TRP F 68 11.23 13.50 -14.71
N THR F 69 12.40 14.11 -14.75
CA THR F 69 13.58 13.57 -15.44
C THR F 69 13.94 12.17 -15.00
N ALA F 70 13.91 11.93 -13.67
CA ALA F 70 14.18 10.61 -13.11
C ALA F 70 13.25 9.51 -13.68
N VAL F 71 11.97 9.79 -13.80
CA VAL F 71 11.03 8.88 -14.40
C VAL F 71 11.20 8.81 -15.93
N ALA F 72 11.28 9.95 -16.57
CA ALA F 72 11.29 10.05 -18.03
C ALA F 72 12.53 9.45 -18.68
N MET F 73 13.62 9.36 -17.93
CA MET F 73 14.87 8.74 -18.38
C MET F 73 15.30 7.53 -17.54
N LYS F 74 14.46 7.15 -16.57
CA LYS F 74 14.70 6.01 -15.69
C LYS F 74 16.10 6.05 -15.10
N THR F 75 16.46 7.19 -14.51
CA THR F 75 17.82 7.41 -14.03
C THR F 75 17.82 8.37 -12.87
N ALA F 76 18.89 8.46 -12.09
CA ALA F 76 19.06 9.56 -11.20
C ALA F 76 19.64 10.73 -12.03
N THR F 77 19.29 11.96 -11.68
CA THR F 77 19.70 13.11 -12.53
C THR F 77 21.20 13.36 -12.50
N HIS F 78 21.91 13.06 -11.40
CA HIS F 78 23.36 13.17 -11.41
C HIS F 78 24.05 12.25 -12.43
N GLU F 79 23.39 11.17 -12.79
CA GLU F 79 23.92 10.22 -13.75
C GLU F 79 23.87 10.73 -15.16
N LEU F 80 23.12 11.82 -15.39
CA LEU F 80 23.11 12.46 -16.68
C LEU F 80 24.21 13.50 -16.90
N SER F 81 24.96 13.89 -15.86
CA SER F 81 25.90 15.01 -15.95
C SER F 81 27.04 14.78 -16.95
N ASP F 82 27.62 13.60 -16.96
CA ASP F 82 28.67 13.33 -17.89
C ASP F 82 28.17 13.15 -19.35
N VAL F 83 27.01 12.56 -19.57
CA VAL F 83 26.54 12.18 -20.88
C VAL F 83 26.02 13.38 -21.74
N VAL F 84 25.83 14.53 -21.10
CA VAL F 84 25.37 15.73 -21.83
C VAL F 84 26.48 16.73 -22.09
N GLN F 85 27.71 16.43 -21.70
CA GLN F 85 28.80 17.36 -21.86
C GLN F 85 29.14 17.47 -23.34
N PRO F 86 29.81 18.56 -23.74
CA PRO F 86 30.42 18.64 -25.06
C PRO F 86 31.25 17.41 -25.31
N GLY F 87 31.06 16.80 -26.48
CA GLY F 87 31.77 15.58 -26.82
C GLY F 87 31.09 14.30 -26.40
N ALA F 88 30.09 14.35 -25.53
CA ALA F 88 29.46 13.14 -25.01
C ALA F 88 28.25 12.76 -25.83
N ALA F 89 27.73 11.57 -25.58
CA ALA F 89 26.70 11.01 -26.46
C ALA F 89 25.40 11.85 -26.62
N LEU F 90 24.97 12.50 -25.54
CA LEU F 90 23.65 13.21 -25.50
C LEU F 90 23.84 14.72 -25.31
N TYR F 91 24.95 15.25 -25.82
CA TYR F 91 25.17 16.65 -25.86
C TYR F 91 23.94 17.33 -26.50
N GLY F 92 23.50 18.40 -25.86
CA GLY F 92 22.36 19.16 -26.30
C GLY F 92 20.99 18.73 -25.77
N LEU F 93 20.96 17.62 -25.02
CA LEU F 93 19.70 17.06 -24.56
C LEU F 93 18.76 18.05 -23.88
N GLU F 94 19.33 18.91 -23.03
CA GLU F 94 18.55 19.88 -22.24
C GLU F 94 17.79 20.85 -23.17
N SER F 95 18.39 21.19 -24.34
CA SER F 95 17.65 21.99 -25.32
C SER F 95 16.69 21.19 -26.19
N HIS F 96 17.09 19.98 -26.61
CA HIS F 96 16.21 19.11 -27.34
C HIS F 96 14.86 18.85 -26.64
N LEU F 97 14.90 18.74 -25.32
CA LEU F 97 13.70 18.53 -24.52
C LEU F 97 13.15 19.83 -23.92
N GLN F 98 13.55 20.95 -24.46
CA GLN F 98 12.97 22.30 -24.14
C GLN F 98 12.94 22.61 -22.62
N GLY F 99 14.02 22.24 -21.97
CA GLY F 99 14.20 22.50 -20.54
C GLY F 99 13.49 21.56 -19.62
N LYS F 100 12.88 20.48 -20.15
CA LYS F 100 12.12 19.59 -19.23
C LYS F 100 13.00 18.65 -18.42
N VAL F 101 14.24 18.44 -18.87
CA VAL F 101 15.17 17.57 -18.17
C VAL F 101 16.25 18.38 -17.50
N VAL F 102 16.57 17.99 -16.26
CA VAL F 102 17.65 18.63 -15.49
C VAL F 102 18.71 17.52 -15.33
N THR F 103 19.96 17.90 -15.56
CA THR F 103 21.05 16.99 -15.71
C THR F 103 22.14 17.13 -14.66
N PHE F 104 21.82 17.77 -13.54
CA PHE F 104 22.61 17.72 -12.34
C PHE F 104 21.81 17.13 -11.17
N GLY F 105 22.53 16.72 -10.15
CA GLY F 105 21.98 15.89 -9.05
C GLY F 105 20.78 16.48 -8.28
N GLY F 106 19.98 15.57 -7.76
CA GLY F 106 18.89 15.85 -6.87
C GLY F 106 17.63 15.11 -7.19
N GLY F 107 17.60 14.44 -8.33
CA GLY F 107 16.48 13.64 -8.76
C GLY F 107 16.81 12.19 -8.80
N TYR F 108 15.90 11.35 -8.29
CA TYR F 108 16.09 9.92 -8.25
C TYR F 108 14.83 9.22 -8.71
N ALA F 109 15.02 8.15 -9.44
CA ALA F 109 13.94 7.25 -9.81
C ALA F 109 13.68 6.28 -8.63
N LEU F 110 12.41 5.92 -8.42
CA LEU F 110 12.01 5.09 -7.31
C LEU F 110 11.47 3.78 -7.87
N TRP F 111 12.02 2.68 -7.38
CA TRP F 111 11.67 1.36 -7.86
C TRP F 111 11.24 0.44 -6.71
N ARG F 112 10.29 -0.45 -6.98
CA ARG F 112 9.88 -1.50 -6.01
C ARG F 112 9.58 -2.78 -6.78
N ASP F 113 10.25 -3.87 -6.40
CA ASP F 113 10.03 -5.19 -7.05
C ASP F 113 10.20 -5.12 -8.56
N GLY F 114 11.24 -4.42 -9.01
CA GLY F 114 11.49 -4.26 -10.47
C GLY F 114 10.58 -3.32 -11.26
N ILE F 115 9.68 -2.63 -10.56
CA ILE F 115 8.70 -1.76 -11.20
C ILE F 115 9.02 -0.29 -10.81
N LEU F 116 8.99 0.59 -11.80
CA LEU F 116 9.23 2.03 -11.57
C LEU F 116 7.96 2.57 -10.97
N ILE F 117 8.04 3.14 -9.78
CA ILE F 117 6.84 3.70 -9.13
C ILE F 117 6.81 5.21 -9.01
N GLY F 118 7.90 5.88 -9.33
CA GLY F 118 7.90 7.35 -9.24
C GLY F 118 9.29 7.95 -9.32
N GLY F 119 9.30 9.26 -9.09
CA GLY F 119 10.50 10.05 -9.05
C GLY F 119 10.46 11.05 -7.90
N LEU F 120 11.63 11.35 -7.30
CA LEU F 120 11.76 12.34 -6.28
C LEU F 120 12.72 13.37 -6.75
N GLY F 121 12.40 14.65 -6.50
CA GLY F 121 13.31 15.76 -6.85
C GLY F 121 13.44 16.77 -5.72
N ILE F 122 14.68 17.15 -5.44
CA ILE F 122 15.00 18.14 -4.44
C ILE F 122 15.81 19.25 -5.12
N SER F 123 15.45 20.49 -4.80
CA SER F 123 16.24 21.62 -5.20
C SER F 123 16.22 22.70 -4.12
N GLY F 124 17.34 23.44 -4.03
CA GLY F 124 17.41 24.58 -3.12
C GLY F 124 18.80 24.73 -2.46
N GLY F 125 19.52 23.63 -2.33
CA GLY F 125 20.87 23.64 -1.80
C GLY F 125 21.92 23.58 -2.87
N SER F 126 23.15 23.25 -2.46
CA SER F 126 24.15 22.80 -3.42
C SER F 126 23.66 21.48 -3.97
N VAL F 127 24.23 21.06 -5.08
CA VAL F 127 23.88 19.80 -5.68
C VAL F 127 24.08 18.67 -4.65
N GLU F 128 25.17 18.76 -3.86
CA GLU F 128 25.47 17.73 -2.86
C GLU F 128 24.40 17.70 -1.78
N GLN F 129 23.96 18.87 -1.31
CA GLN F 129 22.91 18.93 -0.34
C GLN F 129 21.62 18.35 -0.88
N ASP F 130 21.28 18.70 -2.11
CA ASP F 130 20.04 18.23 -2.72
C ASP F 130 20.07 16.69 -2.78
N MET F 131 21.20 16.14 -3.18
CA MET F 131 21.34 14.68 -3.22
C MET F 131 21.27 14.02 -1.84
N ASP F 132 21.92 14.62 -0.85
CA ASP F 132 21.84 14.13 0.56
C ASP F 132 20.43 14.10 1.05
N ILE F 133 19.73 15.20 0.88
CA ILE F 133 18.31 15.27 1.25
C ILE F 133 17.50 14.19 0.56
N ALA F 134 17.66 14.08 -0.76
CA ALA F 134 16.92 13.09 -1.52
C ALA F 134 17.22 11.64 -1.02
N GLN F 135 18.50 11.32 -0.90
CA GLN F 135 18.90 9.99 -0.44
C GLN F 135 18.37 9.67 0.97
N THR F 136 18.41 10.65 1.86
CA THR F 136 17.86 10.50 3.22
C THR F 136 16.40 10.21 3.19
N ALA F 137 15.64 10.96 2.37
CA ALA F 137 14.24 10.73 2.26
C ALA F 137 13.95 9.32 1.79
N ILE F 138 14.65 8.91 0.75
CA ILE F 138 14.39 7.63 0.12
C ILE F 138 14.67 6.47 1.08
N ALA F 139 15.75 6.61 1.85
CA ALA F 139 16.06 5.68 2.95
C ALA F 139 14.95 5.54 4.00
N ALA F 140 14.09 6.54 4.15
CA ALA F 140 12.97 6.45 5.05
C ALA F 140 11.85 5.51 4.64
N ILE F 141 11.77 5.08 3.38
CA ILE F 141 10.72 4.19 2.96
C ILE F 141 11.34 2.94 2.31
N ASN F 142 10.52 1.96 2.02
CA ASN F 142 11.06 0.68 1.53
C ASN F 142 11.08 0.71 0.00
N VAL F 143 12.08 1.39 -0.59
CA VAL F 143 12.28 1.43 -2.05
C VAL F 143 13.70 1.50 -2.50
N GLY F 144 13.91 1.12 -3.74
CA GLY F 144 15.23 1.18 -4.37
C GLY F 144 15.31 2.36 -5.35
N THR F 145 16.52 2.71 -5.72
CA THR F 145 16.79 3.73 -6.72
C THR F 145 17.22 3.18 -8.04
N HIS F 146 17.18 1.85 -8.16
CA HIS F 146 17.53 1.19 -9.40
C HIS F 146 16.61 0.00 -9.54
N GLN F 147 16.34 -0.42 -10.76
CA GLN F 147 15.47 -1.57 -11.00
C GLN F 147 15.99 -2.85 -10.31
N VAL G 10 -6.01 -6.18 -18.92
CA VAL G 10 -6.96 -5.14 -19.35
C VAL G 10 -6.45 -4.09 -20.40
N ALA G 11 -5.22 -3.60 -20.31
CA ALA G 11 -4.69 -2.56 -21.26
C ALA G 11 -4.91 -2.85 -22.72
N LEU G 12 -4.68 -1.83 -23.58
CA LEU G 12 -4.75 -2.04 -25.01
C LEU G 12 -3.60 -2.90 -25.49
N SER G 13 -3.92 -4.02 -26.13
CA SER G 13 -2.95 -4.95 -26.62
C SER G 13 -2.51 -4.48 -28.00
N PHE G 14 -1.50 -5.14 -28.55
CA PHE G 14 -1.10 -4.91 -29.93
C PHE G 14 -2.27 -5.10 -30.85
N HIS G 15 -2.98 -6.21 -30.68
CA HIS G 15 -4.17 -6.49 -31.50
C HIS G 15 -5.22 -5.35 -31.38
N ASP G 16 -5.48 -4.87 -30.16
CA ASP G 16 -6.43 -3.74 -30.00
C ASP G 16 -6.03 -2.54 -30.79
N LEU G 17 -4.76 -2.18 -30.70
CA LEU G 17 -4.23 -0.95 -31.33
C LEU G 17 -4.26 -1.07 -32.84
N HIS G 18 -3.83 -2.24 -33.31
CA HIS G 18 -3.76 -2.54 -34.73
C HIS G 18 -5.15 -2.55 -35.39
N GLN G 19 -6.11 -3.23 -34.76
CA GLN G 19 -7.49 -3.22 -35.23
C GLN G 19 -8.19 -1.90 -35.16
N LEU G 20 -8.02 -1.13 -34.07
CA LEU G 20 -8.54 0.22 -34.05
C LEU G 20 -8.08 1.03 -35.25
N THR G 21 -6.81 1.00 -35.50
CA THR G 21 -6.18 1.81 -36.53
C THR G 21 -6.63 1.39 -37.90
N ARG G 22 -6.57 0.07 -38.17
CA ARG G 22 -7.08 -0.53 -39.43
C ARG G 22 -8.49 -0.22 -39.70
N ALA G 23 -9.32 -0.34 -38.68
CA ALA G 23 -10.76 -0.05 -38.85
C ALA G 23 -11.08 1.43 -39.05
N ALA G 24 -10.37 2.33 -38.37
CA ALA G 24 -10.54 3.76 -38.59
C ALA G 24 -10.16 4.12 -40.03
N VAL G 25 -9.00 3.66 -40.50
CA VAL G 25 -8.55 3.96 -41.84
C VAL G 25 -9.52 3.41 -42.87
N GLU G 26 -9.98 2.16 -42.69
CA GLU G 26 -10.95 1.56 -43.60
C GLU G 26 -12.23 2.37 -43.70
N ARG G 27 -12.76 2.82 -42.56
CA ARG G 27 -13.97 3.60 -42.54
C ARG G 27 -13.74 4.92 -43.22
N ALA G 28 -12.58 5.52 -42.97
CA ALA G 28 -12.27 6.83 -43.60
C ALA G 28 -12.24 6.65 -45.17
N GLN G 29 -11.65 5.54 -45.61
CA GLN G 29 -11.60 5.25 -47.02
C GLN G 29 -13.03 5.10 -47.59
N GLN G 30 -13.92 4.43 -46.88
CA GLN G 30 -15.34 4.28 -47.31
C GLN G 30 -16.03 5.64 -47.42
N LEU G 31 -15.74 6.54 -46.49
CA LEU G 31 -16.29 7.88 -46.55
C LEU G 31 -15.56 8.79 -47.47
N GLN G 32 -14.44 8.33 -48.02
CA GLN G 32 -13.59 9.14 -48.97
C GLN G 32 -13.06 10.45 -48.33
N VAL G 33 -12.64 10.33 -47.10
CA VAL G 33 -12.08 11.49 -46.42
C VAL G 33 -10.79 11.05 -45.74
N PRO G 34 -9.69 11.78 -45.99
CA PRO G 34 -8.46 11.39 -45.30
C PRO G 34 -8.41 11.96 -43.89
N VAL G 35 -8.02 11.13 -42.92
CA VAL G 35 -7.94 11.56 -41.52
C VAL G 35 -6.58 11.24 -40.91
N VAL G 36 -6.36 11.79 -39.72
CA VAL G 36 -5.35 11.42 -38.83
C VAL G 36 -6.06 10.63 -37.74
N VAL G 37 -5.46 9.50 -37.41
CA VAL G 37 -5.93 8.58 -36.32
C VAL G 37 -4.90 8.72 -35.22
N SER G 38 -5.33 8.95 -33.99
CA SER G 38 -4.44 8.96 -32.89
C SER G 38 -5.00 8.14 -31.72
N ILE G 39 -4.10 7.41 -31.07
CA ILE G 39 -4.48 6.62 -29.90
C ILE G 39 -3.52 6.94 -28.81
N VAL G 40 -4.04 7.21 -27.63
CA VAL G 40 -3.24 7.45 -26.45
C VAL G 40 -3.54 6.36 -25.43
N ASP G 41 -2.61 6.12 -24.51
CA ASP G 41 -2.88 5.16 -23.47
C ASP G 41 -3.66 5.80 -22.32
N ALA G 42 -3.86 5.07 -21.24
CA ALA G 42 -4.64 5.58 -20.09
C ALA G 42 -3.95 6.72 -19.37
N HIS G 43 -2.66 6.94 -19.61
CA HIS G 43 -1.94 8.09 -19.01
C HIS G 43 -1.79 9.24 -19.99
N GLY G 44 -2.41 9.12 -21.15
CA GLY G 44 -2.39 10.19 -22.14
C GLY G 44 -1.19 10.16 -23.06
N THR G 45 -0.44 9.07 -23.07
CA THR G 45 0.81 9.06 -23.86
C THR G 45 0.50 8.58 -25.24
N GLU G 46 0.98 9.35 -26.25
CA GLU G 46 0.77 9.00 -27.63
C GLU G 46 1.31 7.61 -27.94
N THR G 47 0.44 6.76 -28.41
CA THR G 47 0.78 5.34 -28.64
C THR G 47 0.80 5.00 -30.10
N VAL G 48 -0.21 5.50 -30.87
CA VAL G 48 -0.24 5.30 -32.27
C VAL G 48 -0.66 6.62 -32.92
N THR G 49 -0.01 7.01 -34.00
CA THR G 49 -0.50 8.05 -34.88
C THR G 49 -0.37 7.59 -36.31
N TRP G 50 -1.39 7.77 -37.08
CA TRP G 50 -1.38 7.39 -38.53
C TRP G 50 -2.06 8.54 -39.31
N ARG G 51 -1.35 9.13 -40.26
CA ARG G 51 -1.88 10.16 -41.14
C ARG G 51 -2.15 9.60 -42.51
N MET G 52 -3.37 9.66 -42.96
CA MET G 52 -3.71 9.33 -44.36
C MET G 52 -3.25 10.48 -45.30
N PRO G 53 -2.82 10.14 -46.54
CA PRO G 53 -2.39 11.18 -47.49
C PRO G 53 -3.47 12.26 -47.74
N ASP G 54 -3.03 13.50 -47.80
CA ASP G 54 -3.84 14.68 -47.95
C ASP G 54 -4.79 15.01 -46.77
N ALA G 55 -4.64 14.40 -45.58
CA ALA G 55 -5.42 14.86 -44.42
C ALA G 55 -5.13 16.35 -44.13
N LEU G 56 -6.14 17.09 -43.74
CA LEU G 56 -5.97 18.49 -43.38
C LEU G 56 -4.80 18.63 -42.42
N LEU G 57 -3.92 19.58 -42.68
CA LEU G 57 -2.81 19.77 -41.81
C LEU G 57 -3.23 19.92 -40.34
N VAL G 58 -4.28 20.66 -40.09
CA VAL G 58 -4.74 20.86 -38.66
C VAL G 58 -4.99 19.55 -37.96
N SER G 59 -5.40 18.55 -38.71
CA SER G 59 -5.71 17.24 -38.14
C SER G 59 -4.53 16.54 -37.39
N SER G 60 -3.30 16.86 -37.78
CA SER G 60 -2.12 16.40 -37.13
C SER G 60 -1.99 16.87 -35.70
N GLU G 61 -2.59 18.02 -35.39
CA GLU G 61 -2.63 18.54 -34.03
C GLU G 61 -3.97 18.13 -33.35
N LEU G 62 -5.09 18.22 -34.09
CA LEU G 62 -6.39 17.97 -33.48
C LEU G 62 -6.62 16.51 -33.10
N ALA G 63 -6.17 15.55 -33.91
CA ALA G 63 -6.47 14.15 -33.55
C ALA G 63 -5.80 13.69 -32.24
N PRO G 64 -4.52 13.90 -32.07
CA PRO G 64 -3.94 13.60 -30.79
C PRO G 64 -4.49 14.37 -29.63
N LYS G 65 -4.83 15.64 -29.85
CA LYS G 65 -5.49 16.39 -28.76
C LYS G 65 -6.87 15.82 -28.37
N LYS G 66 -7.64 15.37 -29.35
CA LYS G 66 -8.89 14.70 -29.04
C LYS G 66 -8.74 13.42 -28.24
N ALA G 67 -7.76 12.59 -28.63
CA ALA G 67 -7.44 11.40 -27.88
C ALA G 67 -6.98 11.69 -26.45
N TRP G 68 -6.08 12.67 -26.31
CA TRP G 68 -5.64 13.13 -25.00
C TRP G 68 -6.76 13.70 -24.12
N THR G 69 -7.64 14.50 -24.71
CA THR G 69 -8.76 15.12 -23.97
C THR G 69 -9.66 14.03 -23.40
N ALA G 70 -9.95 13.00 -24.20
CA ALA G 70 -10.77 11.92 -23.81
C ALA G 70 -10.28 11.26 -22.51
N VAL G 71 -8.97 11.01 -22.43
CA VAL G 71 -8.39 10.42 -21.21
C VAL G 71 -8.31 11.46 -20.09
N ALA G 72 -7.90 12.71 -20.43
CA ALA G 72 -7.61 13.73 -19.44
C ALA G 72 -8.85 14.23 -18.71
N MET G 73 -10.01 14.14 -19.37
CA MET G 73 -11.31 14.49 -18.86
C MET G 73 -12.27 13.30 -18.69
N LYS G 74 -11.83 12.10 -19.02
CA LYS G 74 -12.64 10.86 -18.93
C LYS G 74 -13.97 11.02 -19.60
N THR G 75 -13.92 11.49 -20.83
CA THR G 75 -15.16 11.82 -21.54
C THR G 75 -14.96 11.70 -23.05
N ALA G 76 -16.03 11.59 -23.83
CA ALA G 76 -15.93 11.79 -25.29
C ALA G 76 -15.90 13.31 -25.49
N THR G 77 -15.16 13.77 -26.51
CA THR G 77 -14.97 15.15 -26.71
C THR G 77 -16.29 15.86 -27.08
N HIS G 78 -17.22 15.19 -27.79
CA HIS G 78 -18.51 15.83 -28.16
C HIS G 78 -19.35 16.14 -26.88
N GLU G 79 -19.10 15.42 -25.81
CA GLU G 79 -19.76 15.65 -24.52
C GLU G 79 -19.23 16.86 -23.79
N LEU G 80 -18.12 17.43 -24.23
CA LEU G 80 -17.67 18.75 -23.74
C LEU G 80 -18.23 20.00 -24.45
N SER G 81 -18.89 19.84 -25.59
CA SER G 81 -19.32 20.98 -26.41
C SER G 81 -20.28 21.91 -25.66
N ASP G 82 -21.20 21.36 -24.89
CA ASP G 82 -22.16 22.22 -24.18
C ASP G 82 -21.53 22.91 -23.00
N VAL G 83 -20.64 22.22 -22.31
CA VAL G 83 -20.15 22.69 -21.01
C VAL G 83 -19.08 23.79 -21.12
N VAL G 84 -18.51 23.99 -22.32
CA VAL G 84 -17.61 25.15 -22.54
C VAL G 84 -18.23 26.36 -23.18
N GLN G 85 -19.53 26.34 -23.49
CA GLN G 85 -20.18 27.48 -24.12
C GLN G 85 -20.20 28.67 -23.19
N PRO G 86 -20.28 29.90 -23.74
CA PRO G 86 -20.62 31.07 -22.93
C PRO G 86 -21.81 30.77 -22.04
N GLY G 87 -21.68 31.09 -20.78
CA GLY G 87 -22.76 30.83 -19.79
C GLY G 87 -22.71 29.46 -19.15
N ALA G 88 -21.90 28.52 -19.66
CA ALA G 88 -21.84 27.19 -19.11
C ALA G 88 -20.69 27.03 -18.15
N ALA G 89 -20.70 25.92 -17.44
CA ALA G 89 -19.89 25.77 -16.22
C ALA G 89 -18.34 25.88 -16.44
N LEU G 90 -17.85 25.40 -17.60
CA LEU G 90 -16.42 25.39 -17.92
C LEU G 90 -16.07 26.31 -19.09
N TYR G 91 -16.82 27.38 -19.25
CA TYR G 91 -16.49 28.41 -20.23
C TYR G 91 -15.02 28.81 -20.04
N GLY G 92 -14.30 28.92 -21.17
CA GLY G 92 -12.89 29.26 -21.12
C GLY G 92 -11.92 28.14 -21.01
N LEU G 93 -12.41 26.91 -20.86
CA LEU G 93 -11.56 25.76 -20.58
C LEU G 93 -10.41 25.57 -21.62
N GLU G 94 -10.74 25.71 -22.86
CA GLU G 94 -9.77 25.55 -23.98
C GLU G 94 -8.60 26.51 -23.86
N SER G 95 -8.82 27.72 -23.34
CA SER G 95 -7.70 28.67 -23.10
C SER G 95 -7.00 28.41 -21.80
N HIS G 96 -7.78 28.03 -20.75
CA HIS G 96 -7.14 27.64 -19.46
C HIS G 96 -6.10 26.55 -19.64
N LEU G 97 -6.40 25.57 -20.47
CA LEU G 97 -5.52 24.46 -20.69
C LEU G 97 -4.58 24.66 -21.98
N GLN G 98 -4.46 25.89 -22.44
CA GLN G 98 -3.48 26.31 -23.46
C GLN G 98 -3.61 25.50 -24.76
N GLY G 99 -4.82 25.19 -25.12
CA GLY G 99 -5.10 24.43 -26.33
C GLY G 99 -4.95 22.95 -26.24
N LYS G 100 -4.70 22.39 -25.04
CA LYS G 100 -4.54 20.94 -24.99
C LYS G 100 -5.79 20.12 -25.15
N VAL G 101 -6.92 20.74 -24.86
CA VAL G 101 -8.20 20.07 -24.97
C VAL G 101 -8.97 20.52 -26.17
N VAL G 102 -9.63 19.60 -26.86
CA VAL G 102 -10.53 19.90 -27.95
C VAL G 102 -11.94 19.49 -27.52
N THR G 103 -12.91 20.31 -27.82
CA THR G 103 -14.24 20.23 -27.24
C THR G 103 -15.33 19.99 -28.24
N PHE G 104 -14.95 19.62 -29.48
CA PHE G 104 -15.88 19.14 -30.43
C PHE G 104 -15.56 17.68 -30.69
N GLY G 105 -16.56 17.02 -31.24
CA GLY G 105 -16.53 15.58 -31.49
C GLY G 105 -15.34 14.97 -32.23
N GLY G 106 -15.07 13.70 -31.90
CA GLY G 106 -14.12 12.88 -32.58
C GLY G 106 -13.13 12.13 -31.67
N GLY G 107 -13.19 12.42 -30.38
CA GLY G 107 -12.41 11.75 -29.37
C GLY G 107 -13.29 10.97 -28.43
N TYR G 108 -12.82 9.79 -28.05
CA TYR G 108 -13.55 8.86 -27.15
C TYR G 108 -12.62 8.21 -26.22
N ALA G 109 -13.05 8.13 -24.95
CA ALA G 109 -12.38 7.41 -23.97
C ALA G 109 -12.72 5.93 -24.14
N LEU G 110 -11.76 5.10 -23.83
CA LEU G 110 -11.86 3.62 -24.06
C LEU G 110 -11.76 2.92 -22.70
N TRP G 111 -12.77 2.11 -22.39
CA TRP G 111 -12.94 1.46 -21.08
C TRP G 111 -13.11 -0.06 -21.27
N ARG G 112 -12.53 -0.81 -20.35
CA ARG G 112 -12.67 -2.26 -20.31
C ARG G 112 -12.79 -2.65 -18.86
N ASP G 113 -13.89 -3.32 -18.51
CA ASP G 113 -14.09 -3.84 -17.13
C ASP G 113 -14.00 -2.74 -16.09
N GLY G 114 -14.64 -1.61 -16.36
CA GLY G 114 -14.58 -0.43 -15.46
C GLY G 114 -13.26 0.35 -15.40
N ILE G 115 -12.28 -0.04 -16.21
CA ILE G 115 -10.94 0.59 -16.18
C ILE G 115 -10.70 1.40 -17.46
N LEU G 116 -10.11 2.59 -17.30
CA LEU G 116 -9.85 3.45 -18.44
C LEU G 116 -8.56 2.97 -19.05
N ILE G 117 -8.59 2.59 -20.32
CA ILE G 117 -7.42 2.02 -20.96
C ILE G 117 -6.80 2.91 -22.06
N GLY G 118 -7.50 3.96 -22.46
CA GLY G 118 -6.97 4.85 -23.49
C GLY G 118 -7.96 5.80 -24.04
N GLY G 119 -7.53 6.50 -25.10
CA GLY G 119 -8.32 7.41 -25.83
C GLY G 119 -8.05 7.29 -27.34
N LEU G 120 -9.08 7.45 -28.14
CA LEU G 120 -8.98 7.47 -29.60
C LEU G 120 -9.43 8.83 -30.09
N GLY G 121 -8.69 9.38 -31.06
CA GLY G 121 -9.01 10.68 -31.67
C GLY G 121 -8.93 10.60 -33.18
N ILE G 122 -9.97 11.12 -33.84
CA ILE G 122 -10.03 11.23 -35.31
C ILE G 122 -10.22 12.69 -35.69
N SER G 123 -9.42 13.16 -36.68
CA SER G 123 -9.65 14.47 -37.27
C SER G 123 -9.34 14.46 -38.77
N GLY G 124 -10.09 15.23 -39.52
CA GLY G 124 -9.89 15.39 -40.96
C GLY G 124 -11.15 15.56 -41.76
N GLY G 125 -12.26 15.11 -41.20
CA GLY G 125 -13.56 15.29 -41.81
C GLY G 125 -14.41 16.30 -41.10
N SER G 126 -15.69 16.28 -41.42
CA SER G 126 -16.65 17.08 -40.61
C SER G 126 -16.62 16.40 -39.21
N VAL G 127 -17.09 17.09 -38.20
CA VAL G 127 -17.20 16.53 -36.92
C VAL G 127 -17.98 15.21 -36.96
N GLU G 128 -19.06 15.17 -37.74
CA GLU G 128 -19.92 13.98 -37.83
C GLU G 128 -19.16 12.81 -38.47
N GLN G 129 -18.37 13.08 -39.51
CA GLN G 129 -17.51 12.02 -40.11
C GLN G 129 -16.47 11.53 -39.16
N ASP G 130 -15.86 12.44 -38.38
CA ASP G 130 -14.82 12.06 -37.45
C ASP G 130 -15.43 11.12 -36.40
N MET G 131 -16.63 11.45 -35.92
CA MET G 131 -17.30 10.64 -34.88
C MET G 131 -17.67 9.26 -35.44
N ASP G 132 -18.16 9.26 -36.67
CA ASP G 132 -18.52 7.98 -37.35
C ASP G 132 -17.30 7.08 -37.43
N ILE G 133 -16.20 7.64 -37.96
CA ILE G 133 -14.95 6.91 -38.08
C ILE G 133 -14.50 6.36 -36.73
N ALA G 134 -14.56 7.21 -35.69
CA ALA G 134 -14.14 6.84 -34.35
C ALA G 134 -15.04 5.71 -33.78
N GLN G 135 -16.35 5.87 -33.93
CA GLN G 135 -17.30 4.87 -33.43
C GLN G 135 -17.15 3.52 -34.17
N THR G 136 -16.92 3.58 -35.48
CA THR G 136 -16.73 2.39 -36.31
C THR G 136 -15.50 1.66 -35.83
N ALA G 137 -14.45 2.39 -35.56
CA ALA G 137 -13.18 1.76 -35.16
C ALA G 137 -13.34 1.09 -33.82
N ILE G 138 -13.99 1.77 -32.92
CA ILE G 138 -14.20 1.28 -31.56
C ILE G 138 -15.05 -0.01 -31.56
N ALA G 139 -16.08 -0.02 -32.40
CA ALA G 139 -16.90 -1.22 -32.62
C ALA G 139 -16.08 -2.44 -33.13
N ALA G 140 -14.94 -2.22 -33.78
CA ALA G 140 -14.10 -3.31 -34.20
C ALA G 140 -13.39 -4.07 -33.08
N ILE G 141 -13.28 -3.53 -31.88
CA ILE G 141 -12.61 -4.23 -30.78
C ILE G 141 -13.57 -4.41 -29.62
N ASN G 142 -13.15 -5.17 -28.64
CA ASN G 142 -14.03 -5.43 -27.48
C ASN G 142 -13.82 -4.39 -26.37
N VAL G 143 -14.38 -3.18 -26.54
CA VAL G 143 -14.31 -2.09 -25.54
C VAL G 143 -15.51 -1.19 -25.49
N GLY G 144 -15.67 -0.53 -24.36
CA GLY G 144 -16.74 0.41 -24.15
C GLY G 144 -16.22 1.84 -24.20
N THR G 145 -17.15 2.77 -24.41
CA THR G 145 -16.87 4.21 -24.39
C THR G 145 -17.36 4.91 -23.13
N HIS G 146 -17.83 4.16 -22.14
CA HIS G 146 -18.15 4.70 -20.78
C HIS G 146 -17.77 3.64 -19.77
N GLN G 147 -17.47 4.07 -18.56
CA GLN G 147 -17.04 3.18 -17.51
C GLN G 147 -18.11 2.10 -17.24
N VAL H 10 6.92 10.04 -56.78
CA VAL H 10 7.79 9.42 -55.77
C VAL H 10 7.50 9.94 -54.32
N ALA H 11 7.20 8.94 -53.53
CA ALA H 11 6.79 9.04 -52.13
C ALA H 11 6.73 7.71 -51.40
N LEU H 12 6.72 7.81 -50.05
CA LEU H 12 6.51 6.65 -49.22
C LEU H 12 5.09 6.14 -49.40
N SER H 13 4.98 4.90 -49.80
CA SER H 13 3.69 4.21 -50.01
C SER H 13 3.21 3.69 -48.65
N PHE H 14 2.01 3.15 -48.64
CA PHE H 14 1.53 2.40 -47.46
C PHE H 14 2.51 1.30 -47.09
N HIS H 15 2.93 0.54 -48.09
CA HIS H 15 3.80 -0.59 -47.85
C HIS H 15 5.15 -0.14 -47.24
N ASP H 16 5.73 0.92 -47.79
CA ASP H 16 6.93 1.51 -47.22
C ASP H 16 6.76 1.83 -45.70
N LEU H 17 5.67 2.51 -45.36
CA LEU H 17 5.38 3.00 -43.96
C LEU H 17 5.14 1.85 -43.02
N HIS H 18 4.37 0.91 -43.50
CA HIS H 18 4.07 -0.31 -42.79
C HIS H 18 5.32 -1.16 -42.52
N GLN H 19 6.10 -1.46 -43.54
CA GLN H 19 7.32 -2.26 -43.41
C GLN H 19 8.40 -1.59 -42.57
N LEU H 20 8.60 -0.26 -42.74
CA LEU H 20 9.55 0.48 -41.89
C LEU H 20 9.22 0.35 -40.44
N THR H 21 7.96 0.55 -40.12
CA THR H 21 7.46 0.42 -38.76
C THR H 21 7.59 -0.99 -38.20
N ARG H 22 7.11 -2.00 -38.95
CA ARG H 22 7.23 -3.40 -38.56
C ARG H 22 8.65 -3.85 -38.30
N ALA H 23 9.55 -3.46 -39.22
CA ALA H 23 10.90 -3.85 -39.12
C ALA H 23 11.58 -3.21 -37.96
N ALA H 24 11.24 -1.94 -37.69
CA ALA H 24 11.82 -1.27 -36.56
C ALA H 24 11.41 -1.92 -35.26
N VAL H 25 10.11 -2.14 -35.11
CA VAL H 25 9.60 -2.76 -33.90
C VAL H 25 10.22 -4.18 -33.71
N GLU H 26 10.27 -4.93 -34.78
CA GLU H 26 10.84 -6.30 -34.65
C GLU H 26 12.31 -6.27 -34.24
N ARG H 27 13.11 -5.37 -34.83
CA ARG H 27 14.49 -5.25 -34.44
C ARG H 27 14.59 -4.84 -32.97
N ALA H 28 13.76 -3.89 -32.55
CA ALA H 28 13.80 -3.45 -31.15
C ALA H 28 13.47 -4.61 -30.20
N GLN H 29 12.48 -5.42 -30.57
CA GLN H 29 12.18 -6.66 -29.83
C GLN H 29 13.37 -7.58 -29.73
N GLN H 30 14.11 -7.76 -30.82
CA GLN H 30 15.32 -8.58 -30.81
C GLN H 30 16.35 -8.05 -29.87
N LEU H 31 16.49 -6.74 -29.84
CA LEU H 31 17.42 -6.08 -28.91
C LEU H 31 16.91 -5.95 -27.51
N GLN H 32 15.63 -6.29 -27.28
CA GLN H 32 14.98 -6.20 -26.00
C GLN H 32 14.99 -4.78 -25.44
N VAL H 33 14.75 -3.83 -26.31
CA VAL H 33 14.64 -2.45 -25.87
C VAL H 33 13.36 -1.88 -26.46
N PRO H 34 12.52 -1.28 -25.62
CA PRO H 34 11.33 -0.62 -26.16
C PRO H 34 11.65 0.77 -26.71
N VAL H 35 11.15 1.07 -27.91
CA VAL H 35 11.43 2.36 -28.54
C VAL H 35 10.13 3.00 -29.03
N VAL H 36 10.23 4.26 -29.34
CA VAL H 36 9.26 4.97 -30.09
C VAL H 36 9.84 5.08 -31.49
N VAL H 37 9.00 4.76 -32.46
CA VAL H 37 9.32 4.85 -33.90
C VAL H 37 8.50 6.02 -34.50
N SER H 38 9.14 6.86 -35.31
CA SER H 38 8.43 7.99 -35.92
C SER H 38 8.91 8.13 -37.35
N ILE H 39 7.94 8.34 -38.21
CA ILE H 39 8.17 8.55 -39.62
C ILE H 39 7.51 9.86 -40.01
N VAL H 40 8.26 10.74 -40.63
CA VAL H 40 7.72 11.98 -41.19
C VAL H 40 7.90 11.96 -42.71
N ASP H 41 7.04 12.72 -43.40
CA ASP H 41 7.12 12.80 -44.85
C ASP H 41 8.16 13.82 -45.27
N ALA H 42 8.30 14.04 -46.58
CA ALA H 42 9.32 14.96 -47.08
C ALA H 42 9.12 16.39 -46.65
N HIS H 43 7.95 16.75 -46.16
CA HIS H 43 7.69 18.10 -45.67
C HIS H 43 7.77 18.17 -44.16
N GLY H 44 8.13 17.07 -43.51
CA GLY H 44 8.30 17.05 -42.08
C GLY H 44 7.03 16.78 -41.30
N THR H 45 5.95 16.35 -41.95
CA THR H 45 4.69 16.07 -41.28
C THR H 45 4.73 14.70 -40.71
N GLU H 46 4.38 14.60 -39.42
CA GLU H 46 4.25 13.33 -38.75
C GLU H 46 3.26 12.39 -39.42
N THR H 47 3.75 11.22 -39.82
CA THR H 47 2.99 10.32 -40.68
C THR H 47 2.67 9.04 -39.92
N VAL H 48 3.65 8.49 -39.23
CA VAL H 48 3.46 7.32 -38.37
C VAL H 48 4.18 7.54 -37.06
N THR H 49 3.55 7.19 -35.96
CA THR H 49 4.21 7.13 -34.65
C THR H 49 3.73 5.85 -33.96
N TRP H 50 4.67 5.11 -33.38
CA TRP H 50 4.36 3.89 -32.66
C TRP H 50 5.24 3.85 -31.43
N ARG H 51 4.63 3.70 -30.25
CA ARG H 51 5.33 3.60 -28.99
C ARG H 51 5.21 2.16 -28.49
N MET H 52 6.33 1.52 -28.27
CA MET H 52 6.37 0.21 -27.61
C MET H 52 6.16 0.38 -26.11
N PRO H 53 5.55 -0.61 -25.46
CA PRO H 53 5.31 -0.49 -24.03
C PRO H 53 6.59 -0.28 -23.26
N ASP H 54 6.53 0.61 -22.28
CA ASP H 54 7.64 0.96 -21.40
C ASP H 54 8.80 1.73 -22.06
N ALA H 55 8.62 2.25 -23.26
CA ALA H 55 9.67 3.12 -23.84
C ALA H 55 9.87 4.36 -22.95
N LEU H 56 11.12 4.81 -22.83
CA LEU H 56 11.43 6.00 -22.08
C LEU H 56 10.47 7.11 -22.46
N LEU H 57 9.89 7.78 -21.47
CA LEU H 57 9.00 8.90 -21.79
C LEU H 57 9.63 9.95 -22.74
N VAL H 58 10.91 10.28 -22.54
CA VAL H 58 11.59 11.24 -23.41
C VAL H 58 11.56 10.85 -24.90
N SER H 59 11.51 9.56 -25.17
CA SER H 59 11.49 9.06 -26.53
C SER H 59 10.28 9.49 -27.33
N SER H 60 9.17 9.76 -26.68
CA SER H 60 7.97 10.28 -27.32
C SER H 60 8.21 11.66 -27.98
N GLU H 61 9.13 12.42 -27.43
CA GLU H 61 9.52 13.73 -28.00
C GLU H 61 10.74 13.54 -28.94
N LEU H 62 11.73 12.72 -28.52
CA LEU H 62 12.98 12.60 -29.32
C LEU H 62 12.81 11.91 -30.63
N ALA H 63 11.98 10.86 -30.68
CA ALA H 63 11.88 10.14 -31.99
C ALA H 63 11.29 10.99 -33.09
N PRO H 64 10.18 11.71 -32.84
CA PRO H 64 9.67 12.53 -33.92
C PRO H 64 10.63 13.66 -34.26
N LYS H 65 11.32 14.20 -33.27
CA LYS H 65 12.29 15.26 -33.51
C LYS H 65 13.47 14.79 -34.37
N LYS H 66 13.95 13.57 -34.10
CA LYS H 66 14.95 13.01 -34.97
C LYS H 66 14.48 12.88 -36.38
N ALA H 67 13.25 12.36 -36.57
CA ALA H 67 12.72 12.15 -37.93
C ALA H 67 12.60 13.53 -38.65
N TRP H 68 12.14 14.54 -37.91
CA TRP H 68 11.92 15.88 -38.45
C TRP H 68 13.32 16.49 -38.86
N THR H 69 14.31 16.36 -37.95
CA THR H 69 15.62 16.90 -38.14
C THR H 69 16.21 16.33 -39.45
N ALA H 70 16.03 15.00 -39.66
CA ALA H 70 16.57 14.32 -40.84
C ALA H 70 16.05 14.94 -42.15
N VAL H 71 14.76 15.28 -42.19
CA VAL H 71 14.22 15.97 -43.33
C VAL H 71 14.61 17.47 -43.40
N ALA H 72 14.49 18.15 -42.25
CA ALA H 72 14.69 19.59 -42.18
C ALA H 72 16.12 20.03 -42.46
N MET H 73 17.09 19.12 -42.21
CA MET H 73 18.50 19.32 -42.52
C MET H 73 19.07 18.39 -43.58
N LYS H 74 18.22 17.53 -44.16
CA LYS H 74 18.60 16.60 -45.24
C LYS H 74 19.83 15.78 -44.83
N THR H 75 19.77 15.20 -43.65
CA THR H 75 20.97 14.55 -43.08
C THR H 75 20.54 13.47 -42.07
N ALA H 76 21.43 12.55 -41.72
CA ALA H 76 21.19 11.68 -40.57
C ALA H 76 21.56 12.49 -39.33
N THR H 77 20.86 12.26 -38.23
CA THR H 77 21.11 13.05 -37.07
C THR H 77 22.50 12.84 -36.47
N HIS H 78 23.08 11.64 -36.60
CA HIS H 78 24.45 11.40 -36.09
C HIS H 78 25.52 12.22 -36.85
N GLU H 79 25.18 12.65 -38.05
CA GLU H 79 26.07 13.48 -38.87
C GLU H 79 26.06 14.91 -38.42
N LEU H 80 25.13 15.28 -37.53
CA LEU H 80 25.15 16.63 -36.93
C LEU H 80 25.95 16.74 -35.64
N SER H 81 26.39 15.63 -35.05
CA SER H 81 27.04 15.65 -33.79
C SER H 81 28.32 16.52 -33.77
N ASP H 82 29.17 16.42 -34.77
CA ASP H 82 30.40 17.17 -34.79
C ASP H 82 30.15 18.67 -35.01
N VAL H 83 29.21 18.99 -35.88
CA VAL H 83 29.02 20.34 -36.40
C VAL H 83 28.30 21.26 -35.43
N VAL H 84 27.71 20.70 -34.38
CA VAL H 84 27.18 21.56 -33.28
C VAL H 84 28.07 21.71 -32.04
N GLN H 85 29.26 21.13 -32.02
CA GLN H 85 30.12 21.19 -30.84
C GLN H 85 30.64 22.60 -30.64
N PRO H 86 31.00 22.98 -29.41
CA PRO H 86 31.80 24.21 -29.18
C PRO H 86 32.93 24.27 -30.17
N GLY H 87 33.04 25.41 -30.83
CA GLY H 87 34.10 25.61 -31.86
C GLY H 87 33.75 25.20 -33.25
N ALA H 88 32.61 24.50 -33.47
CA ALA H 88 32.22 24.06 -34.77
C ALA H 88 31.19 24.99 -35.40
N ALA H 89 30.90 24.75 -36.68
CA ALA H 89 30.27 25.74 -37.51
C ALA H 89 28.84 26.12 -37.08
N LEU H 90 28.12 25.16 -36.50
CA LEU H 90 26.73 25.33 -36.12
C LEU H 90 26.52 25.18 -34.63
N TYR H 91 27.53 25.57 -33.87
CA TYR H 91 27.43 25.68 -32.41
C TYR H 91 26.17 26.50 -32.03
N GLY H 92 25.42 25.98 -31.06
CA GLY H 92 24.21 26.60 -30.62
C GLY H 92 22.93 26.23 -31.38
N LEU H 93 23.04 25.48 -32.48
CA LEU H 93 21.92 25.20 -33.37
C LEU H 93 20.65 24.67 -32.61
N GLU H 94 20.85 23.76 -31.68
CA GLU H 94 19.73 23.18 -30.88
C GLU H 94 18.90 24.23 -30.12
N SER H 95 19.55 25.30 -29.67
CA SER H 95 18.82 26.41 -29.04
C SER H 95 18.20 27.34 -30.07
N HIS H 96 18.93 27.58 -31.19
CA HIS H 96 18.42 28.46 -32.23
C HIS H 96 17.11 27.96 -32.83
N LEU H 97 17.00 26.66 -32.97
CA LEU H 97 15.78 26.05 -33.43
C LEU H 97 14.82 25.57 -32.28
N GLN H 98 15.02 26.08 -31.08
CA GLN H 98 14.06 25.90 -29.93
C GLN H 98 13.75 24.43 -29.67
N GLY H 99 14.76 23.60 -29.79
CA GLY H 99 14.64 22.21 -29.44
C GLY H 99 14.06 21.33 -30.54
N LYS H 100 13.82 21.88 -31.73
CA LYS H 100 13.20 21.08 -32.82
C LYS H 100 14.17 20.12 -33.48
N VAL H 101 15.48 20.39 -33.37
CA VAL H 101 16.48 19.54 -33.94
C VAL H 101 17.19 18.74 -32.87
N VAL H 102 17.41 17.45 -33.15
CA VAL H 102 18.17 16.55 -32.29
C VAL H 102 19.44 16.14 -33.06
N THR H 103 20.57 16.19 -32.37
CA THR H 103 21.90 16.14 -33.01
C THR H 103 22.73 14.92 -32.67
N PHE H 104 22.08 13.93 -32.05
CA PHE H 104 22.66 12.64 -31.84
C PHE H 104 21.93 11.62 -32.67
N GLY H 105 22.58 10.48 -32.88
CA GLY H 105 22.05 9.43 -33.73
C GLY H 105 20.64 8.89 -33.49
N GLY H 106 20.05 8.42 -34.58
CA GLY H 106 18.80 7.73 -34.55
C GLY H 106 17.81 8.19 -35.58
N GLY H 107 18.10 9.31 -36.24
CA GLY H 107 17.28 9.84 -37.31
C GLY H 107 18.01 9.71 -38.64
N TYR H 108 17.29 9.33 -39.68
CA TYR H 108 17.83 9.21 -41.03
C TYR H 108 16.87 9.84 -42.01
N ALA H 109 17.42 10.51 -43.00
CA ALA H 109 16.69 10.93 -44.15
C ALA H 109 16.53 9.80 -45.14
N LEU H 110 15.40 9.77 -45.82
CA LEU H 110 15.03 8.68 -46.74
C LEU H 110 14.89 9.22 -48.16
N TRP H 111 15.64 8.60 -49.08
CA TRP H 111 15.79 9.09 -50.43
C TRP H 111 15.43 7.95 -51.44
N ARG H 112 14.77 8.30 -52.52
CA ARG H 112 14.48 7.36 -53.62
C ARG H 112 14.65 8.12 -54.94
N ASP H 113 15.52 7.59 -55.83
CA ASP H 113 15.76 8.22 -57.14
C ASP H 113 16.14 9.68 -57.06
N GLY H 114 17.03 10.00 -56.11
CA GLY H 114 17.45 11.41 -55.89
C GLY H 114 16.48 12.34 -55.22
N ILE H 115 15.33 11.82 -54.76
CA ILE H 115 14.27 12.66 -54.20
C ILE H 115 14.12 12.31 -52.71
N LEU H 116 14.00 13.33 -51.89
CA LEU H 116 13.85 13.17 -50.45
C LEU H 116 12.40 12.80 -50.23
N ILE H 117 12.16 11.66 -49.60
CA ILE H 117 10.75 11.20 -49.42
C ILE H 117 10.32 11.16 -47.96
N GLY H 118 11.24 11.32 -47.03
CA GLY H 118 10.83 11.30 -45.61
C GLY H 118 11.99 11.22 -44.67
N GLY H 119 11.63 10.98 -43.39
CA GLY H 119 12.56 10.86 -42.33
C GLY H 119 12.10 9.80 -41.32
N LEU H 120 13.04 9.03 -40.80
CA LEU H 120 12.75 7.98 -39.76
C LEU H 120 13.50 8.33 -38.52
N GLY H 121 12.83 8.28 -37.37
CA GLY H 121 13.47 8.56 -36.11
C GLY H 121 13.19 7.46 -35.11
N ILE H 122 14.23 7.01 -34.43
CA ILE H 122 14.10 6.03 -33.34
C ILE H 122 14.68 6.59 -32.05
N SER H 123 13.94 6.40 -30.94
CA SER H 123 14.47 6.77 -29.65
C SER H 123 14.00 5.80 -28.59
N GLY H 124 14.89 5.48 -27.66
CA GLY H 124 14.53 4.62 -26.50
C GLY H 124 15.66 3.79 -25.99
N GLY H 125 16.60 3.50 -26.85
CA GLY H 125 17.81 2.73 -26.44
C GLY H 125 19.01 3.65 -26.24
N SER H 126 20.20 3.04 -26.24
CA SER H 126 21.45 3.80 -26.40
C SER H 126 21.42 4.35 -27.83
N VAL H 127 22.23 5.34 -28.07
CA VAL H 127 22.33 5.93 -29.43
C VAL H 127 22.64 4.83 -30.43
N GLU H 128 23.57 3.94 -30.08
CA GLU H 128 23.95 2.84 -31.02
C GLU H 128 22.78 1.89 -31.31
N GLN H 129 21.98 1.57 -30.29
CA GLN H 129 20.79 0.78 -30.49
C GLN H 129 19.79 1.47 -31.39
N ASP H 130 19.56 2.75 -31.13
CA ASP H 130 18.61 3.50 -31.93
C ASP H 130 19.03 3.49 -33.40
N MET H 131 20.33 3.68 -33.65
CA MET H 131 20.84 3.69 -35.02
C MET H 131 20.73 2.29 -35.66
N ASP H 132 21.06 1.25 -34.93
CA ASP H 132 20.88 -0.15 -35.39
C ASP H 132 19.44 -0.41 -35.82
N ILE H 133 18.50 -0.06 -34.95
CA ILE H 133 17.09 -0.25 -35.25
C ILE H 133 16.69 0.54 -36.46
N ALA H 134 17.06 1.82 -36.54
CA ALA H 134 16.75 2.62 -37.68
C ALA H 134 17.35 2.01 -38.99
N GLN H 135 18.61 1.63 -38.97
CA GLN H 135 19.30 1.09 -40.17
C GLN H 135 18.67 -0.21 -40.63
N THR H 136 18.31 -1.05 -39.67
CA THR H 136 17.60 -2.30 -39.97
C THR H 136 16.28 -2.05 -40.65
N ALA H 137 15.49 -1.09 -40.13
CA ALA H 137 14.19 -0.79 -40.68
C ALA H 137 14.35 -0.30 -42.11
N ILE H 138 15.32 0.56 -42.33
CA ILE H 138 15.60 1.15 -43.65
C ILE H 138 16.07 0.11 -44.69
N ALA H 139 16.97 -0.79 -44.28
CA ALA H 139 17.27 -1.99 -45.03
C ALA H 139 16.07 -2.91 -45.40
N ALA H 140 15.00 -2.96 -44.62
CA ALA H 140 13.79 -3.67 -44.99
C ALA H 140 13.03 -3.15 -46.22
N ILE H 141 13.22 -1.89 -46.60
CA ILE H 141 12.48 -1.40 -47.74
C ILE H 141 13.47 -1.01 -48.78
N ASN H 142 14.76 -1.11 -48.56
CA ASN H 142 15.77 -0.69 -49.57
C ASN H 142 15.65 0.73 -50.31
N VAL H 143 15.45 1.75 -49.49
CA VAL H 143 15.44 3.23 -49.97
C VAL H 143 16.84 3.54 -49.60
N GLY H 144 17.37 4.67 -50.02
CA GLY H 144 18.69 5.11 -49.63
C GLY H 144 18.59 6.12 -48.49
N THR H 145 19.72 6.30 -47.83
CA THR H 145 19.87 7.32 -46.80
C THR H 145 20.70 8.52 -47.21
N HIS H 146 21.07 8.60 -48.50
CA HIS H 146 21.71 9.79 -49.06
C HIS H 146 21.15 9.95 -50.47
N GLN H 147 21.17 11.16 -50.96
CA GLN H 147 20.65 11.46 -52.28
C GLN H 147 21.38 10.62 -53.36
N VAL I 10 1.59 -29.29 61.46
CA VAL I 10 1.21 -27.84 61.36
C VAL I 10 0.24 -27.57 60.24
N ALA I 11 -0.25 -28.57 59.51
CA ALA I 11 -1.20 -28.36 58.40
C ALA I 11 -2.40 -27.49 58.72
N LEU I 12 -3.10 -27.07 57.67
CA LEU I 12 -4.33 -26.29 57.85
C LEU I 12 -5.40 -27.21 58.43
N SER I 13 -5.93 -26.83 59.58
CA SER I 13 -7.00 -27.56 60.26
C SER I 13 -8.33 -27.11 59.69
N PHE I 14 -9.38 -27.82 60.07
CA PHE I 14 -10.72 -27.41 59.71
C PHE I 14 -10.96 -25.95 60.12
N HIS I 15 -10.63 -25.64 61.38
CA HIS I 15 -10.81 -24.31 61.92
C HIS I 15 -10.03 -23.25 61.10
N ASP I 16 -8.79 -23.54 60.74
CA ASP I 16 -8.03 -22.65 59.83
C ASP I 16 -8.77 -22.37 58.50
N LEU I 17 -9.28 -23.42 57.85
CA LEU I 17 -9.94 -23.32 56.56
C LEU I 17 -11.24 -22.53 56.66
N HIS I 18 -12.03 -22.89 57.69
CA HIS I 18 -13.27 -22.27 57.92
C HIS I 18 -13.12 -20.77 58.23
N GLN I 19 -12.22 -20.43 59.14
CA GLN I 19 -11.96 -19.02 59.51
C GLN I 19 -11.41 -18.21 58.34
N LEU I 20 -10.46 -18.76 57.59
CA LEU I 20 -9.93 -18.06 56.37
C LEU I 20 -11.05 -17.69 55.43
N THR I 21 -11.90 -18.69 55.13
CA THR I 21 -13.00 -18.51 54.19
C THR I 21 -14.03 -17.52 54.69
N ARG I 22 -14.47 -17.69 55.94
CA ARG I 22 -15.37 -16.72 56.57
C ARG I 22 -14.89 -15.31 56.60
N ALA I 23 -13.66 -15.13 57.06
CA ALA I 23 -13.08 -13.84 57.15
C ALA I 23 -12.93 -13.20 55.71
N ALA I 24 -12.58 -14.00 54.70
CA ALA I 24 -12.41 -13.44 53.35
C ALA I 24 -13.76 -12.95 52.85
N VAL I 25 -14.80 -13.78 53.02
CA VAL I 25 -16.16 -13.41 52.56
C VAL I 25 -16.64 -12.14 53.33
N GLU I 26 -16.43 -12.14 54.65
CA GLU I 26 -16.86 -11.02 55.46
C GLU I 26 -16.19 -9.71 54.99
N ARG I 27 -14.89 -9.76 54.77
CA ARG I 27 -14.17 -8.57 54.31
C ARG I 27 -14.71 -8.13 52.95
N ALA I 28 -14.95 -9.09 52.06
CA ALA I 28 -15.47 -8.77 50.74
C ALA I 28 -16.87 -8.12 50.80
N GLN I 29 -17.72 -8.64 51.70
CA GLN I 29 -18.98 -7.99 51.99
C GLN I 29 -18.82 -6.53 52.52
N GLN I 30 -17.84 -6.29 53.38
CA GLN I 30 -17.57 -4.93 53.86
C GLN I 30 -17.16 -4.02 52.75
N LEU I 31 -16.31 -4.52 51.86
CA LEU I 31 -15.89 -3.71 50.71
C LEU I 31 -16.95 -3.61 49.63
N GLN I 32 -18.05 -4.40 49.76
CA GLN I 32 -19.10 -4.52 48.74
C GLN I 32 -18.55 -4.98 47.36
N VAL I 33 -17.70 -6.00 47.38
CA VAL I 33 -17.22 -6.58 46.11
C VAL I 33 -17.29 -8.11 46.21
N PRO I 34 -18.01 -8.73 45.30
CA PRO I 34 -18.10 -10.19 45.34
C PRO I 34 -16.86 -10.80 44.80
N VAL I 35 -16.32 -11.78 45.53
CA VAL I 35 -15.10 -12.45 45.08
C VAL I 35 -15.30 -13.96 45.02
N VAL I 36 -14.32 -14.59 44.43
CA VAL I 36 -14.07 -16.03 44.63
C VAL I 36 -12.93 -16.17 45.58
N VAL I 37 -13.09 -17.07 46.57
CA VAL I 37 -12.04 -17.44 47.56
C VAL I 37 -11.58 -18.84 47.25
N SER I 38 -10.27 -19.03 47.21
CA SER I 38 -9.76 -20.36 46.93
C SER I 38 -8.61 -20.64 47.87
N ILE I 39 -8.60 -21.85 48.44
CA ILE I 39 -7.54 -22.27 49.30
C ILE I 39 -7.02 -23.58 48.75
N VAL I 40 -5.71 -23.66 48.62
CA VAL I 40 -5.04 -24.92 48.27
C VAL I 40 -4.19 -25.38 49.46
N ASP I 41 -3.90 -26.69 49.50
CA ASP I 41 -2.97 -27.20 50.46
C ASP I 41 -1.52 -27.05 50.02
N ALA I 42 -0.59 -27.58 50.80
CA ALA I 42 0.84 -27.43 50.52
C ALA I 42 1.31 -28.13 49.27
N HIS I 43 0.48 -29.03 48.73
CA HIS I 43 0.80 -29.70 47.48
C HIS I 43 0.02 -29.09 46.31
N GLY I 44 -0.72 -28.03 46.55
CA GLY I 44 -1.44 -27.36 45.48
C GLY I 44 -2.80 -27.93 45.16
N THR I 45 -3.31 -28.85 45.98
CA THR I 45 -4.63 -29.39 45.75
C THR I 45 -5.70 -28.44 46.27
N GLU I 46 -6.70 -28.20 45.42
CA GLU I 46 -7.84 -27.37 45.77
C GLU I 46 -8.54 -27.93 47.00
N THR I 47 -8.62 -27.11 48.03
CA THR I 47 -9.17 -27.58 49.31
C THR I 47 -10.51 -26.92 49.56
N VAL I 48 -10.59 -25.59 49.35
CA VAL I 48 -11.82 -24.87 49.52
C VAL I 48 -11.99 -23.92 48.36
N THR I 49 -13.21 -23.84 47.83
CA THR I 49 -13.60 -22.78 46.93
C THR I 49 -14.92 -22.24 47.35
N TRP I 50 -15.08 -20.92 47.34
CA TRP I 50 -16.34 -20.29 47.60
C TRP I 50 -16.54 -19.11 46.66
N ARG I 51 -17.64 -19.10 45.88
CA ARG I 51 -17.96 -18.04 45.02
C ARG I 51 -19.08 -17.23 45.56
N MET I 52 -18.84 -15.94 45.71
CA MET I 52 -19.93 -15.04 46.10
C MET I 52 -20.81 -14.71 44.91
N PRO I 53 -22.13 -14.46 45.14
CA PRO I 53 -22.98 -14.12 43.99
C PRO I 53 -22.47 -12.91 43.17
N ASP I 54 -22.55 -13.00 41.87
CA ASP I 54 -22.11 -11.97 40.91
C ASP I 54 -20.63 -11.72 40.84
N ALA I 55 -19.77 -12.58 41.43
CA ALA I 55 -18.36 -12.43 41.23
C ALA I 55 -18.02 -12.51 39.70
N LEU I 56 -17.04 -11.71 39.25
CA LEU I 56 -16.61 -11.74 37.84
C LEU I 56 -16.42 -13.21 37.47
N LEU I 57 -16.92 -13.60 36.30
CA LEU I 57 -16.64 -14.98 35.82
C LEU I 57 -15.19 -15.37 35.75
N VAL I 58 -14.31 -14.44 35.35
CA VAL I 58 -12.85 -14.73 35.30
C VAL I 58 -12.30 -15.16 36.69
N SER I 59 -12.91 -14.68 37.75
CA SER I 59 -12.45 -14.99 39.11
C SER I 59 -12.54 -16.45 39.48
N SER I 60 -13.46 -17.18 38.87
CA SER I 60 -13.54 -18.66 39.06
C SER I 60 -12.28 -19.40 38.61
N GLU I 61 -11.54 -18.83 37.61
CA GLU I 61 -10.30 -19.39 37.21
C GLU I 61 -9.13 -18.71 37.95
N LEU I 62 -9.18 -17.39 38.09
CA LEU I 62 -8.04 -16.67 38.68
C LEU I 62 -7.79 -16.99 40.14
N ALA I 63 -8.84 -17.06 40.96
CA ALA I 63 -8.62 -17.28 42.40
C ALA I 63 -7.90 -18.62 42.70
N PRO I 64 -8.35 -19.71 42.14
CA PRO I 64 -7.58 -20.95 42.35
C PRO I 64 -6.15 -20.92 41.78
N LYS I 65 -5.98 -20.26 40.61
CA LYS I 65 -4.64 -20.11 40.07
C LYS I 65 -3.73 -19.29 40.95
N LYS I 66 -4.25 -18.25 41.54
CA LYS I 66 -3.44 -17.47 42.48
C LYS I 66 -2.99 -18.29 43.71
N ALA I 67 -3.94 -19.06 44.24
CA ALA I 67 -3.65 -19.89 45.40
C ALA I 67 -2.58 -20.93 45.03
N TRP I 68 -2.77 -21.55 43.89
CA TRP I 68 -1.83 -22.55 43.41
C TRP I 68 -0.44 -21.97 43.18
N THR I 69 -0.41 -20.80 42.55
CA THR I 69 0.86 -20.11 42.21
C THR I 69 1.65 -19.83 43.49
N ALA I 70 0.93 -19.40 44.53
CA ALA I 70 1.56 -19.13 45.82
C ALA I 70 2.33 -20.34 46.34
N VAL I 71 1.70 -21.53 46.29
CA VAL I 71 2.43 -22.72 46.73
C VAL I 71 3.48 -23.19 45.75
N ALA I 72 3.12 -23.17 44.47
CA ALA I 72 4.00 -23.68 43.39
C ALA I 72 5.29 -22.91 43.23
N MET I 73 5.25 -21.62 43.61
CA MET I 73 6.44 -20.73 43.59
C MET I 73 6.89 -20.24 44.95
N LYS I 74 6.25 -20.73 46.00
CA LYS I 74 6.52 -20.33 47.39
C LYS I 74 6.57 -18.80 47.58
N THR I 75 5.58 -18.10 47.03
CA THR I 75 5.63 -16.64 47.00
C THR I 75 4.22 -16.04 47.03
N ALA I 76 4.07 -14.79 47.40
CA ALA I 76 2.82 -14.08 47.16
C ALA I 76 2.80 -13.71 45.65
N THR I 77 1.64 -13.78 45.01
CA THR I 77 1.57 -13.51 43.58
C THR I 77 1.99 -12.07 43.20
N HIS I 78 1.73 -11.09 44.06
CA HIS I 78 2.23 -9.69 43.75
C HIS I 78 3.74 -9.57 43.69
N GLU I 79 4.46 -10.47 44.35
CA GLU I 79 5.90 -10.52 44.29
C GLU I 79 6.44 -11.07 42.99
N LEU I 80 5.59 -11.67 42.13
CA LEU I 80 6.00 -12.09 40.82
C LEU I 80 5.87 -10.99 39.76
N SER I 81 5.17 -9.89 40.05
CA SER I 81 4.87 -8.91 38.99
C SER I 81 6.13 -8.38 38.34
N ASP I 82 7.14 -8.01 39.14
CA ASP I 82 8.36 -7.39 38.55
C ASP I 82 9.18 -8.39 37.76
N VAL I 83 9.18 -9.64 38.19
CA VAL I 83 10.12 -10.61 37.65
C VAL I 83 9.68 -11.17 36.29
N VAL I 84 8.42 -10.98 35.90
CA VAL I 84 7.94 -11.46 34.65
C VAL I 84 7.83 -10.35 33.58
N GLN I 85 8.22 -9.11 33.93
CA GLN I 85 8.15 -8.03 32.97
C GLN I 85 9.15 -8.29 31.82
N PRO I 86 8.93 -7.68 30.65
CA PRO I 86 9.95 -7.58 29.63
C PRO I 86 11.26 -7.11 30.27
N GLY I 87 12.36 -7.80 29.96
CA GLY I 87 13.66 -7.49 30.46
C GLY I 87 13.99 -8.06 31.81
N ALA I 88 13.00 -8.68 32.51
CA ALA I 88 13.25 -9.27 33.79
C ALA I 88 13.53 -10.77 33.69
N ALA I 89 13.96 -11.35 34.79
CA ALA I 89 14.56 -12.70 34.74
C ALA I 89 13.64 -13.82 34.27
N LEU I 90 12.34 -13.72 34.58
CA LEU I 90 11.33 -14.79 34.23
C LEU I 90 10.29 -14.28 33.27
N TYR I 91 10.68 -13.37 32.36
CA TYR I 91 9.84 -12.99 31.27
C TYR I 91 9.32 -14.22 30.53
N GLY I 92 8.03 -14.21 30.22
CA GLY I 92 7.36 -15.30 29.58
C GLY I 92 6.79 -16.41 30.44
N LEU I 93 7.04 -16.36 31.74
CA LEU I 93 6.67 -17.42 32.65
C LEU I 93 5.22 -17.88 32.49
N GLU I 94 4.34 -16.93 32.35
CA GLU I 94 2.88 -17.21 32.31
C GLU I 94 2.53 -18.08 31.12
N SER I 95 3.24 -17.91 29.99
CA SER I 95 3.05 -18.80 28.84
C SER I 95 3.78 -20.12 28.99
N HIS I 96 4.98 -20.08 29.60
CA HIS I 96 5.75 -21.34 29.84
C HIS I 96 4.97 -22.33 30.67
N LEU I 97 4.19 -21.84 31.62
CA LEU I 97 3.36 -22.66 32.50
C LEU I 97 1.92 -22.72 32.08
N GLN I 98 1.66 -22.42 30.80
CA GLN I 98 0.35 -22.67 30.13
C GLN I 98 -0.81 -22.07 30.99
N GLY I 99 -0.57 -20.90 31.54
CA GLY I 99 -1.57 -20.17 32.23
C GLY I 99 -1.85 -20.66 33.63
N LYS I 100 -1.03 -21.58 34.16
CA LYS I 100 -1.26 -22.04 35.56
C LYS I 100 -0.84 -21.05 36.61
N VAL I 101 0.06 -20.11 36.27
CA VAL I 101 0.52 -19.11 37.23
C VAL I 101 -0.07 -17.74 36.93
N VAL I 102 -0.45 -17.04 38.01
CA VAL I 102 -0.96 -15.68 37.91
C VAL I 102 0.05 -14.81 38.65
N THR I 103 0.40 -13.67 38.04
CA THR I 103 1.53 -12.87 38.45
C THR I 103 1.18 -11.51 38.97
N PHE I 104 -0.11 -11.28 39.20
CA PHE I 104 -0.57 -10.07 39.84
C PHE I 104 -1.17 -10.48 41.24
N GLY I 105 -1.31 -9.50 42.09
CA GLY I 105 -1.70 -9.70 43.47
C GLY I 105 -3.01 -10.41 43.73
N GLY I 106 -3.04 -11.00 44.95
CA GLY I 106 -4.22 -11.65 45.46
C GLY I 106 -4.03 -13.05 45.92
N GLY I 107 -2.85 -13.64 45.63
CA GLY I 107 -2.47 -14.92 46.16
C GLY I 107 -1.34 -14.83 47.17
N TYR I 108 -1.45 -15.63 48.24
CA TYR I 108 -0.43 -15.65 49.31
C TYR I 108 -0.13 -17.06 49.73
N ALA I 109 1.15 -17.34 49.92
CA ALA I 109 1.64 -18.58 50.51
C ALA I 109 1.46 -18.51 52.01
N LEU I 110 1.03 -19.61 52.59
CA LEU I 110 0.72 -19.67 54.04
C LEU I 110 1.77 -20.55 54.72
N TRP I 111 2.41 -20.00 55.78
CA TRP I 111 3.51 -20.69 56.46
C TRP I 111 3.22 -20.77 57.97
N ARG I 112 3.65 -21.87 58.58
CA ARG I 112 3.55 -22.03 60.05
C ARG I 112 4.81 -22.75 60.50
N ASP I 113 5.56 -22.13 61.43
CA ASP I 113 6.78 -22.72 62.01
C ASP I 113 7.77 -23.14 60.92
N GLY I 114 7.96 -22.27 59.92
CA GLY I 114 8.87 -22.54 58.81
C GLY I 114 8.39 -23.50 57.73
N ILE I 115 7.17 -23.99 57.85
CA ILE I 115 6.64 -25.02 56.95
C ILE I 115 5.55 -24.40 56.09
N LEU I 116 5.57 -24.71 54.80
CA LEU I 116 4.55 -24.24 53.87
C LEU I 116 3.35 -25.11 54.07
N ILE I 117 2.23 -24.51 54.43
CA ILE I 117 1.00 -25.30 54.65
C ILE I 117 -0.13 -25.08 53.61
N GLY I 118 0.01 -24.09 52.74
CA GLY I 118 -1.02 -23.83 51.78
C GLY I 118 -0.93 -22.49 51.13
N GLY I 119 -1.98 -22.20 50.37
CA GLY I 119 -2.08 -20.96 49.54
C GLY I 119 -3.49 -20.47 49.60
N LEU I 120 -3.65 -19.15 49.62
CA LEU I 120 -4.91 -18.51 49.55
C LEU I 120 -4.92 -17.62 48.29
N GLY I 121 -6.02 -17.66 47.56
CA GLY I 121 -6.25 -16.81 46.41
C GLY I 121 -7.58 -16.11 46.43
N ILE I 122 -7.58 -14.81 46.14
CA ILE I 122 -8.80 -14.03 46.03
C ILE I 122 -8.83 -13.36 44.65
N SER I 123 -9.95 -13.39 44.01
CA SER I 123 -10.15 -12.62 42.76
C SER I 123 -11.55 -12.12 42.71
N GLY I 124 -11.73 -10.95 42.07
CA GLY I 124 -13.01 -10.38 41.85
C GLY I 124 -13.11 -8.87 42.05
N GLY I 125 -12.14 -8.32 42.74
CA GLY I 125 -12.06 -6.86 42.88
C GLY I 125 -10.98 -6.29 41.98
N SER I 126 -10.56 -5.09 42.30
CA SER I 126 -9.30 -4.61 41.83
C SER I 126 -8.22 -5.56 42.44
N VAL I 127 -7.00 -5.51 41.89
CA VAL I 127 -5.84 -6.19 42.47
C VAL I 127 -5.62 -5.75 43.96
N GLU I 128 -5.71 -4.45 44.22
CA GLU I 128 -5.57 -3.97 45.54
C GLU I 128 -6.66 -4.55 46.55
N GLN I 129 -7.91 -4.54 46.12
CA GLN I 129 -9.02 -5.11 46.96
C GLN I 129 -8.79 -6.57 47.24
N ASP I 130 -8.40 -7.30 46.18
CA ASP I 130 -8.11 -8.77 46.32
C ASP I 130 -7.02 -8.97 47.37
N MET I 131 -5.99 -8.11 47.36
CA MET I 131 -4.89 -8.20 48.35
C MET I 131 -5.35 -7.83 49.78
N ASP I 132 -6.19 -6.78 49.89
CA ASP I 132 -6.79 -6.41 51.17
C ASP I 132 -7.67 -7.54 51.80
N ILE I 133 -8.55 -8.10 50.97
CA ILE I 133 -9.36 -9.24 51.38
C ILE I 133 -8.47 -10.42 51.83
N ALA I 134 -7.51 -10.79 51.00
CA ALA I 134 -6.60 -11.90 51.30
C ALA I 134 -5.86 -11.66 52.66
N GLN I 135 -5.29 -10.46 52.81
CA GLN I 135 -4.53 -10.14 53.98
C GLN I 135 -5.39 -10.11 55.25
N THR I 136 -6.60 -9.57 55.12
CA THR I 136 -7.58 -9.60 56.21
C THR I 136 -7.87 -11.04 56.64
N ALA I 137 -8.11 -11.93 55.68
CA ALA I 137 -8.46 -13.29 55.98
C ALA I 137 -7.30 -13.99 56.71
N ILE I 138 -6.10 -13.78 56.21
CA ILE I 138 -4.92 -14.37 56.78
C ILE I 138 -4.70 -13.93 58.24
N ALA I 139 -4.94 -12.63 58.50
CA ALA I 139 -4.83 -12.07 59.85
C ALA I 139 -5.83 -12.72 60.81
N ALA I 140 -6.94 -13.30 60.30
CA ALA I 140 -7.89 -14.01 61.16
C ALA I 140 -7.37 -15.32 61.77
N ILE I 141 -6.30 -15.89 61.24
CA ILE I 141 -5.76 -17.13 61.80
C ILE I 141 -4.31 -16.99 62.19
N ASN I 142 -3.76 -17.98 62.85
CA ASN I 142 -2.39 -17.89 63.32
C ASN I 142 -1.45 -18.45 62.25
N VAL I 143 -1.15 -17.65 61.20
CA VAL I 143 -0.17 -18.00 60.17
C VAL I 143 0.61 -16.82 59.60
N GLY I 144 1.76 -17.15 59.05
CA GLY I 144 2.59 -16.16 58.36
C GLY I 144 2.48 -16.29 56.85
N THR I 145 2.92 -15.25 56.16
CA THR I 145 2.98 -15.23 54.69
C THR I 145 4.39 -15.32 54.15
N HIS I 146 5.36 -15.59 55.03
CA HIS I 146 6.72 -15.84 54.64
C HIS I 146 7.25 -16.94 55.55
N GLN I 147 8.22 -17.69 55.09
CA GLN I 147 8.80 -18.73 55.86
C GLN I 147 9.40 -18.18 57.18
N VAL J 10 -35.95 -18.14 44.89
CA VAL J 10 -35.76 -19.53 44.41
C VAL J 10 -34.29 -20.09 44.47
N ALA J 11 -33.29 -19.32 44.03
CA ALA J 11 -31.89 -19.77 44.03
C ALA J 11 -31.39 -20.37 45.35
N LEU J 12 -30.24 -21.03 45.27
CA LEU J 12 -29.57 -21.53 46.49
C LEU J 12 -29.08 -20.36 47.35
N SER J 13 -29.51 -20.34 48.61
CA SER J 13 -29.16 -19.30 49.58
C SER J 13 -27.92 -19.71 50.28
N PHE J 14 -27.33 -18.81 51.06
CA PHE J 14 -26.17 -19.12 51.85
C PHE J 14 -26.45 -20.33 52.72
N HIS J 15 -27.61 -20.30 53.39
CA HIS J 15 -28.03 -21.41 54.25
C HIS J 15 -28.14 -22.73 53.48
N ASP J 16 -28.74 -22.71 52.29
CA ASP J 16 -28.76 -23.92 51.42
C ASP J 16 -27.36 -24.48 51.19
N LEU J 17 -26.43 -23.63 50.79
CA LEU J 17 -25.06 -24.05 50.41
C LEU J 17 -24.33 -24.60 51.63
N HIS J 18 -24.47 -23.90 52.75
CA HIS J 18 -23.78 -24.22 53.97
C HIS J 18 -24.28 -25.57 54.49
N GLN J 19 -25.60 -25.74 54.52
CA GLN J 19 -26.22 -27.01 54.98
C GLN J 19 -25.96 -28.19 54.07
N LEU J 20 -26.03 -28.01 52.74
CA LEU J 20 -25.62 -29.07 51.83
C LEU J 20 -24.24 -29.56 52.14
N THR J 21 -23.30 -28.62 52.29
CA THR J 21 -21.88 -28.94 52.44
C THR J 21 -21.63 -29.63 53.78
N ARG J 22 -22.19 -29.06 54.84
CA ARG J 22 -22.10 -29.63 56.18
C ARG J 22 -22.66 -31.03 56.27
N ALA J 23 -23.85 -31.21 55.73
CA ALA J 23 -24.49 -32.52 55.75
C ALA J 23 -23.74 -33.53 54.90
N ALA J 24 -23.17 -33.11 53.77
CA ALA J 24 -22.35 -34.06 52.96
C ALA J 24 -21.13 -34.51 53.70
N VAL J 25 -20.43 -33.58 54.31
CA VAL J 25 -19.23 -33.91 55.05
C VAL J 25 -19.56 -34.84 56.26
N GLU J 26 -20.60 -34.49 56.99
CA GLU J 26 -21.03 -35.25 58.13
C GLU J 26 -21.36 -36.68 57.76
N ARG J 27 -22.09 -36.85 56.67
CA ARG J 27 -22.39 -38.20 56.18
C ARG J 27 -21.15 -38.98 55.75
N ALA J 28 -20.23 -38.29 55.05
CA ALA J 28 -18.97 -38.92 54.67
C ALA J 28 -18.14 -39.37 55.91
N GLN J 29 -18.09 -38.54 56.93
CA GLN J 29 -17.50 -38.92 58.21
C GLN J 29 -18.18 -40.17 58.83
N GLN J 30 -19.50 -40.25 58.78
CA GLN J 30 -20.23 -41.45 59.30
C GLN J 30 -19.90 -42.71 58.54
N LEU J 31 -19.76 -42.58 57.23
CA LEU J 31 -19.29 -43.65 56.40
C LEU J 31 -17.81 -43.92 56.44
N GLN J 32 -17.04 -43.04 57.09
CA GLN J 32 -15.58 -43.12 57.15
C GLN J 32 -14.92 -43.13 55.77
N VAL J 33 -15.43 -42.29 54.86
CA VAL J 33 -14.74 -42.15 53.55
C VAL J 33 -14.56 -40.64 53.25
N PRO J 34 -13.32 -40.22 52.92
CA PRO J 34 -13.11 -38.79 52.63
C PRO J 34 -13.52 -38.48 51.23
N VAL J 35 -14.30 -37.43 51.04
CA VAL J 35 -14.80 -37.09 49.74
C VAL J 35 -14.45 -35.59 49.40
N VAL J 36 -14.61 -35.27 48.13
CA VAL J 36 -14.76 -33.94 47.64
C VAL J 36 -16.22 -33.71 47.45
N VAL J 37 -16.67 -32.53 47.89
CA VAL J 37 -18.03 -32.06 47.74
C VAL J 37 -17.97 -30.86 46.77
N SER J 38 -18.85 -30.85 45.80
CA SER J 38 -18.91 -29.71 44.89
C SER J 38 -20.34 -29.31 44.68
N ILE J 39 -20.57 -27.99 44.70
CA ILE J 39 -21.87 -27.44 44.34
C ILE J 39 -21.65 -26.45 43.20
N VAL J 40 -22.46 -26.57 42.16
CA VAL J 40 -22.52 -25.56 41.10
C VAL J 40 -23.89 -24.87 41.12
N ASP J 41 -23.95 -23.67 40.57
CA ASP J 41 -25.25 -22.97 40.42
C ASP J 41 -25.98 -23.44 39.15
N ALA J 42 -27.15 -22.87 38.91
CA ALA J 42 -27.98 -23.26 37.76
C ALA J 42 -27.30 -23.05 36.43
N HIS J 43 -26.25 -22.24 36.39
CA HIS J 43 -25.50 -22.01 35.12
C HIS J 43 -24.26 -22.85 35.06
N GLY J 44 -24.04 -23.69 36.07
CA GLY J 44 -22.87 -24.56 36.06
C GLY J 44 -21.59 -23.95 36.62
N THR J 45 -21.67 -22.77 37.23
CA THR J 45 -20.50 -22.19 37.82
C THR J 45 -20.23 -22.79 39.18
N GLU J 46 -18.97 -23.17 39.39
CA GLU J 46 -18.53 -23.67 40.66
C GLU J 46 -18.80 -22.65 41.77
N THR J 47 -19.55 -23.10 42.78
CA THR J 47 -19.98 -22.25 43.88
C THR J 47 -19.36 -22.63 45.18
N VAL J 48 -19.32 -23.93 45.48
CA VAL J 48 -18.66 -24.39 46.66
C VAL J 48 -17.85 -25.61 46.29
N THR J 49 -16.63 -25.69 46.79
CA THR J 49 -15.85 -26.94 46.78
C THR J 49 -15.25 -27.17 48.13
N TRP J 50 -15.27 -28.43 48.60
CA TRP J 50 -14.67 -28.78 49.88
C TRP J 50 -14.03 -30.16 49.76
N ARG J 51 -12.74 -30.25 50.02
CA ARG J 51 -12.00 -31.49 50.00
C ARG J 51 -11.70 -31.93 51.43
N MET J 52 -12.14 -33.13 51.76
CA MET J 52 -11.79 -33.75 53.04
C MET J 52 -10.38 -34.34 52.93
N PRO J 53 -9.66 -34.34 54.05
CA PRO J 53 -8.31 -34.86 54.01
C PRO J 53 -8.24 -36.30 53.50
N ASP J 54 -7.25 -36.57 52.65
CA ASP J 54 -7.00 -37.86 52.05
C ASP J 54 -8.04 -38.34 51.07
N ALA J 55 -8.95 -37.50 50.62
CA ALA J 55 -9.79 -37.88 49.51
C ALA J 55 -8.93 -38.28 48.27
N LEU J 56 -9.43 -39.28 47.50
CA LEU J 56 -8.75 -39.68 46.27
C LEU J 56 -8.45 -38.44 45.40
N LEU J 57 -7.26 -38.35 44.85
CA LEU J 57 -6.93 -37.15 44.02
C LEU J 57 -7.89 -36.98 42.86
N VAL J 58 -8.29 -38.08 42.23
CA VAL J 58 -9.26 -38.02 41.09
C VAL J 58 -10.56 -37.33 41.45
N SER J 59 -10.95 -37.41 42.71
CA SER J 59 -12.16 -36.79 43.15
C SER J 59 -12.21 -35.28 43.06
N SER J 60 -11.04 -34.64 43.11
CA SER J 60 -10.93 -33.20 42.88
C SER J 60 -11.45 -32.80 41.49
N GLU J 61 -11.32 -33.68 40.50
CA GLU J 61 -11.84 -33.43 39.14
C GLU J 61 -13.25 -34.02 38.98
N LEU J 62 -13.47 -35.24 39.50
CA LEU J 62 -14.78 -35.89 39.34
C LEU J 62 -15.96 -35.20 40.05
N ALA J 63 -15.76 -34.66 41.25
CA ALA J 63 -16.93 -34.11 41.99
C ALA J 63 -17.51 -32.85 41.30
N PRO J 64 -16.65 -31.87 40.93
CA PRO J 64 -17.17 -30.76 40.17
C PRO J 64 -17.73 -31.10 38.83
N LYS J 65 -17.14 -32.11 38.16
CA LYS J 65 -17.69 -32.58 36.89
C LYS J 65 -19.10 -33.18 37.08
N LYS J 66 -19.29 -33.91 38.17
CA LYS J 66 -20.63 -34.53 38.43
C LYS J 66 -21.69 -33.47 38.68
N ALA J 67 -21.32 -32.45 39.47
CA ALA J 67 -22.20 -31.33 39.72
C ALA J 67 -22.52 -30.63 38.46
N TRP J 68 -21.49 -30.36 37.63
CA TRP J 68 -21.72 -29.67 36.35
C TRP J 68 -22.60 -30.45 35.40
N THR J 69 -22.32 -31.76 35.27
CA THR J 69 -23.11 -32.64 34.44
C THR J 69 -24.60 -32.64 34.81
N ALA J 70 -24.87 -32.66 36.11
CA ALA J 70 -26.25 -32.61 36.62
C ALA J 70 -27.03 -31.39 36.10
N VAL J 71 -26.42 -30.20 36.12
CA VAL J 71 -27.05 -29.05 35.53
C VAL J 71 -27.03 -29.02 34.00
N ALA J 72 -25.91 -29.42 33.41
CA ALA J 72 -25.71 -29.34 31.96
C ALA J 72 -26.60 -30.29 31.17
N MET J 73 -27.00 -31.39 31.82
CA MET J 73 -27.93 -32.37 31.24
C MET J 73 -29.26 -32.49 31.99
N LYS J 74 -29.47 -31.65 33.00
CA LYS J 74 -30.67 -31.65 33.81
C LYS J 74 -31.03 -33.06 34.26
N THR J 75 -30.07 -33.76 34.87
CA THR J 75 -30.27 -35.16 35.26
C THR J 75 -29.39 -35.51 36.44
N ALA J 76 -29.66 -36.59 37.14
CA ALA J 76 -28.68 -37.16 38.06
C ALA J 76 -27.68 -37.98 37.18
N THR J 77 -26.42 -37.99 37.59
CA THR J 77 -25.38 -38.64 36.78
C THR J 77 -25.56 -40.15 36.67
N HIS J 78 -26.12 -40.80 37.69
CA HIS J 78 -26.44 -42.25 37.55
C HIS J 78 -27.49 -42.55 36.53
N GLU J 79 -28.35 -41.59 36.20
CA GLU J 79 -29.36 -41.72 35.14
C GLU J 79 -28.76 -41.66 33.76
N LEU J 80 -27.48 -41.27 33.62
CA LEU J 80 -26.81 -41.31 32.34
C LEU J 80 -26.10 -42.67 32.04
N SER J 81 -25.95 -43.51 33.04
CA SER J 81 -25.12 -44.74 32.87
C SER J 81 -25.62 -45.60 31.73
N ASP J 82 -26.94 -45.78 31.60
CA ASP J 82 -27.45 -46.72 30.61
C ASP J 82 -27.35 -46.12 29.22
N VAL J 83 -27.53 -44.82 29.13
CA VAL J 83 -27.67 -44.19 27.85
C VAL J 83 -26.35 -43.98 27.10
N VAL J 84 -25.23 -44.11 27.79
CA VAL J 84 -23.91 -43.96 27.16
C VAL J 84 -23.23 -45.29 26.87
N GLN J 85 -23.92 -46.40 27.20
CA GLN J 85 -23.36 -47.71 26.91
C GLN J 85 -23.26 -47.98 25.42
N PRO J 86 -22.34 -48.90 25.02
CA PRO J 86 -22.34 -49.41 23.61
C PRO J 86 -23.75 -49.85 23.25
N GLY J 87 -24.21 -49.45 22.09
CA GLY J 87 -25.55 -49.76 21.63
C GLY J 87 -26.65 -48.81 22.10
N ALA J 88 -26.38 -47.93 23.07
CA ALA J 88 -27.37 -46.98 23.55
C ALA J 88 -27.29 -45.61 22.82
N ALA J 89 -28.29 -44.77 23.07
CA ALA J 89 -28.53 -43.60 22.23
C ALA J 89 -27.40 -42.54 22.23
N LEU J 90 -26.70 -42.42 23.35
CA LEU J 90 -25.63 -41.40 23.53
C LEU J 90 -24.23 -42.03 23.77
N TYR J 91 -24.01 -43.24 23.23
CA TYR J 91 -22.70 -43.84 23.17
C TYR J 91 -21.67 -42.79 22.64
N GLY J 92 -20.57 -42.67 23.37
CA GLY J 92 -19.49 -41.79 23.05
C GLY J 92 -19.55 -40.42 23.73
N LEU J 93 -20.62 -40.14 24.46
CA LEU J 93 -20.89 -38.77 24.97
C LEU J 93 -19.74 -38.19 25.78
N GLU J 94 -19.20 -39.00 26.66
CA GLU J 94 -18.02 -38.60 27.48
C GLU J 94 -16.80 -38.10 26.65
N SER J 95 -16.58 -38.68 25.46
CA SER J 95 -15.53 -38.16 24.56
C SER J 95 -15.97 -36.95 23.78
N HIS J 96 -17.22 -36.97 23.30
CA HIS J 96 -17.77 -35.83 22.55
C HIS J 96 -17.64 -34.54 23.37
N LEU J 97 -17.81 -34.64 24.69
CA LEU J 97 -17.74 -33.47 25.57
C LEU J 97 -16.40 -33.31 26.27
N GLN J 98 -15.38 -34.02 25.76
CA GLN J 98 -13.95 -33.86 26.19
C GLN J 98 -13.81 -34.04 27.71
N GLY J 99 -14.52 -35.02 28.25
CA GLY J 99 -14.44 -35.33 29.63
C GLY J 99 -15.20 -34.43 30.59
N LYS J 100 -16.02 -33.50 30.10
CA LYS J 100 -16.74 -32.62 31.00
C LYS J 100 -17.91 -33.26 31.70
N VAL J 101 -18.41 -34.37 31.16
CA VAL J 101 -19.53 -35.08 31.76
C VAL J 101 -19.07 -36.37 32.37
N VAL J 102 -19.62 -36.67 33.55
CA VAL J 102 -19.37 -37.90 34.23
C VAL J 102 -20.71 -38.65 34.29
N THR J 103 -20.65 -39.95 33.98
CA THR J 103 -21.86 -40.72 33.65
C THR J 103 -22.10 -41.87 34.64
N PHE J 104 -21.39 -41.82 35.78
CA PHE J 104 -21.75 -42.69 36.91
C PHE J 104 -22.22 -41.85 38.07
N GLY J 105 -22.84 -42.52 39.02
CA GLY J 105 -23.50 -41.85 40.15
C GLY J 105 -22.68 -40.94 41.05
N GLY J 106 -23.39 -39.99 41.63
CA GLY J 106 -22.87 -39.07 42.59
C GLY J 106 -23.15 -37.61 42.35
N GLY J 107 -23.70 -37.29 41.19
CA GLY J 107 -24.19 -35.96 40.88
C GLY J 107 -25.70 -35.90 40.80
N TYR J 108 -26.28 -34.83 41.34
CA TYR J 108 -27.74 -34.62 41.30
C TYR J 108 -28.06 -33.20 40.92
N ALA J 109 -29.08 -33.03 40.09
CA ALA J 109 -29.66 -31.74 39.78
C ALA J 109 -30.59 -31.33 40.95
N LEU J 110 -30.58 -30.03 41.28
CA LEU J 110 -31.33 -29.50 42.41
C LEU J 110 -32.42 -28.57 41.85
N TRP J 111 -33.66 -28.84 42.23
CA TRP J 111 -34.83 -28.15 41.71
C TRP J 111 -35.69 -27.60 42.85
N ARG J 112 -36.26 -26.42 42.65
CA ARG J 112 -37.18 -25.83 43.64
C ARG J 112 -38.29 -25.15 42.85
N ASP J 113 -39.54 -25.51 43.13
CA ASP J 113 -40.70 -24.91 42.48
C ASP J 113 -40.61 -24.97 40.96
N GLY J 114 -40.20 -26.11 40.43
CA GLY J 114 -40.02 -26.29 38.98
C GLY J 114 -38.84 -25.59 38.31
N ILE J 115 -37.99 -24.95 39.10
CA ILE J 115 -36.83 -24.23 38.61
C ILE J 115 -35.55 -24.98 38.99
N LEU J 116 -34.63 -25.10 38.02
CA LEU J 116 -33.29 -25.72 38.27
C LEU J 116 -32.44 -24.69 38.98
N ILE J 117 -31.93 -25.03 40.15
CA ILE J 117 -31.17 -24.06 40.95
C ILE J 117 -29.68 -24.42 41.13
N GLY J 118 -29.30 -25.65 40.76
CA GLY J 118 -27.95 -26.03 40.91
C GLY J 118 -27.74 -27.51 40.80
N GLY J 119 -26.51 -27.91 41.12
CA GLY J 119 -26.04 -29.27 41.01
C GLY J 119 -25.14 -29.57 42.16
N LEU J 120 -25.24 -30.80 42.70
CA LEU J 120 -24.36 -31.27 43.73
C LEU J 120 -23.59 -32.48 43.22
N GLY J 121 -22.31 -32.54 43.53
CA GLY J 121 -21.44 -33.68 43.12
C GLY J 121 -20.58 -34.15 44.23
N ILE J 122 -20.53 -35.49 44.40
CA ILE J 122 -19.73 -36.13 45.41
C ILE J 122 -18.83 -37.14 44.76
N SER J 123 -17.57 -37.15 45.16
CA SER J 123 -16.65 -38.19 44.74
C SER J 123 -15.70 -38.53 45.80
N GLY J 124 -15.26 -39.76 45.83
CA GLY J 124 -14.25 -40.23 46.76
C GLY J 124 -14.50 -41.63 47.27
N GLY J 125 -15.75 -42.04 47.31
CA GLY J 125 -16.11 -43.43 47.75
C GLY J 125 -16.33 -44.35 46.59
N SER J 126 -17.02 -45.45 46.86
CA SER J 126 -17.66 -46.21 45.82
C SER J 126 -18.78 -45.31 45.26
N VAL J 127 -19.30 -45.66 44.10
CA VAL J 127 -20.40 -44.95 43.49
C VAL J 127 -21.57 -44.94 44.46
N GLU J 128 -21.85 -46.07 45.10
CA GLU J 128 -22.97 -46.17 46.05
C GLU J 128 -22.79 -45.24 47.24
N GLN J 129 -21.59 -45.18 47.79
CA GLN J 129 -21.29 -44.25 48.88
C GLN J 129 -21.43 -42.78 48.46
N ASP J 130 -20.92 -42.46 47.26
CA ASP J 130 -21.04 -41.10 46.74
C ASP J 130 -22.54 -40.69 46.60
N MET J 131 -23.36 -41.59 46.06
CA MET J 131 -24.80 -41.35 45.96
C MET J 131 -25.50 -41.22 47.32
N ASP J 132 -25.14 -42.07 48.27
CA ASP J 132 -25.67 -42.00 49.65
C ASP J 132 -25.35 -40.62 50.30
N ILE J 133 -24.09 -40.25 50.25
CA ILE J 133 -23.65 -38.94 50.74
C ILE J 133 -24.42 -37.78 50.08
N ALA J 134 -24.50 -37.82 48.73
CA ALA J 134 -25.23 -36.78 48.01
C ALA J 134 -26.69 -36.72 48.46
N GLN J 135 -27.35 -37.88 48.52
CA GLN J 135 -28.78 -37.92 48.85
C GLN J 135 -29.03 -37.45 50.27
N THR J 136 -28.15 -37.83 51.19
CA THR J 136 -28.24 -37.37 52.58
C THR J 136 -28.11 -35.88 52.69
N ALA J 137 -27.17 -35.30 51.93
CA ALA J 137 -27.00 -33.86 51.94
C ALA J 137 -28.22 -33.13 51.41
N ILE J 138 -28.74 -33.62 50.30
CA ILE J 138 -29.92 -33.03 49.66
C ILE J 138 -31.15 -33.06 50.60
N ALA J 139 -31.31 -34.15 51.32
CA ALA J 139 -32.36 -34.29 52.34
C ALA J 139 -32.25 -33.27 53.45
N ALA J 140 -31.06 -32.72 53.70
CA ALA J 140 -30.88 -31.68 54.69
C ALA J 140 -31.47 -30.33 54.36
N ILE J 141 -31.80 -30.07 53.11
CA ILE J 141 -32.41 -28.80 52.72
C ILE J 141 -33.73 -29.01 52.00
N ASN J 142 -34.44 -27.93 51.75
CA ASN J 142 -35.76 -28.06 51.16
C ASN J 142 -35.65 -27.97 49.64
N VAL J 143 -35.25 -29.07 48.98
CA VAL J 143 -35.18 -29.18 47.51
C VAL J 143 -35.51 -30.52 46.96
N GLY J 144 -35.89 -30.53 45.69
CA GLY J 144 -36.11 -31.77 44.94
C GLY J 144 -34.96 -32.08 43.98
N THR J 145 -34.93 -33.33 43.54
CA THR J 145 -33.93 -33.79 42.56
C THR J 145 -34.52 -34.01 41.17
N HIS J 146 -35.80 -33.65 40.98
CA HIS J 146 -36.43 -33.68 39.64
C HIS J 146 -37.38 -32.48 39.59
N GLN J 147 -37.63 -32.00 38.39
CA GLN J 147 -38.45 -30.80 38.19
C GLN J 147 -39.84 -31.01 38.80
N VAL K 10 -35.41 -9.73 33.73
CA VAL K 10 -34.47 -8.84 32.96
C VAL K 10 -33.43 -9.70 32.20
N ALA K 11 -33.56 -9.64 30.88
CA ALA K 11 -32.77 -10.42 29.93
C ALA K 11 -32.92 -10.01 28.48
N LEU K 12 -31.99 -10.46 27.65
CA LEU K 12 -32.13 -10.32 26.22
C LEU K 12 -33.31 -11.16 25.75
N SER K 13 -34.27 -10.51 25.12
CA SER K 13 -35.37 -11.18 24.40
C SER K 13 -34.95 -11.68 23.01
N PHE K 14 -35.83 -12.45 22.39
CA PHE K 14 -35.66 -12.81 20.96
C PHE K 14 -35.44 -11.56 20.09
N HIS K 15 -36.33 -10.57 20.25
CA HIS K 15 -36.23 -9.34 19.51
C HIS K 15 -34.87 -8.61 19.74
N ASP K 16 -34.41 -8.54 20.97
CA ASP K 16 -33.09 -7.96 21.30
C ASP K 16 -31.98 -8.64 20.52
N LEU K 17 -31.95 -9.98 20.57
CA LEU K 17 -30.95 -10.78 19.83
C LEU K 17 -30.98 -10.60 18.33
N HIS K 18 -32.20 -10.67 17.80
CA HIS K 18 -32.40 -10.54 16.39
C HIS K 18 -31.99 -9.17 15.86
N GLN K 19 -32.45 -8.12 16.55
CA GLN K 19 -32.11 -6.74 16.16
C GLN K 19 -30.64 -6.43 16.28
N LEU K 20 -30.01 -6.89 17.33
CA LEU K 20 -28.52 -6.73 17.44
C LEU K 20 -27.78 -7.34 16.25
N THR K 21 -28.13 -8.56 15.92
CA THR K 21 -27.46 -9.30 14.85
C THR K 21 -27.68 -8.65 13.51
N ARG K 22 -28.95 -8.35 13.22
CA ARG K 22 -29.23 -7.67 11.98
C ARG K 22 -28.53 -6.36 11.85
N ALA K 23 -28.61 -5.53 12.88
CA ALA K 23 -27.97 -4.22 12.83
C ALA K 23 -26.43 -4.34 12.66
N ALA K 24 -25.82 -5.36 13.28
CA ALA K 24 -24.38 -5.55 13.13
C ALA K 24 -24.01 -5.93 11.67
N VAL K 25 -24.77 -6.87 11.09
CA VAL K 25 -24.55 -7.29 9.70
C VAL K 25 -24.76 -6.11 8.77
N GLU K 26 -25.87 -5.36 8.97
CA GLU K 26 -26.15 -4.19 8.16
C GLU K 26 -25.02 -3.13 8.19
N ARG K 27 -24.52 -2.84 9.37
CA ARG K 27 -23.42 -1.84 9.52
C ARG K 27 -22.14 -2.34 8.86
N ALA K 28 -21.85 -3.63 9.07
CA ALA K 28 -20.67 -4.23 8.43
C ALA K 28 -20.80 -4.07 6.87
N GLN K 29 -21.96 -4.33 6.34
CA GLN K 29 -22.22 -4.15 4.89
C GLN K 29 -21.97 -2.71 4.44
N GLN K 30 -22.36 -1.73 5.25
CA GLN K 30 -22.13 -0.32 4.91
C GLN K 30 -20.66 0.03 4.94
N LEU K 31 -19.92 -0.60 5.85
CA LEU K 31 -18.49 -0.43 5.91
C LEU K 31 -17.71 -1.33 4.92
N GLN K 32 -18.41 -2.24 4.25
CA GLN K 32 -17.85 -3.20 3.28
C GLN K 32 -16.77 -4.09 3.89
N VAL K 33 -17.04 -4.61 5.07
CA VAL K 33 -16.12 -5.50 5.72
C VAL K 33 -16.90 -6.66 6.27
N PRO K 34 -16.51 -7.89 5.88
CA PRO K 34 -17.22 -9.04 6.45
C PRO K 34 -16.75 -9.34 7.87
N VAL K 35 -17.67 -9.59 8.77
CA VAL K 35 -17.35 -9.84 10.16
C VAL K 35 -18.11 -11.04 10.70
N VAL K 36 -17.61 -11.49 11.82
CA VAL K 36 -18.31 -12.45 12.67
C VAL K 36 -18.93 -11.64 13.81
N VAL K 37 -20.16 -11.93 14.08
CA VAL K 37 -20.94 -11.35 15.15
C VAL K 37 -21.21 -12.43 16.18
N SER K 38 -21.00 -12.12 17.44
CA SER K 38 -21.28 -13.09 18.50
C SER K 38 -21.94 -12.41 19.68
N ILE K 39 -22.96 -13.09 20.22
CA ILE K 39 -23.67 -12.61 21.39
C ILE K 39 -23.65 -13.72 22.43
N VAL K 40 -23.30 -13.36 23.66
CA VAL K 40 -23.38 -14.27 24.80
C VAL K 40 -24.38 -13.72 25.77
N ASP K 41 -24.94 -14.59 26.61
CA ASP K 41 -25.79 -14.14 27.66
C ASP K 41 -24.99 -13.68 28.90
N ALA K 42 -25.70 -13.37 30.01
CA ALA K 42 -25.07 -12.87 31.21
C ALA K 42 -24.16 -13.88 31.91
N HIS K 43 -24.27 -15.17 31.55
CA HIS K 43 -23.47 -16.20 32.14
C HIS K 43 -22.35 -16.59 31.16
N GLY K 44 -22.25 -15.90 30.05
CA GLY K 44 -21.18 -16.15 29.10
C GLY K 44 -21.48 -17.30 28.12
N THR K 45 -22.72 -17.76 28.06
CA THR K 45 -23.07 -18.85 27.11
C THR K 45 -23.31 -18.28 25.75
N GLU K 46 -22.64 -18.85 24.75
CA GLU K 46 -22.86 -18.45 23.35
C GLU K 46 -24.34 -18.57 22.94
N THR K 47 -24.91 -17.46 22.48
CA THR K 47 -26.35 -17.37 22.20
C THR K 47 -26.61 -17.17 20.72
N VAL K 48 -25.84 -16.28 20.09
CA VAL K 48 -25.91 -16.10 18.65
C VAL K 48 -24.54 -16.05 18.08
N THR K 49 -24.33 -16.66 16.89
CA THR K 49 -23.14 -16.42 16.10
C THR K 49 -23.54 -16.31 14.67
N TRP K 50 -22.94 -15.37 13.96
CA TRP K 50 -23.21 -15.19 12.54
C TRP K 50 -21.94 -14.81 11.87
N ARG K 51 -21.54 -15.55 10.86
CA ARG K 51 -20.34 -15.26 10.05
C ARG K 51 -20.72 -14.81 8.67
N MET K 52 -20.27 -13.62 8.31
CA MET K 52 -20.47 -13.12 6.96
C MET K 52 -19.44 -13.76 6.01
N PRO K 53 -19.82 -13.93 4.72
CA PRO K 53 -18.88 -14.56 3.80
C PRO K 53 -17.57 -13.84 3.70
N ASP K 54 -16.50 -14.61 3.66
CA ASP K 54 -15.12 -14.12 3.57
C ASP K 54 -14.59 -13.40 4.80
N ALA K 55 -15.28 -13.43 5.93
CA ALA K 55 -14.70 -12.90 7.14
C ALA K 55 -13.34 -13.58 7.44
N LEU K 56 -12.39 -12.84 8.00
CA LEU K 56 -11.11 -13.44 8.42
C LEU K 56 -11.34 -14.66 9.26
N LEU K 57 -10.64 -15.75 8.96
CA LEU K 57 -10.84 -16.97 9.77
C LEU K 57 -10.64 -16.74 11.27
N VAL K 58 -9.67 -15.92 11.62
CA VAL K 58 -9.40 -15.64 13.09
C VAL K 58 -10.60 -15.04 13.80
N SER K 59 -11.46 -14.34 13.06
CA SER K 59 -12.66 -13.76 13.62
C SER K 59 -13.66 -14.72 14.22
N SER K 60 -13.72 -15.95 13.69
CA SER K 60 -14.52 -16.99 14.23
C SER K 60 -14.19 -17.32 15.70
N GLU K 61 -12.94 -17.13 16.08
CA GLU K 61 -12.53 -17.33 17.45
C GLU K 61 -12.60 -15.98 18.18
N LEU K 62 -12.15 -14.91 17.56
CA LEU K 62 -12.08 -13.62 18.28
C LEU K 62 -13.44 -13.03 18.69
N ALA K 63 -14.45 -13.13 17.82
CA ALA K 63 -15.66 -12.48 18.09
C ALA K 63 -16.41 -13.09 19.35
N PRO K 64 -16.52 -14.40 19.42
CA PRO K 64 -17.08 -14.96 20.67
C PRO K 64 -16.24 -14.71 21.91
N LYS K 65 -14.91 -14.76 21.77
CA LYS K 65 -14.02 -14.37 22.87
C LYS K 65 -14.24 -12.92 23.33
N LYS K 66 -14.45 -11.99 22.40
CA LYS K 66 -14.73 -10.59 22.79
C LYS K 66 -16.06 -10.45 23.55
N ALA K 67 -17.09 -11.17 23.09
CA ALA K 67 -18.37 -11.12 23.75
C ALA K 67 -18.26 -11.75 25.17
N TRP K 68 -17.59 -12.89 25.26
CA TRP K 68 -17.38 -13.58 26.54
C TRP K 68 -16.60 -12.66 27.53
N THR K 69 -15.52 -12.03 27.04
CA THR K 69 -14.66 -11.18 27.83
C THR K 69 -15.49 -10.03 28.46
N ALA K 70 -16.38 -9.44 27.66
CA ALA K 70 -17.22 -8.32 28.11
C ALA K 70 -18.08 -8.71 29.32
N VAL K 71 -18.68 -9.89 29.28
CA VAL K 71 -19.40 -10.41 30.43
C VAL K 71 -18.47 -10.84 31.57
N ALA K 72 -17.40 -11.56 31.24
CA ALA K 72 -16.52 -12.15 32.25
C ALA K 72 -15.73 -11.12 33.09
N MET K 73 -15.50 -9.95 32.51
CA MET K 73 -14.84 -8.84 33.14
C MET K 73 -15.71 -7.63 33.32
N LYS K 74 -16.98 -7.71 32.98
CA LYS K 74 -17.96 -6.60 33.10
C LYS K 74 -17.44 -5.33 32.52
N THR K 75 -16.90 -5.39 31.30
CA THR K 75 -16.30 -4.23 30.71
C THR K 75 -16.32 -4.32 29.17
N ALA K 76 -16.07 -3.23 28.45
CA ALA K 76 -15.80 -3.30 27.01
C ALA K 76 -14.36 -3.75 26.83
N THR K 77 -14.08 -4.53 25.79
CA THR K 77 -12.76 -5.07 25.59
C THR K 77 -11.73 -4.01 25.34
N HIS K 78 -12.10 -2.90 24.71
CA HIS K 78 -11.07 -1.77 24.49
C HIS K 78 -10.65 -1.10 25.80
N GLU K 79 -11.44 -1.23 26.83
CA GLU K 79 -11.08 -0.78 28.18
C GLU K 79 -10.11 -1.67 28.90
N LEU K 80 -9.87 -2.88 28.38
CA LEU K 80 -8.81 -3.73 28.91
C LEU K 80 -7.43 -3.52 28.26
N SER K 81 -7.37 -2.79 27.15
CA SER K 81 -6.04 -2.59 26.48
C SER K 81 -4.98 -2.00 27.35
N ASP K 82 -5.28 -0.93 28.08
CA ASP K 82 -4.24 -0.28 28.93
C ASP K 82 -3.80 -1.16 30.09
N VAL K 83 -4.78 -1.86 30.67
CA VAL K 83 -4.55 -2.52 31.96
C VAL K 83 -3.74 -3.86 31.84
N VAL K 84 -3.61 -4.39 30.62
CA VAL K 84 -2.80 -5.62 30.37
C VAL K 84 -1.42 -5.34 29.74
N GLN K 85 -1.06 -4.05 29.57
CA GLN K 85 0.21 -3.70 29.08
C GLN K 85 1.30 -4.09 30.05
N PRO K 86 2.51 -4.30 29.55
CA PRO K 86 3.66 -4.31 30.48
C PRO K 86 3.62 -3.15 31.45
N GLY K 87 3.83 -3.43 32.70
CA GLY K 87 3.87 -2.39 33.73
C GLY K 87 2.51 -2.07 34.30
N ALA K 88 1.45 -2.57 33.70
CA ALA K 88 0.10 -2.31 34.17
C ALA K 88 -0.46 -3.51 35.04
N ALA K 89 -1.59 -3.26 35.68
CA ALA K 89 -2.00 -4.07 36.86
C ALA K 89 -2.33 -5.58 36.51
N LEU K 90 -2.87 -5.80 35.30
CA LEU K 90 -3.24 -7.14 34.87
C LEU K 90 -2.33 -7.65 33.72
N TYR K 91 -1.11 -7.20 33.65
CA TYR K 91 -0.11 -7.77 32.70
C TYR K 91 -0.11 -9.30 32.77
N GLY K 92 -0.19 -9.93 31.61
CA GLY K 92 -0.24 -11.36 31.44
C GLY K 92 -1.61 -12.01 31.43
N LEU K 93 -2.67 -11.22 31.63
CA LEU K 93 -4.04 -11.73 31.81
C LEU K 93 -4.47 -12.67 30.69
N GLU K 94 -4.07 -12.35 29.44
CA GLU K 94 -4.42 -13.17 28.34
C GLU K 94 -3.86 -14.59 28.40
N SER K 95 -2.68 -14.78 28.99
CA SER K 95 -2.12 -16.08 29.21
C SER K 95 -2.63 -16.75 30.42
N HIS K 96 -2.85 -16.00 31.46
CA HIS K 96 -3.49 -16.56 32.69
C HIS K 96 -4.80 -17.23 32.40
N LEU K 97 -5.64 -16.65 31.52
CA LEU K 97 -6.88 -17.19 31.18
C LEU K 97 -6.86 -18.10 29.91
N GLN K 98 -5.69 -18.47 29.46
CA GLN K 98 -5.49 -19.45 28.36
C GLN K 98 -6.20 -19.00 27.10
N GLY K 99 -6.12 -17.73 26.80
CA GLY K 99 -6.62 -17.18 25.58
C GLY K 99 -8.09 -16.90 25.57
N LYS K 100 -8.80 -17.05 26.69
CA LYS K 100 -10.24 -16.81 26.67
C LYS K 100 -10.63 -15.36 26.62
N VAL K 101 -9.73 -14.47 27.00
CA VAL K 101 -10.01 -13.02 27.04
C VAL K 101 -9.28 -12.32 25.91
N VAL K 102 -9.98 -11.42 25.23
CA VAL K 102 -9.41 -10.57 24.17
C VAL K 102 -9.45 -9.16 24.67
N THR K 103 -8.32 -8.47 24.55
CA THR K 103 -8.07 -7.19 25.21
C THR K 103 -7.93 -5.98 24.27
N PHE K 104 -8.39 -6.15 23.01
CA PHE K 104 -8.57 -5.08 22.10
C PHE K 104 -10.03 -4.94 21.73
N GLY K 105 -10.36 -3.79 21.20
CA GLY K 105 -11.74 -3.36 20.99
C GLY K 105 -12.60 -4.24 20.07
N GLY K 106 -13.89 -4.18 20.34
CA GLY K 106 -14.90 -4.89 19.59
C GLY K 106 -15.93 -5.65 20.43
N GLY K 107 -15.69 -5.81 21.74
CA GLY K 107 -16.60 -6.43 22.66
C GLY K 107 -17.18 -5.39 23.62
N TYR K 108 -18.49 -5.49 23.89
CA TYR K 108 -19.20 -4.59 24.82
C TYR K 108 -20.12 -5.42 25.71
N ALA K 109 -20.11 -5.08 26.98
CA ALA K 109 -21.04 -5.62 27.94
C ALA K 109 -22.37 -4.91 27.75
N LEU K 110 -23.45 -5.64 27.93
CA LEU K 110 -24.80 -5.13 27.70
C LEU K 110 -25.52 -5.08 29.07
N TRP K 111 -26.05 -3.93 29.41
CA TRP K 111 -26.72 -3.71 30.71
C TRP K 111 -28.15 -3.13 30.52
N ARG K 112 -29.08 -3.50 31.41
CA ARG K 112 -30.44 -2.96 31.40
C ARG K 112 -30.86 -2.84 32.87
N ASP K 113 -31.24 -1.63 33.28
CA ASP K 113 -31.72 -1.35 34.63
C ASP K 113 -30.72 -1.79 35.70
N GLY K 114 -29.44 -1.53 35.46
CA GLY K 114 -28.38 -1.95 36.38
C GLY K 114 -27.98 -3.43 36.38
N ILE K 115 -28.57 -4.22 35.51
CA ILE K 115 -28.33 -5.65 35.43
C ILE K 115 -27.55 -6.00 34.15
N LEU K 116 -26.53 -6.84 34.31
CA LEU K 116 -25.75 -7.32 33.19
C LEU K 116 -26.57 -8.39 32.47
N ILE K 117 -26.86 -8.20 31.20
CA ILE K 117 -27.66 -9.15 30.45
C ILE K 117 -26.94 -9.90 29.34
N GLY K 118 -25.68 -9.50 29.04
CA GLY K 118 -24.98 -10.19 27.97
C GLY K 118 -23.81 -9.41 27.47
N GLY K 119 -23.25 -9.93 26.37
CA GLY K 119 -22.11 -9.39 25.74
C GLY K 119 -22.19 -9.54 24.25
N LEU K 120 -21.65 -8.53 23.55
CA LEU K 120 -21.62 -8.56 22.09
C LEU K 120 -20.20 -8.42 21.64
N GLY K 121 -19.83 -9.19 20.62
CA GLY K 121 -18.47 -9.21 20.10
C GLY K 121 -18.43 -9.23 18.58
N ILE K 122 -17.59 -8.36 18.03
CA ILE K 122 -17.44 -8.20 16.58
C ILE K 122 -15.95 -8.39 16.28
N SER K 123 -15.64 -9.21 15.26
CA SER K 123 -14.31 -9.27 14.73
C SER K 123 -14.38 -9.40 13.17
N GLY K 124 -13.37 -8.82 12.52
CA GLY K 124 -13.18 -9.00 11.08
C GLY K 124 -12.61 -7.78 10.41
N GLY K 125 -12.80 -6.62 11.01
CA GLY K 125 -12.24 -5.37 10.50
C GLY K 125 -11.00 -4.93 11.23
N SER K 126 -10.66 -3.65 11.08
CA SER K 126 -9.77 -3.00 11.96
C SER K 126 -10.51 -2.96 13.31
N VAL K 127 -9.75 -2.73 14.36
CA VAL K 127 -10.33 -2.58 15.69
C VAL K 127 -11.37 -1.46 15.67
N GLU K 128 -11.09 -0.34 15.00
CA GLU K 128 -12.00 0.79 14.93
C GLU K 128 -13.33 0.44 14.18
N GLN K 129 -13.24 -0.35 13.12
CA GLN K 129 -14.43 -0.86 12.41
C GLN K 129 -15.24 -1.81 13.28
N ASP K 130 -14.55 -2.74 13.97
CA ASP K 130 -15.25 -3.68 14.86
C ASP K 130 -16.04 -2.90 15.96
N MET K 131 -15.40 -1.85 16.53
CA MET K 131 -16.06 -1.02 17.56
C MET K 131 -17.26 -0.18 17.03
N ASP K 132 -17.10 0.38 15.83
CA ASP K 132 -18.21 1.02 15.12
C ASP K 132 -19.42 0.06 14.91
N ILE K 133 -19.17 -1.12 14.34
CA ILE K 133 -20.19 -2.09 14.06
C ILE K 133 -20.88 -2.51 15.37
N ALA K 134 -20.09 -2.74 16.41
CA ALA K 134 -20.64 -3.11 17.72
C ALA K 134 -21.54 -1.98 18.31
N GLN K 135 -21.02 -0.77 18.29
CA GLN K 135 -21.76 0.40 18.83
C GLN K 135 -23.05 0.68 18.05
N THR K 136 -23.00 0.57 16.73
CA THR K 136 -24.17 0.70 15.90
C THR K 136 -25.23 -0.36 16.23
N ALA K 137 -24.79 -1.65 16.36
CA ALA K 137 -25.73 -2.69 16.70
C ALA K 137 -26.43 -2.48 18.07
N ILE K 138 -25.64 -2.10 19.02
CA ILE K 138 -26.14 -1.79 20.36
C ILE K 138 -27.18 -0.65 20.38
N ALA K 139 -26.91 0.39 19.58
CA ALA K 139 -27.80 1.49 19.45
C ALA K 139 -29.14 1.08 18.86
N ALA K 140 -29.22 -0.09 18.20
CA ALA K 140 -30.47 -0.51 17.61
C ALA K 140 -31.44 -1.06 18.68
N ILE K 141 -30.98 -1.35 19.90
CA ILE K 141 -31.88 -1.87 20.96
C ILE K 141 -31.77 -1.01 22.21
N ASN K 142 -32.70 -1.24 23.14
CA ASN K 142 -32.78 -0.36 24.29
C ASN K 142 -31.91 -0.90 25.40
N VAL K 143 -30.59 -0.71 25.29
CA VAL K 143 -29.63 -1.15 26.30
C VAL K 143 -28.49 -0.18 26.49
N GLY K 144 -27.84 -0.29 27.66
CA GLY K 144 -26.63 0.46 27.92
C GLY K 144 -25.39 -0.42 27.83
N THR K 145 -24.23 0.22 27.75
CA THR K 145 -22.94 -0.46 27.76
C THR K 145 -22.21 -0.30 29.08
N HIS K 146 -22.85 0.28 30.08
CA HIS K 146 -22.24 0.40 31.42
C HIS K 146 -23.44 0.23 32.41
N GLN K 147 -23.15 -0.22 33.60
CA GLN K 147 -24.17 -0.42 34.61
C GLN K 147 -24.93 0.88 34.90
N VAL L 10 -23.86 -21.85 -6.09
CA VAL L 10 -24.19 -23.07 -5.29
C VAL L 10 -24.15 -22.93 -3.74
N ALA L 11 -23.18 -22.23 -3.16
CA ALA L 11 -23.06 -22.09 -1.70
C ALA L 11 -24.33 -21.69 -0.98
N LEU L 12 -24.33 -21.83 0.36
CA LEU L 12 -25.46 -21.37 1.17
C LEU L 12 -25.53 -19.85 1.09
N SER L 13 -26.66 -19.36 0.64
CA SER L 13 -26.92 -17.93 0.55
C SER L 13 -27.40 -17.44 1.93
N PHE L 14 -27.52 -16.11 2.06
CA PHE L 14 -28.22 -15.52 3.22
C PHE L 14 -29.57 -16.15 3.46
N HIS L 15 -30.36 -16.22 2.40
CA HIS L 15 -31.70 -16.77 2.47
C HIS L 15 -31.69 -18.24 2.94
N ASP L 16 -30.79 -19.04 2.39
CA ASP L 16 -30.65 -20.44 2.85
C ASP L 16 -30.41 -20.51 4.36
N LEU L 17 -29.45 -19.71 4.84
CA LEU L 17 -29.07 -19.73 6.27
C LEU L 17 -30.22 -19.30 7.14
N HIS L 18 -30.85 -18.21 6.72
CA HIS L 18 -31.94 -17.59 7.49
C HIS L 18 -33.11 -18.51 7.59
N GLN L 19 -33.49 -19.12 6.47
CA GLN L 19 -34.60 -20.10 6.45
C GLN L 19 -34.33 -21.38 7.20
N LEU L 20 -33.12 -21.93 7.07
CA LEU L 20 -32.73 -23.10 7.87
C LEU L 20 -32.92 -22.82 9.37
N THR L 21 -32.42 -21.68 9.82
CA THR L 21 -32.42 -21.32 11.21
C THR L 21 -33.83 -21.05 11.74
N ARG L 22 -34.58 -20.25 11.00
CA ARG L 22 -35.99 -19.92 11.37
C ARG L 22 -36.79 -21.22 11.40
N ALA L 23 -36.66 -22.09 10.39
CA ALA L 23 -37.44 -23.33 10.37
C ALA L 23 -37.08 -24.27 11.48
N ALA L 24 -35.78 -24.33 11.84
CA ALA L 24 -35.38 -25.20 12.94
C ALA L 24 -36.00 -24.73 14.23
N VAL L 25 -35.90 -23.43 14.49
CA VAL L 25 -36.42 -22.86 15.74
C VAL L 25 -37.94 -23.05 15.81
N GLU L 26 -38.63 -22.79 14.68
CA GLU L 26 -40.08 -23.00 14.61
C GLU L 26 -40.50 -24.45 14.92
N ARG L 27 -39.79 -25.42 14.33
CA ARG L 27 -40.07 -26.81 14.63
C ARG L 27 -39.81 -27.18 16.07
N ALA L 28 -38.72 -26.64 16.63
CA ALA L 28 -38.41 -26.91 18.03
C ALA L 28 -39.52 -26.36 18.95
N GLN L 29 -40.02 -25.15 18.63
CA GLN L 29 -41.14 -24.57 19.35
C GLN L 29 -42.40 -25.46 19.27
N GLN L 30 -42.68 -26.03 18.09
CA GLN L 30 -43.80 -26.97 17.93
C GLN L 30 -43.63 -28.19 18.79
N LEU L 31 -42.39 -28.71 18.86
CA LEU L 31 -42.09 -29.84 19.73
C LEU L 31 -41.90 -29.50 21.17
N GLN L 32 -41.87 -28.20 21.50
CA GLN L 32 -41.71 -27.71 22.87
C GLN L 32 -40.42 -28.16 23.50
N VAL L 33 -39.36 -28.11 22.71
CA VAL L 33 -38.03 -28.44 23.25
C VAL L 33 -37.07 -27.34 22.80
N PRO L 34 -36.34 -26.75 23.75
CA PRO L 34 -35.34 -25.76 23.34
C PRO L 34 -34.09 -26.43 22.84
N VAL L 35 -33.60 -25.97 21.69
CA VAL L 35 -32.40 -26.52 21.11
C VAL L 35 -31.39 -25.43 20.75
N VAL L 36 -30.19 -25.89 20.49
CA VAL L 36 -29.14 -25.10 19.83
C VAL L 36 -29.18 -25.57 18.38
N VAL L 37 -29.13 -24.61 17.49
CA VAL L 37 -29.03 -24.80 16.02
C VAL L 37 -27.68 -24.32 15.60
N SER L 38 -26.98 -25.14 14.86
CA SER L 38 -25.70 -24.72 14.32
C SER L 38 -25.63 -25.02 12.84
N ILE L 39 -25.05 -24.11 12.09
CA ILE L 39 -24.74 -24.33 10.67
C ILE L 39 -23.28 -24.05 10.43
N VAL L 40 -22.64 -24.97 9.69
CA VAL L 40 -21.29 -24.75 9.23
C VAL L 40 -21.25 -24.70 7.70
N ASP L 41 -20.22 -24.10 7.14
CA ASP L 41 -20.07 -24.10 5.70
C ASP L 41 -19.37 -25.40 5.21
N ALA L 42 -19.08 -25.46 3.92
CA ALA L 42 -18.45 -26.65 3.32
C ALA L 42 -17.05 -26.92 3.84
N HIS L 43 -16.42 -25.93 4.46
CA HIS L 43 -15.09 -26.11 5.05
C HIS L 43 -15.15 -26.36 6.56
N GLY L 44 -16.35 -26.46 7.12
CA GLY L 44 -16.52 -26.70 8.53
C GLY L 44 -16.51 -25.45 9.40
N THR L 45 -16.57 -24.27 8.82
CA THR L 45 -16.47 -23.01 9.60
C THR L 45 -17.83 -22.70 10.11
N GLU L 46 -17.93 -22.44 11.42
CA GLU L 46 -19.16 -22.03 12.05
C GLU L 46 -19.77 -20.75 11.43
N THR L 47 -21.01 -20.88 10.95
CA THR L 47 -21.62 -19.82 10.13
C THR L 47 -22.81 -19.22 10.82
N VAL L 48 -23.61 -20.09 11.47
CA VAL L 48 -24.70 -19.62 12.32
C VAL L 48 -24.79 -20.46 13.55
N THR L 49 -25.00 -19.83 14.69
CA THR L 49 -25.40 -20.52 15.92
C THR L 49 -26.54 -19.75 16.54
N TRP L 50 -27.55 -20.48 16.99
CA TRP L 50 -28.67 -19.89 17.70
C TRP L 50 -29.03 -20.81 18.87
N ARG L 51 -29.02 -20.29 20.07
CA ARG L 51 -29.43 -21.04 21.28
C ARG L 51 -30.75 -20.57 21.77
N MET L 52 -31.70 -21.49 21.84
CA MET L 52 -33.01 -21.16 22.39
C MET L 52 -32.90 -21.15 23.93
N PRO L 53 -33.70 -20.29 24.60
CA PRO L 53 -33.64 -20.24 26.07
C PRO L 53 -33.88 -21.62 26.74
N ASP L 54 -33.11 -21.90 27.77
CA ASP L 54 -33.11 -23.12 28.53
C ASP L 54 -32.64 -24.39 27.80
N ALA L 55 -32.01 -24.27 26.64
CA ALA L 55 -31.44 -25.46 25.99
C ALA L 55 -30.41 -26.07 26.91
N LEU L 56 -30.29 -27.42 26.90
CA LEU L 56 -29.29 -28.07 27.71
C LEU L 56 -27.96 -27.44 27.45
N LEU L 57 -27.18 -27.17 28.48
CA LEU L 57 -25.83 -26.61 28.31
C LEU L 57 -24.96 -27.43 27.41
N VAL L 58 -25.07 -28.76 27.44
CA VAL L 58 -24.25 -29.60 26.52
C VAL L 58 -24.47 -29.29 25.06
N SER L 59 -25.70 -28.91 24.72
CA SER L 59 -26.10 -28.66 23.38
C SER L 59 -25.31 -27.53 22.69
N SER L 60 -24.75 -26.64 23.51
CA SER L 60 -23.85 -25.57 22.99
C SER L 60 -22.58 -26.13 22.37
N GLU L 61 -22.15 -27.29 22.84
CA GLU L 61 -21.01 -27.99 22.26
C GLU L 61 -21.47 -29.03 21.21
N LEU L 62 -22.52 -29.82 21.53
CA LEU L 62 -22.99 -30.91 20.63
C LEU L 62 -23.54 -30.44 19.28
N ALA L 63 -24.26 -29.30 19.22
CA ALA L 63 -24.82 -28.93 17.95
C ALA L 63 -23.74 -28.56 16.95
N PRO L 64 -22.82 -27.67 17.33
CA PRO L 64 -21.81 -27.34 16.30
C PRO L 64 -20.97 -28.57 15.91
N LYS L 65 -20.67 -29.41 16.88
CA LYS L 65 -19.90 -30.63 16.59
C LYS L 65 -20.64 -31.54 15.62
N LYS L 66 -21.95 -31.65 15.77
CA LYS L 66 -22.75 -32.42 14.77
C LYS L 66 -22.69 -31.83 13.39
N ALA L 67 -22.79 -30.50 13.29
CA ALA L 67 -22.72 -29.86 12.01
C ALA L 67 -21.34 -30.07 11.37
N TRP L 68 -20.29 -29.91 12.20
CA TRP L 68 -18.92 -30.08 11.74
C TRP L 68 -18.65 -31.50 11.23
N THR L 69 -19.10 -32.45 12.01
CA THR L 69 -18.98 -33.83 11.70
C THR L 69 -19.59 -34.20 10.35
N ALA L 70 -20.78 -33.63 10.08
CA ALA L 70 -21.48 -33.86 8.86
C ALA L 70 -20.61 -33.47 7.65
N VAL L 71 -19.94 -32.35 7.71
CA VAL L 71 -19.05 -31.94 6.63
C VAL L 71 -17.74 -32.71 6.62
N ALA L 72 -17.12 -32.87 7.81
CA ALA L 72 -15.80 -33.45 7.97
C ALA L 72 -15.78 -34.95 7.59
N MET L 73 -16.93 -35.62 7.70
CA MET L 73 -17.12 -37.01 7.24
C MET L 73 -18.09 -37.22 6.08
N LYS L 74 -18.63 -36.16 5.53
CA LYS L 74 -19.60 -36.18 4.40
C LYS L 74 -20.75 -37.09 4.65
N THR L 75 -21.35 -36.99 5.84
CA THR L 75 -22.33 -37.96 6.26
C THR L 75 -23.33 -37.32 7.21
N ALA L 76 -24.48 -37.94 7.43
CA ALA L 76 -25.30 -37.57 8.58
C ALA L 76 -24.75 -38.27 9.81
N THR L 77 -24.90 -37.66 10.99
CA THR L 77 -24.26 -38.19 12.15
C THR L 77 -24.89 -39.47 12.63
N HIS L 78 -26.21 -39.67 12.45
CA HIS L 78 -26.85 -40.95 12.77
C HIS L 78 -26.30 -42.14 11.94
N GLU L 79 -25.74 -41.86 10.78
CA GLU L 79 -25.07 -42.87 9.96
C GLU L 79 -23.73 -43.31 10.51
N LEU L 80 -23.16 -42.60 11.48
CA LEU L 80 -21.93 -43.02 12.12
C LEU L 80 -22.13 -43.91 13.32
N SER L 81 -23.35 -44.04 13.81
CA SER L 81 -23.59 -44.74 15.08
C SER L 81 -23.14 -46.20 15.02
N ASP L 82 -23.43 -46.89 13.94
CA ASP L 82 -23.02 -48.32 13.87
C ASP L 82 -21.49 -48.51 13.73
N VAL L 83 -20.84 -47.63 12.98
CA VAL L 83 -19.50 -47.84 12.55
C VAL L 83 -18.46 -47.55 13.67
N VAL L 84 -18.88 -46.91 14.76
CA VAL L 84 -17.97 -46.62 15.89
C VAL L 84 -18.26 -47.49 17.08
N GLN L 85 -19.13 -48.48 16.93
CA GLN L 85 -19.37 -49.42 18.01
C GLN L 85 -18.15 -50.30 18.23
N PRO L 86 -18.03 -50.88 19.42
CA PRO L 86 -17.07 -52.02 19.59
C PRO L 86 -17.25 -53.07 18.48
N GLY L 87 -16.14 -53.50 17.86
CA GLY L 87 -16.17 -54.49 16.83
C GLY L 87 -16.37 -53.91 15.45
N ALA L 88 -16.71 -52.61 15.34
CA ALA L 88 -16.93 -52.03 14.04
C ALA L 88 -15.73 -51.33 13.50
N ALA L 89 -15.80 -50.92 12.25
CA ALA L 89 -14.57 -50.51 11.52
C ALA L 89 -13.85 -49.27 12.14
N LEU L 90 -14.61 -48.35 12.73
CA LEU L 90 -14.05 -47.07 13.22
C LEU L 90 -14.26 -46.93 14.72
N TYR L 91 -14.26 -48.04 15.42
CA TYR L 91 -14.25 -48.04 16.85
C TYR L 91 -13.12 -47.08 17.37
N GLY L 92 -13.45 -46.30 18.37
CA GLY L 92 -12.52 -45.33 18.94
C GLY L 92 -12.45 -43.97 18.24
N LEU L 93 -13.17 -43.77 17.16
CA LEU L 93 -13.06 -42.53 16.35
C LEU L 93 -13.25 -41.25 17.17
N GLU L 94 -14.23 -41.26 18.07
CA GLU L 94 -14.53 -40.06 18.87
C GLU L 94 -13.34 -39.62 19.73
N SER L 95 -12.54 -40.57 20.22
CA SER L 95 -11.33 -40.26 20.94
C SER L 95 -10.21 -39.89 19.99
N HIS L 96 -10.08 -40.60 18.87
CA HIS L 96 -9.03 -40.28 17.90
C HIS L 96 -9.09 -38.81 17.48
N LEU L 97 -10.31 -38.31 17.29
CA LEU L 97 -10.52 -36.94 16.82
C LEU L 97 -10.76 -35.96 18.01
N GLN L 98 -10.39 -36.38 19.22
CA GLN L 98 -10.38 -35.50 20.44
C GLN L 98 -11.73 -34.84 20.67
N GLY L 99 -12.79 -35.61 20.47
CA GLY L 99 -14.14 -35.14 20.73
C GLY L 99 -14.76 -34.30 19.63
N LYS L 100 -14.05 -34.10 18.51
CA LYS L 100 -14.60 -33.19 17.49
C LYS L 100 -15.81 -33.76 16.75
N VAL L 101 -15.94 -35.10 16.74
CA VAL L 101 -17.02 -35.76 15.98
C VAL L 101 -18.03 -36.32 16.94
N VAL L 102 -19.31 -36.17 16.58
CA VAL L 102 -20.41 -36.68 17.34
C VAL L 102 -21.11 -37.71 16.44
N THR L 103 -21.46 -38.84 17.02
CA THR L 103 -21.77 -40.05 16.25
C THR L 103 -23.18 -40.57 16.52
N PHE L 104 -24.01 -39.73 17.15
CA PHE L 104 -25.41 -39.92 17.22
C PHE L 104 -26.16 -38.82 16.48
N GLY L 105 -27.43 -39.09 16.18
CA GLY L 105 -28.18 -38.28 15.25
C GLY L 105 -28.39 -36.81 15.60
N GLY L 106 -28.57 -36.02 14.53
CA GLY L 106 -28.88 -34.61 14.61
C GLY L 106 -28.15 -33.72 13.66
N GLY L 107 -27.10 -34.27 13.02
CA GLY L 107 -26.29 -33.55 12.06
C GLY L 107 -26.51 -34.11 10.70
N TYR L 108 -26.63 -33.23 9.71
CA TYR L 108 -26.76 -33.61 8.32
C TYR L 108 -25.87 -32.81 7.44
N ALA L 109 -25.29 -33.46 6.45
CA ALA L 109 -24.56 -32.79 5.40
C ALA L 109 -25.53 -32.21 4.36
N LEU L 110 -25.17 -31.06 3.78
CA LEU L 110 -26.06 -30.32 2.86
C LEU L 110 -25.40 -30.27 1.50
N TRP L 111 -26.15 -30.71 0.49
CA TRP L 111 -25.64 -30.84 -0.89
C TRP L 111 -26.56 -30.15 -1.88
N ARG L 112 -25.95 -29.55 -2.89
CA ARG L 112 -26.70 -28.92 -3.97
C ARG L 112 -25.93 -29.19 -5.26
N ASP L 113 -26.61 -29.79 -6.26
CA ASP L 113 -26.01 -30.08 -7.57
C ASP L 113 -24.72 -30.89 -7.48
N GLY L 114 -24.72 -31.91 -6.64
CA GLY L 114 -23.51 -32.71 -6.35
C GLY L 114 -22.35 -32.08 -5.57
N ILE L 115 -22.54 -30.86 -5.06
CA ILE L 115 -21.51 -30.12 -4.32
C ILE L 115 -21.91 -30.02 -2.82
N LEU L 116 -20.95 -30.28 -1.95
CA LEU L 116 -21.19 -30.19 -0.49
C LEU L 116 -21.16 -28.71 -0.15
N ILE L 117 -22.24 -28.19 0.42
CA ILE L 117 -22.27 -26.77 0.75
C ILE L 117 -22.24 -26.45 2.24
N GLY L 118 -22.39 -27.46 3.10
CA GLY L 118 -22.42 -27.17 4.53
C GLY L 118 -22.95 -28.32 5.34
N GLY L 119 -23.18 -28.01 6.59
CA GLY L 119 -23.67 -28.95 7.57
C GLY L 119 -24.57 -28.27 8.55
N LEU L 120 -25.57 -29.00 9.02
CA LEU L 120 -26.51 -28.51 9.99
C LEU L 120 -26.53 -29.43 11.17
N GLY L 121 -26.57 -28.87 12.38
CA GLY L 121 -26.57 -29.63 13.60
C GLY L 121 -27.55 -29.14 14.60
N ILE L 122 -28.27 -30.06 15.20
CA ILE L 122 -29.26 -29.74 16.23
C ILE L 122 -28.99 -30.53 17.46
N SER L 123 -29.09 -29.91 18.64
CA SER L 123 -28.97 -30.63 19.89
C SER L 123 -29.84 -29.97 20.94
N GLY L 124 -30.39 -30.77 21.82
CA GLY L 124 -31.20 -30.29 22.93
C GLY L 124 -32.37 -31.20 23.32
N GLY L 125 -32.86 -31.96 22.34
CA GLY L 125 -33.92 -32.92 22.57
C GLY L 125 -33.40 -34.32 22.68
N SER L 126 -34.32 -35.29 22.52
CA SER L 126 -33.92 -36.66 22.30
C SER L 126 -33.23 -36.65 20.94
N VAL L 127 -32.48 -37.69 20.66
CA VAL L 127 -31.88 -37.84 19.35
C VAL L 127 -32.94 -37.76 18.25
N GLU L 128 -34.09 -38.41 18.48
CA GLU L 128 -35.19 -38.42 17.47
C GLU L 128 -35.76 -37.01 17.24
N GLN L 129 -35.94 -36.25 18.31
CA GLN L 129 -36.36 -34.84 18.18
C GLN L 129 -35.35 -34.00 17.44
N ASP L 130 -34.05 -34.20 17.75
CA ASP L 130 -33.00 -33.44 17.08
C ASP L 130 -33.07 -33.70 15.58
N MET L 131 -33.24 -34.99 15.22
CA MET L 131 -33.30 -35.36 13.80
C MET L 131 -34.55 -34.78 13.10
N ASP L 132 -35.69 -34.86 13.76
CA ASP L 132 -36.96 -34.27 13.26
C ASP L 132 -36.84 -32.78 13.00
N ILE L 133 -36.30 -32.05 13.97
CA ILE L 133 -36.00 -30.63 13.79
C ILE L 133 -35.07 -30.36 12.63
N ALA L 134 -33.98 -31.11 12.56
CA ALA L 134 -32.97 -30.91 11.47
C ALA L 134 -33.62 -31.20 10.10
N GLN L 135 -34.35 -32.31 10.01
CA GLN L 135 -34.98 -32.69 8.71
C GLN L 135 -36.05 -31.70 8.28
N THR L 136 -36.84 -31.20 9.24
CA THR L 136 -37.83 -30.13 8.99
C THR L 136 -37.18 -28.85 8.48
N ALA L 137 -36.05 -28.45 9.08
CA ALA L 137 -35.37 -27.28 8.62
C ALA L 137 -34.84 -27.43 7.23
N ILE L 138 -34.24 -28.59 6.94
CA ILE L 138 -33.65 -28.85 5.64
C ILE L 138 -34.72 -28.84 4.53
N ALA L 139 -35.88 -29.43 4.83
CA ALA L 139 -37.03 -29.41 3.93
C ALA L 139 -37.51 -27.98 3.61
N ALA L 140 -37.24 -26.99 4.47
CA ALA L 140 -37.57 -25.59 4.18
C ALA L 140 -36.76 -24.94 3.08
N ILE L 141 -35.61 -25.49 2.66
CA ILE L 141 -34.82 -24.91 1.58
C ILE L 141 -34.55 -25.92 0.47
N ASN L 142 -33.99 -25.46 -0.62
CA ASN L 142 -33.87 -26.28 -1.84
C ASN L 142 -32.50 -26.98 -1.76
N VAL L 143 -32.38 -28.03 -0.89
CA VAL L 143 -31.13 -28.83 -0.77
C VAL L 143 -31.34 -30.29 -0.46
N GLY L 144 -30.33 -31.07 -0.78
CA GLY L 144 -30.34 -32.51 -0.48
C GLY L 144 -29.43 -32.82 0.71
N THR L 145 -29.63 -34.02 1.27
CA THR L 145 -28.77 -34.55 2.33
C THR L 145 -27.82 -35.63 1.86
N HIS L 146 -27.73 -35.86 0.53
CA HIS L 146 -26.79 -36.82 -0.06
C HIS L 146 -26.35 -36.22 -1.37
N GLN L 147 -25.13 -36.55 -1.79
CA GLN L 147 -24.60 -36.05 -3.03
C GLN L 147 -25.52 -36.41 -4.23
N VAL M 10 -8.44 -21.27 -11.01
CA VAL M 10 -7.76 -20.40 -10.01
C VAL M 10 -6.94 -21.05 -8.84
N ALA M 11 -7.49 -22.05 -8.16
CA ALA M 11 -6.82 -22.73 -7.03
C ALA M 11 -5.40 -23.19 -7.33
N LEU M 12 -4.67 -23.56 -6.27
CA LEU M 12 -3.35 -24.15 -6.45
C LEU M 12 -3.45 -25.52 -7.11
N SER M 13 -2.77 -25.68 -8.24
CA SER M 13 -2.77 -26.94 -9.02
C SER M 13 -1.68 -27.82 -8.45
N PHE M 14 -1.63 -29.07 -8.91
CA PHE M 14 -0.53 -29.95 -8.58
C PHE M 14 0.80 -29.32 -8.92
N HIS M 15 0.91 -28.77 -10.12
CA HIS M 15 2.11 -28.11 -10.56
C HIS M 15 2.51 -26.93 -9.67
N ASP M 16 1.55 -26.09 -9.30
CA ASP M 16 1.83 -25.02 -8.31
C ASP M 16 2.45 -25.56 -7.02
N LEU M 17 1.82 -26.56 -6.45
CA LEU M 17 2.21 -27.13 -5.13
C LEU M 17 3.60 -27.75 -5.23
N HIS M 18 3.80 -28.47 -6.32
CA HIS M 18 5.07 -29.17 -6.53
C HIS M 18 6.19 -28.22 -6.73
N GLN M 19 5.98 -27.21 -7.57
CA GLN M 19 7.01 -26.19 -7.83
C GLN M 19 7.33 -25.33 -6.63
N LEU M 20 6.31 -24.92 -5.89
CA LEU M 20 6.54 -24.17 -4.64
C LEU M 20 7.47 -24.96 -3.71
N THR M 21 7.14 -26.22 -3.54
CA THR M 21 7.86 -27.10 -2.59
C THR M 21 9.29 -27.38 -3.03
N ARG M 22 9.44 -27.75 -4.30
CA ARG M 22 10.77 -27.89 -4.91
C ARG M 22 11.61 -26.65 -4.79
N ALA M 23 11.05 -25.51 -5.15
CA ALA M 23 11.83 -24.26 -5.14
C ALA M 23 12.20 -23.84 -3.75
N ALA M 24 11.32 -24.08 -2.78
CA ALA M 24 11.67 -23.76 -1.38
C ALA M 24 12.81 -24.63 -0.90
N VAL M 25 12.72 -25.92 -1.15
CA VAL M 25 13.78 -26.85 -0.72
C VAL M 25 15.12 -26.50 -1.41
N GLU M 26 15.05 -26.20 -2.70
CA GLU M 26 16.28 -25.85 -3.47
C GLU M 26 16.94 -24.61 -2.90
N ARG M 27 16.14 -23.59 -2.57
CA ARG M 27 16.67 -22.37 -1.99
C ARG M 27 17.24 -22.58 -0.61
N ALA M 28 16.56 -23.40 0.22
CA ALA M 28 17.11 -23.75 1.52
C ALA M 28 18.47 -24.50 1.43
N GLN M 29 18.56 -25.42 0.47
CA GLN M 29 19.86 -26.08 0.15
C GLN M 29 20.95 -25.08 -0.23
N GLN M 30 20.62 -24.08 -1.04
CA GLN M 30 21.60 -23.04 -1.43
C GLN M 30 22.05 -22.25 -0.22
N LEU M 31 21.13 -21.96 0.68
CA LEU M 31 21.46 -21.27 1.93
C LEU M 31 22.06 -22.15 2.99
N GLN M 32 22.09 -23.47 2.75
CA GLN M 32 22.58 -24.45 3.70
C GLN M 32 21.85 -24.40 5.04
N VAL M 33 20.53 -24.29 4.98
CA VAL M 33 19.74 -24.34 6.21
C VAL M 33 18.57 -25.27 6.00
N PRO M 34 18.43 -26.31 6.87
CA PRO M 34 17.30 -27.22 6.69
C PRO M 34 16.00 -26.55 7.25
N VAL M 35 14.92 -26.62 6.48
CA VAL M 35 13.67 -26.01 6.87
C VAL M 35 12.53 -27.00 6.76
N VAL M 36 11.40 -26.59 7.34
CA VAL M 36 10.10 -27.19 7.07
C VAL M 36 9.34 -26.25 6.17
N VAL M 37 8.75 -26.82 5.13
CA VAL M 37 7.93 -26.13 4.15
C VAL M 37 6.52 -26.56 4.41
N SER M 38 5.61 -25.60 4.52
CA SER M 38 4.22 -25.91 4.66
C SER M 38 3.37 -25.07 3.74
N ILE M 39 2.40 -25.73 3.10
CA ILE M 39 1.46 -25.07 2.22
C ILE M 39 0.10 -25.40 2.73
N VAL M 40 -0.72 -24.37 2.92
CA VAL M 40 -2.16 -24.56 3.19
C VAL M 40 -2.98 -24.04 2.01
N ASP M 41 -4.18 -24.57 1.87
CA ASP M 41 -5.14 -24.00 0.91
C ASP M 41 -5.86 -22.74 1.42
N ALA M 42 -6.78 -22.21 0.62
CA ALA M 42 -7.48 -20.95 0.97
C ALA M 42 -8.34 -21.08 2.21
N HIS M 43 -8.62 -22.30 2.66
CA HIS M 43 -9.40 -22.50 3.89
C HIS M 43 -8.52 -22.82 5.07
N GLY M 44 -7.23 -22.82 4.88
CA GLY M 44 -6.29 -23.11 5.94
C GLY M 44 -5.98 -24.58 6.17
N THR M 45 -6.42 -25.48 5.27
CA THR M 45 -6.17 -26.89 5.43
C THR M 45 -4.80 -27.18 4.96
N GLU M 46 -4.06 -27.88 5.79
CA GLU M 46 -2.78 -28.32 5.41
C GLU M 46 -2.79 -29.16 4.13
N THR M 47 -1.95 -28.75 3.16
CA THR M 47 -1.97 -29.38 1.83
C THR M 47 -0.65 -30.05 1.48
N VAL M 48 0.45 -29.40 1.80
CA VAL M 48 1.76 -30.02 1.67
C VAL M 48 2.57 -29.70 2.89
N THR M 49 3.30 -30.69 3.40
CA THR M 49 4.36 -30.46 4.37
C THR M 49 5.59 -31.24 3.94
N TRP M 50 6.74 -30.60 4.02
CA TRP M 50 8.00 -31.26 3.74
C TRP M 50 9.03 -30.82 4.72
N ARG M 51 9.64 -31.76 5.42
CA ARG M 51 10.69 -31.47 6.36
C ARG M 51 12.03 -31.94 5.87
N MET M 52 12.97 -31.04 5.85
CA MET M 52 14.35 -31.36 5.48
C MET M 52 15.08 -31.95 6.68
N PRO M 53 16.01 -32.88 6.41
CA PRO M 53 16.73 -33.48 7.54
C PRO M 53 17.39 -32.45 8.44
N ASP M 54 17.32 -32.68 9.75
CA ASP M 54 17.89 -31.84 10.77
C ASP M 54 17.24 -30.47 10.94
N ALA M 55 16.10 -30.22 10.32
CA ALA M 55 15.40 -28.93 10.61
C ALA M 55 15.09 -28.84 12.12
N LEU M 56 15.20 -27.63 12.67
CA LEU M 56 14.85 -27.41 14.07
C LEU M 56 13.50 -28.07 14.36
N LEU M 57 13.39 -28.78 15.48
CA LEU M 57 12.10 -29.39 15.83
C LEU M 57 10.93 -28.39 15.90
N VAL M 58 11.15 -27.24 16.45
CA VAL M 58 10.11 -26.18 16.51
C VAL M 58 9.53 -25.81 15.16
N SER M 59 10.33 -25.94 14.09
CA SER M 59 9.85 -25.62 12.77
C SER M 59 8.70 -26.48 12.27
N SER M 60 8.60 -27.71 12.75
CA SER M 60 7.44 -28.58 12.49
C SER M 60 6.13 -28.01 12.93
N GLU M 61 6.14 -27.17 13.95
CA GLU M 61 4.97 -26.45 14.37
C GLU M 61 4.89 -25.06 13.76
N LEU M 62 6.02 -24.36 13.70
CA LEU M 62 6.01 -22.96 13.21
C LEU M 62 5.68 -22.81 11.75
N ALA M 63 6.14 -23.73 10.89
CA ALA M 63 5.90 -23.54 9.44
C ALA M 63 4.42 -23.64 9.09
N PRO M 64 3.77 -24.72 9.47
CA PRO M 64 2.32 -24.76 9.22
C PRO M 64 1.53 -23.62 9.86
N LYS M 65 1.93 -23.18 11.06
CA LYS M 65 1.26 -22.06 11.67
C LYS M 65 1.44 -20.80 10.87
N LYS M 66 2.63 -20.58 10.33
CA LYS M 66 2.85 -19.39 9.46
C LYS M 66 1.96 -19.39 8.24
N ALA M 67 1.80 -20.57 7.65
CA ALA M 67 1.02 -20.74 6.44
C ALA M 67 -0.47 -20.52 6.73
N TRP M 68 -0.91 -21.10 7.86
CA TRP M 68 -2.27 -20.89 8.36
C TRP M 68 -2.58 -19.42 8.72
N THR M 69 -1.67 -18.77 9.39
CA THR M 69 -1.80 -17.37 9.74
C THR M 69 -1.99 -16.50 8.51
N ALA M 70 -1.17 -16.75 7.47
CA ALA M 70 -1.24 -16.00 6.25
C ALA M 70 -2.67 -15.99 5.67
N VAL M 71 -3.31 -17.16 5.63
CA VAL M 71 -4.63 -17.22 5.13
C VAL M 71 -5.66 -16.67 6.13
N ALA M 72 -5.49 -17.02 7.42
CA ALA M 72 -6.47 -16.68 8.49
C ALA M 72 -6.56 -15.18 8.75
N MET M 73 -5.48 -14.48 8.47
CA MET M 73 -5.39 -13.02 8.54
C MET M 73 -5.13 -12.29 7.20
N LYS M 74 -5.08 -13.02 6.09
CA LYS M 74 -4.92 -12.46 4.75
C LYS M 74 -3.73 -11.54 4.68
N THR M 75 -2.61 -11.99 5.19
CA THR M 75 -1.44 -11.14 5.35
C THR M 75 -0.16 -11.99 5.30
N ALA M 76 0.98 -11.37 5.08
CA ALA M 76 2.24 -12.02 5.32
C ALA M 76 2.51 -11.90 6.80
N THR M 77 3.15 -12.90 7.36
CA THR M 77 3.34 -12.91 8.82
C THR M 77 4.24 -11.81 9.31
N HIS M 78 5.23 -11.40 8.51
CA HIS M 78 6.08 -10.27 8.94
C HIS M 78 5.32 -8.95 9.06
N GLU M 79 4.20 -8.84 8.40
CA GLU M 79 3.35 -7.67 8.46
C GLU M 79 2.54 -7.63 9.75
N LEU M 80 2.56 -8.70 10.54
CA LEU M 80 1.95 -8.70 11.88
C LEU M 80 2.88 -8.28 12.99
N SER M 81 4.18 -8.18 12.75
CA SER M 81 5.14 -7.94 13.83
C SER M 81 4.93 -6.65 14.55
N ASP M 82 4.67 -5.55 13.83
CA ASP M 82 4.46 -4.26 14.48
C ASP M 82 3.14 -4.20 15.25
N VAL M 83 2.12 -4.86 14.74
CA VAL M 83 0.76 -4.66 15.24
C VAL M 83 0.46 -5.45 16.52
N VAL M 84 1.31 -6.42 16.84
CA VAL M 84 1.15 -7.17 18.12
C VAL M 84 2.09 -6.72 19.21
N GLN M 85 2.89 -5.67 18.99
CA GLN M 85 3.82 -5.21 20.01
C GLN M 85 3.02 -4.59 21.19
N PRO M 86 3.65 -4.53 22.39
CA PRO M 86 3.12 -3.70 23.50
C PRO M 86 2.79 -2.31 22.96
N GLY M 87 1.61 -1.81 23.27
CA GLY M 87 1.18 -0.50 22.81
C GLY M 87 0.51 -0.48 21.44
N ALA M 88 0.57 -1.57 20.66
CA ALA M 88 -0.01 -1.62 19.34
C ALA M 88 -1.36 -2.31 19.33
N ALA M 89 -2.06 -2.19 18.21
CA ALA M 89 -3.53 -2.39 18.19
C ALA M 89 -3.97 -3.83 18.58
N LEU M 90 -3.15 -4.82 18.23
CA LEU M 90 -3.46 -6.22 18.46
C LEU M 90 -2.51 -6.89 19.44
N TYR M 91 -1.99 -6.13 20.38
CA TYR M 91 -1.22 -6.68 21.46
C TYR M 91 -2.01 -7.88 22.14
N GLY M 92 -1.32 -8.98 22.34
CA GLY M 92 -1.89 -10.17 22.91
C GLY M 92 -2.42 -11.19 21.96
N LEU M 93 -2.44 -10.87 20.66
CA LEU M 93 -3.12 -11.73 19.66
C LEU M 93 -2.67 -13.17 19.66
N GLU M 94 -1.35 -13.37 19.78
CA GLU M 94 -0.78 -14.74 19.81
C GLU M 94 -1.33 -15.60 21.00
N SER M 95 -1.64 -14.96 22.15
CA SER M 95 -2.33 -15.68 23.27
C SER M 95 -3.83 -15.82 23.08
N HIS M 96 -4.46 -14.78 22.53
CA HIS M 96 -5.88 -14.84 22.20
C HIS M 96 -6.24 -16.03 21.30
N LEU M 97 -5.36 -16.33 20.35
CA LEU M 97 -5.61 -17.39 19.39
C LEU M 97 -4.89 -18.67 19.77
N GLN M 98 -4.46 -18.79 21.02
CA GLN M 98 -3.89 -20.03 21.62
C GLN M 98 -2.72 -20.57 20.82
N GLY M 99 -1.89 -19.67 20.34
CA GLY M 99 -0.70 -20.05 19.63
C GLY M 99 -0.90 -20.42 18.17
N LYS M 100 -2.09 -20.21 17.61
CA LYS M 100 -2.33 -20.59 16.22
C LYS M 100 -1.73 -19.63 15.20
N VAL M 101 -1.50 -18.40 15.62
CA VAL M 101 -0.91 -17.41 14.73
C VAL M 101 0.55 -17.16 15.11
N VAL M 102 1.39 -17.00 14.09
CA VAL M 102 2.80 -16.65 14.29
C VAL M 102 2.97 -15.27 13.63
N THR M 103 3.67 -14.39 14.32
CA THR M 103 3.69 -12.96 14.02
C THR M 103 5.06 -12.44 13.63
N PHE M 104 5.98 -13.38 13.34
CA PHE M 104 7.24 -13.04 12.69
C PHE M 104 7.30 -13.66 11.33
N GLY M 105 8.25 -13.18 10.52
CA GLY M 105 8.32 -13.52 9.12
C GLY M 105 8.47 -14.97 8.73
N GLY M 106 7.94 -15.27 7.54
CA GLY M 106 8.14 -16.57 6.90
C GLY M 106 6.89 -17.16 6.30
N GLY M 107 5.75 -16.51 6.54
CA GLY M 107 4.50 -16.90 6.01
C GLY M 107 4.05 -15.86 5.03
N TYR M 108 3.52 -16.31 3.90
CA TYR M 108 2.92 -15.42 2.87
C TYR M 108 1.62 -15.93 2.39
N ALA M 109 0.66 -15.01 2.19
CA ALA M 109 -0.61 -15.34 1.55
C ALA M 109 -0.44 -15.37 0.03
N LEU M 110 -1.13 -16.28 -0.65
CA LEU M 110 -0.96 -16.50 -2.09
C LEU M 110 -2.25 -16.13 -2.78
N TRP M 111 -2.14 -15.24 -3.77
CA TRP M 111 -3.30 -14.68 -4.46
C TRP M 111 -3.16 -14.84 -5.98
N ARG M 112 -4.27 -15.07 -6.65
CA ARG M 112 -4.30 -15.16 -8.12
C ARG M 112 -5.59 -14.53 -8.59
N ASP M 113 -5.48 -13.53 -9.46
CA ASP M 113 -6.67 -12.82 -10.01
C ASP M 113 -7.60 -12.29 -8.92
N GLY M 114 -7.03 -11.69 -7.88
CA GLY M 114 -7.80 -11.17 -6.75
C GLY M 114 -8.39 -12.18 -5.77
N ILE M 115 -8.09 -13.46 -5.96
CA ILE M 115 -8.64 -14.54 -5.15
C ILE M 115 -7.55 -15.14 -4.26
N LEU M 116 -7.85 -15.36 -2.98
CA LEU M 116 -6.90 -15.96 -2.05
C LEU M 116 -6.90 -17.44 -2.32
N ILE M 117 -5.73 -18.01 -2.64
CA ILE M 117 -5.68 -19.44 -2.98
C ILE M 117 -4.88 -20.30 -2.00
N GLY M 118 -4.19 -19.67 -1.08
CA GLY M 118 -3.45 -20.45 -0.06
C GLY M 118 -2.52 -19.62 0.75
N GLY M 119 -1.70 -20.36 1.50
CA GLY M 119 -0.62 -19.79 2.30
C GLY M 119 0.62 -20.67 2.29
N LEU M 120 1.78 -20.04 2.32
CA LEU M 120 3.05 -20.75 2.34
C LEU M 120 3.77 -20.33 3.61
N GLY M 121 4.35 -21.30 4.31
CA GLY M 121 5.13 -21.05 5.53
C GLY M 121 6.45 -21.77 5.53
N ILE M 122 7.48 -21.06 5.94
CA ILE M 122 8.82 -21.60 6.08
C ILE M 122 9.35 -21.33 7.42
N SER M 123 9.94 -22.35 8.03
CA SER M 123 10.62 -22.20 9.30
C SER M 123 11.83 -23.10 9.38
N GLY M 124 12.84 -22.62 10.07
CA GLY M 124 14.07 -23.37 10.27
C GLY M 124 15.36 -22.57 10.23
N GLY M 125 15.32 -21.43 9.56
CA GLY M 125 16.44 -20.48 9.56
C GLY M 125 16.22 -19.29 10.45
N SER M 126 16.99 -18.25 10.21
CA SER M 126 16.68 -16.93 10.79
C SER M 126 15.39 -16.50 10.13
N VAL M 127 14.71 -15.53 10.72
CA VAL M 127 13.50 -14.97 10.12
C VAL M 127 13.81 -14.48 8.67
N GLU M 128 14.96 -13.89 8.48
CA GLU M 128 15.36 -13.38 7.10
C GLU M 128 15.55 -14.49 6.12
N GLN M 129 16.20 -15.56 6.54
CA GLN M 129 16.32 -16.75 5.68
C GLN M 129 15.00 -17.36 5.31
N ASP M 130 14.11 -17.48 6.30
CA ASP M 130 12.79 -18.06 6.06
C ASP M 130 12.03 -17.23 5.04
N MET M 131 12.10 -15.91 5.18
CA MET M 131 11.48 -15.02 4.22
C MET M 131 12.09 -15.11 2.82
N ASP M 132 13.41 -15.20 2.75
CA ASP M 132 14.14 -15.39 1.43
C ASP M 132 13.68 -16.64 0.76
N ILE M 133 13.67 -17.73 1.51
CA ILE M 133 13.21 -19.01 0.97
C ILE M 133 11.80 -18.94 0.48
N ALA M 134 10.91 -18.38 1.29
CA ALA M 134 9.51 -18.26 0.92
C ALA M 134 9.33 -17.42 -0.36
N GLN M 135 9.98 -16.28 -0.40
CA GLN M 135 9.87 -15.38 -1.56
C GLN M 135 10.43 -16.01 -2.84
N THR M 136 11.56 -16.72 -2.72
CA THR M 136 12.14 -17.48 -3.84
C THR M 136 11.17 -18.52 -4.36
N ALA M 137 10.54 -19.26 -3.46
CA ALA M 137 9.60 -20.30 -3.86
C ALA M 137 8.40 -19.69 -4.60
N ILE M 138 7.87 -18.61 -4.03
CA ILE M 138 6.68 -17.93 -4.62
C ILE M 138 6.98 -17.37 -6.01
N ALA M 139 8.18 -16.82 -6.18
CA ALA M 139 8.66 -16.39 -7.51
C ALA M 139 8.69 -17.52 -8.54
N ALA M 140 8.82 -18.77 -8.11
CA ALA M 140 8.84 -19.91 -9.05
C ALA M 140 7.50 -20.21 -9.70
N ILE M 141 6.40 -19.70 -9.18
CA ILE M 141 5.10 -19.93 -9.81
C ILE M 141 4.40 -18.62 -10.14
N ASN M 142 3.28 -18.69 -10.84
CA ASN M 142 2.62 -17.48 -11.28
C ASN M 142 1.57 -17.08 -10.23
N VAL M 143 2.02 -16.44 -9.13
CA VAL M 143 1.13 -15.89 -8.09
C VAL M 143 1.63 -14.63 -7.41
N GLY M 144 0.71 -13.91 -6.83
CA GLY M 144 1.03 -12.71 -6.08
C GLY M 144 0.96 -12.99 -4.59
N THR M 145 1.57 -12.10 -3.82
CA THR M 145 1.49 -12.10 -2.37
C THR M 145 0.56 -11.03 -1.80
N HIS M 146 -0.18 -10.34 -2.67
CA HIS M 146 -1.21 -9.38 -2.25
C HIS M 146 -2.36 -9.51 -3.20
N GLN M 147 -3.55 -9.18 -2.75
CA GLN M 147 -4.73 -9.21 -3.59
C GLN M 147 -4.55 -8.33 -4.86
N VAL N 10 20.13 -45.94 8.32
CA VAL N 10 19.46 -46.63 7.17
C VAL N 10 18.10 -45.97 6.74
N ALA N 11 18.16 -44.70 7.06
CA ALA N 11 17.04 -43.82 7.02
C ALA N 11 16.35 -43.67 5.68
N LEU N 12 15.15 -43.08 5.74
CA LEU N 12 14.41 -42.76 4.53
C LEU N 12 15.13 -41.65 3.77
N SER N 13 15.49 -41.94 2.53
CA SER N 13 16.17 -40.99 1.63
C SER N 13 15.13 -40.16 0.92
N PHE N 14 15.58 -39.13 0.22
CA PHE N 14 14.68 -38.29 -0.59
C PHE N 14 13.90 -39.15 -1.55
N HIS N 15 14.62 -40.05 -2.24
CA HIS N 15 14.00 -40.98 -3.17
C HIS N 15 12.94 -41.90 -2.52
N ASP N 16 13.26 -42.45 -1.35
CA ASP N 16 12.22 -43.16 -0.57
C ASP N 16 10.92 -42.34 -0.36
N LEU N 17 11.08 -41.13 0.15
CA LEU N 17 9.95 -40.26 0.55
C LEU N 17 9.14 -39.92 -0.67
N HIS N 18 9.86 -39.56 -1.72
CA HIS N 18 9.25 -39.11 -2.95
C HIS N 18 8.46 -40.21 -3.61
N GLN N 19 9.05 -41.40 -3.67
CA GLN N 19 8.38 -42.58 -4.23
C GLN N 19 7.23 -43.05 -3.42
N LEU N 20 7.38 -43.11 -2.10
CA LEU N 20 6.23 -43.47 -1.26
C LEU N 20 5.02 -42.56 -1.53
N THR N 21 5.29 -41.26 -1.55
CA THR N 21 4.22 -40.26 -1.68
C THR N 21 3.57 -40.38 -3.04
N ARG N 22 4.40 -40.40 -4.07
CA ARG N 22 3.87 -40.53 -5.40
C ARG N 22 3.11 -41.78 -5.64
N ALA N 23 3.65 -42.90 -5.21
CA ALA N 23 2.93 -44.17 -5.36
C ALA N 23 1.61 -44.16 -4.58
N ALA N 24 1.58 -43.54 -3.38
CA ALA N 24 0.33 -43.49 -2.61
C ALA N 24 -0.73 -42.69 -3.34
N VAL N 25 -0.30 -41.51 -3.83
CA VAL N 25 -1.23 -40.64 -4.61
C VAL N 25 -1.71 -41.33 -5.89
N GLU N 26 -0.79 -42.00 -6.60
CA GLU N 26 -1.17 -42.73 -7.84
C GLU N 26 -2.16 -43.82 -7.59
N ARG N 27 -1.96 -44.58 -6.51
CA ARG N 27 -2.89 -45.65 -6.18
C ARG N 27 -4.25 -45.11 -5.76
N ALA N 28 -4.24 -44.07 -4.94
CA ALA N 28 -5.51 -43.39 -4.57
C ALA N 28 -6.30 -42.90 -5.84
N GLN N 29 -5.59 -42.31 -6.78
CA GLN N 29 -6.20 -41.92 -8.08
C GLN N 29 -6.81 -43.11 -8.79
N GLN N 30 -6.12 -44.26 -8.82
CA GLN N 30 -6.67 -45.48 -9.43
C GLN N 30 -7.94 -45.93 -8.75
N LEU N 31 -7.95 -45.83 -7.43
CA LEU N 31 -9.15 -46.21 -6.65
C LEU N 31 -10.20 -45.11 -6.66
N GLN N 32 -9.88 -43.97 -7.25
CA GLN N 32 -10.81 -42.80 -7.29
C GLN N 32 -11.26 -42.37 -5.87
N VAL N 33 -10.32 -42.31 -4.95
CA VAL N 33 -10.62 -41.78 -3.61
C VAL N 33 -9.52 -40.80 -3.22
N PRO N 34 -9.90 -39.60 -2.78
CA PRO N 34 -8.88 -38.64 -2.36
C PRO N 34 -8.46 -38.92 -0.95
N VAL N 35 -7.16 -38.94 -0.72
CA VAL N 35 -6.65 -39.21 0.60
C VAL N 35 -5.67 -38.16 1.04
N VAL N 36 -5.36 -38.23 2.34
CA VAL N 36 -4.19 -37.59 2.91
C VAL N 36 -3.12 -38.67 3.12
N VAL N 37 -1.90 -38.36 2.73
CA VAL N 37 -0.73 -39.18 2.90
C VAL N 37 0.12 -38.51 3.92
N SER N 38 0.60 -39.27 4.88
CA SER N 38 1.52 -38.75 5.85
C SER N 38 2.67 -39.69 6.08
N ILE N 39 3.89 -39.16 6.13
CA ILE N 39 5.05 -39.94 6.45
C ILE N 39 5.68 -39.30 7.67
N VAL N 40 6.02 -40.13 8.67
CA VAL N 40 6.85 -39.68 9.78
C VAL N 40 8.19 -40.39 9.75
N ASP N 41 9.19 -39.81 10.40
CA ASP N 41 10.45 -40.48 10.57
C ASP N 41 10.43 -41.47 11.75
N ALA N 42 11.58 -42.08 12.04
CA ALA N 42 11.68 -43.04 13.16
C ALA N 42 11.40 -42.46 14.52
N HIS N 43 11.47 -41.15 14.66
CA HIS N 43 11.18 -40.50 15.94
C HIS N 43 9.76 -39.98 16.00
N GLY N 44 8.98 -40.23 14.95
CA GLY N 44 7.63 -39.69 14.88
C GLY N 44 7.42 -38.29 14.36
N THR N 45 8.47 -37.65 13.81
CA THR N 45 8.39 -36.28 13.34
C THR N 45 7.81 -36.27 11.98
N GLU N 46 6.80 -35.45 11.81
CA GLU N 46 6.14 -35.33 10.49
C GLU N 46 7.14 -34.89 9.42
N THR N 47 7.21 -35.70 8.35
CA THR N 47 8.24 -35.48 7.34
C THR N 47 7.63 -35.12 6.00
N VAL N 48 6.57 -35.81 5.60
CA VAL N 48 5.83 -35.46 4.41
C VAL N 48 4.37 -35.50 4.74
N THR N 49 3.64 -34.49 4.28
CA THR N 49 2.17 -34.59 4.22
C THR N 49 1.75 -34.16 2.84
N TRP N 50 0.77 -34.86 2.28
CA TRP N 50 0.16 -34.47 1.00
C TRP N 50 -1.31 -34.73 1.03
N ARG N 51 -2.11 -33.69 0.79
CA ARG N 51 -3.56 -33.82 0.80
C ARG N 51 -4.09 -33.69 -0.62
N MET N 52 -4.83 -34.69 -1.04
CA MET N 52 -5.48 -34.68 -2.34
C MET N 52 -6.76 -33.87 -2.26
N PRO N 53 -7.10 -33.18 -3.35
CA PRO N 53 -8.33 -32.35 -3.31
C PRO N 53 -9.55 -33.15 -2.90
N ASP N 54 -10.38 -32.54 -2.08
CA ASP N 54 -11.62 -33.12 -1.55
C ASP N 54 -11.47 -34.28 -0.56
N ALA N 55 -10.27 -34.55 -0.06
CA ALA N 55 -10.14 -35.57 0.96
C ALA N 55 -11.02 -35.19 2.18
N LEU N 56 -11.60 -36.19 2.83
CA LEU N 56 -12.37 -35.96 4.05
C LEU N 56 -11.55 -35.08 5.01
N LEU N 57 -12.19 -34.05 5.59
CA LEU N 57 -11.45 -33.17 6.52
C LEU N 57 -10.83 -33.92 7.70
N VAL N 58 -11.55 -34.92 8.23
CA VAL N 58 -10.99 -35.75 9.29
C VAL N 58 -9.63 -36.40 8.94
N SER N 59 -9.42 -36.70 7.66
CA SER N 59 -8.20 -37.32 7.22
C SER N 59 -6.93 -36.53 7.47
N SER N 60 -7.05 -35.20 7.56
CA SER N 60 -5.93 -34.32 7.89
C SER N 60 -5.36 -34.58 9.29
N GLU N 61 -6.22 -35.05 10.21
CA GLU N 61 -5.79 -35.44 11.51
C GLU N 61 -5.49 -36.94 11.55
N LEU N 62 -6.33 -37.78 10.90
CA LEU N 62 -6.17 -39.25 11.03
C LEU N 62 -4.90 -39.77 10.34
N ALA N 63 -4.52 -39.23 9.20
CA ALA N 63 -3.36 -39.80 8.48
C ALA N 63 -2.06 -39.60 9.26
N PRO N 64 -1.79 -38.38 9.78
CA PRO N 64 -0.53 -38.26 10.52
C PRO N 64 -0.56 -39.01 11.82
N LYS N 65 -1.73 -39.11 12.45
CA LYS N 65 -1.85 -39.91 13.65
C LYS N 65 -1.57 -41.40 13.35
N LYS N 66 -2.03 -41.88 12.20
CA LYS N 66 -1.74 -43.31 11.88
C LYS N 66 -0.26 -43.55 11.71
N ALA N 67 0.40 -42.62 11.01
CA ALA N 67 1.82 -42.74 10.77
C ALA N 67 2.57 -42.70 12.10
N TRP N 68 2.17 -41.76 12.97
CA TRP N 68 2.78 -41.61 14.32
C TRP N 68 2.59 -42.85 15.20
N THR N 69 1.38 -43.38 15.20
CA THR N 69 1.04 -44.57 15.92
C THR N 69 1.92 -45.76 15.52
N ALA N 70 2.12 -45.91 14.20
CA ALA N 70 2.95 -46.95 13.68
C ALA N 70 4.38 -46.94 14.27
N VAL N 71 5.00 -45.80 14.34
CA VAL N 71 6.30 -45.72 14.95
C VAL N 71 6.23 -45.82 16.46
N ALA N 72 5.25 -45.13 17.06
CA ALA N 72 5.16 -45.00 18.56
C ALA N 72 4.84 -46.34 19.23
N MET N 73 4.19 -47.24 18.50
CA MET N 73 3.87 -48.58 18.95
C MET N 73 4.55 -49.71 18.15
N LYS N 74 5.41 -49.35 17.22
CA LYS N 74 6.17 -50.28 16.38
C LYS N 74 5.26 -51.34 15.74
N THR N 75 4.17 -50.89 15.12
CA THR N 75 3.13 -51.81 14.66
C THR N 75 2.39 -51.21 13.49
N ALA N 76 1.65 -52.00 12.73
CA ALA N 76 0.68 -51.46 11.83
C ALA N 76 -0.58 -51.12 12.65
N THR N 77 -1.32 -50.07 12.25
CA THR N 77 -2.48 -49.64 13.06
C THR N 77 -3.64 -50.63 13.06
N HIS N 78 -3.85 -51.36 11.96
CA HIS N 78 -4.85 -52.45 12.01
C HIS N 78 -4.59 -53.53 13.07
N GLU N 79 -3.34 -53.72 13.43
CA GLU N 79 -2.95 -54.71 14.43
C GLU N 79 -3.35 -54.32 15.80
N LEU N 80 -3.66 -53.04 16.02
CA LEU N 80 -4.16 -52.60 17.27
C LEU N 80 -5.66 -52.78 17.46
N SER N 81 -6.42 -53.13 16.41
CA SER N 81 -7.93 -53.13 16.52
C SER N 81 -8.48 -54.10 17.51
N ASP N 82 -7.92 -55.30 17.57
CA ASP N 82 -8.47 -56.26 18.49
C ASP N 82 -8.04 -55.95 19.97
N VAL N 83 -6.85 -55.42 20.16
CA VAL N 83 -6.25 -55.30 21.48
C VAL N 83 -6.82 -54.11 22.30
N VAL N 84 -7.49 -53.18 21.64
CA VAL N 84 -8.17 -52.09 22.36
C VAL N 84 -9.66 -52.32 22.63
N GLN N 85 -10.21 -53.48 22.24
CA GLN N 85 -11.63 -53.70 22.38
C GLN N 85 -11.95 -53.86 23.85
N PRO N 86 -13.23 -53.66 24.25
CA PRO N 86 -13.69 -54.05 25.58
C PRO N 86 -13.32 -55.49 25.88
N GLY N 87 -12.76 -55.71 27.07
CA GLY N 87 -12.23 -57.01 27.45
C GLY N 87 -10.82 -57.32 27.05
N ALA N 88 -10.23 -56.54 26.15
CA ALA N 88 -8.88 -56.84 25.65
C ALA N 88 -7.82 -56.07 26.44
N ALA N 89 -6.58 -56.42 26.21
CA ALA N 89 -5.50 -56.01 27.10
C ALA N 89 -5.29 -54.47 27.25
N LEU N 90 -5.50 -53.74 26.13
CA LEU N 90 -5.25 -52.29 26.08
C LEU N 90 -6.52 -51.48 25.88
N TYR N 91 -7.65 -51.97 26.39
CA TYR N 91 -8.90 -51.24 26.37
C TYR N 91 -8.67 -49.85 26.97
N GLY N 92 -9.16 -48.84 26.30
CA GLY N 92 -9.01 -47.46 26.72
C GLY N 92 -7.77 -46.72 26.23
N LEU N 93 -6.90 -47.42 25.49
CA LEU N 93 -5.62 -46.85 24.99
C LEU N 93 -5.76 -45.51 24.25
N GLU N 94 -6.78 -45.43 23.39
CA GLU N 94 -7.03 -44.20 22.60
C GLU N 94 -7.34 -42.97 23.47
N SER N 95 -8.01 -43.17 24.60
CA SER N 95 -8.17 -42.08 25.58
C SER N 95 -6.95 -41.84 26.49
N HIS N 96 -6.29 -42.91 26.92
CA HIS N 96 -5.03 -42.77 27.69
C HIS N 96 -4.01 -41.91 26.97
N LEU N 97 -3.94 -42.01 25.63
CA LEU N 97 -3.00 -41.24 24.86
C LEU N 97 -3.59 -39.99 24.24
N GLN N 98 -4.76 -39.58 24.72
CA GLN N 98 -5.40 -38.30 24.37
C GLN N 98 -5.62 -38.13 22.82
N GLY N 99 -6.00 -39.26 22.18
CA GLY N 99 -6.28 -39.24 20.77
C GLY N 99 -5.05 -39.27 19.86
N LYS N 100 -3.84 -39.46 20.41
CA LYS N 100 -2.65 -39.49 19.55
C LYS N 100 -2.49 -40.78 18.76
N VAL N 101 -3.13 -41.85 19.24
CA VAL N 101 -3.08 -43.14 18.53
C VAL N 101 -4.39 -43.48 17.84
N VAL N 102 -4.29 -44.04 16.63
CA VAL N 102 -5.41 -44.49 15.88
C VAL N 102 -5.24 -46.01 15.78
N THR N 103 -6.35 -46.70 16.03
CA THR N 103 -6.37 -48.15 16.21
C THR N 103 -7.13 -48.90 15.13
N PHE N 104 -7.39 -48.25 13.97
CA PHE N 104 -7.87 -48.95 12.77
C PHE N 104 -6.87 -48.76 11.63
N GLY N 105 -7.01 -49.59 10.62
CA GLY N 105 -6.03 -49.68 9.55
C GLY N 105 -5.69 -48.43 8.75
N GLY N 106 -4.49 -48.46 8.21
CA GLY N 106 -3.97 -47.44 7.35
C GLY N 106 -2.63 -46.89 7.67
N GLY N 107 -2.10 -47.23 8.84
CA GLY N 107 -0.78 -46.88 9.24
C GLY N 107 0.13 -48.11 9.28
N TYR N 108 1.36 -47.95 8.80
CA TYR N 108 2.36 -49.02 8.78
C TYR N 108 3.68 -48.50 9.24
N ALA N 109 4.37 -49.31 10.05
CA ALA N 109 5.73 -49.04 10.41
C ALA N 109 6.64 -49.47 9.27
N LEU N 110 7.72 -48.74 9.08
CA LEU N 110 8.67 -49.00 7.97
C LEU N 110 10.01 -49.41 8.52
N TRP N 111 10.50 -50.57 8.08
CA TRP N 111 11.74 -51.15 8.59
C TRP N 111 12.74 -51.44 7.45
N ARG N 112 14.03 -51.28 7.75
CA ARG N 112 15.09 -51.66 6.80
C ARG N 112 16.24 -52.24 7.61
N ASP N 113 16.67 -53.46 7.26
CA ASP N 113 17.81 -54.13 7.92
C ASP N 113 17.64 -54.20 9.45
N GLY N 114 16.44 -54.55 9.91
CA GLY N 114 16.13 -54.58 11.34
C GLY N 114 15.97 -53.24 12.08
N ILE N 115 16.03 -52.12 11.36
CA ILE N 115 15.99 -50.78 11.97
C ILE N 115 14.67 -50.09 11.56
N LEU N 116 14.01 -49.47 12.53
CA LEU N 116 12.76 -48.74 12.26
C LEU N 116 13.15 -47.42 11.64
N ILE N 117 12.66 -47.13 10.44
CA ILE N 117 13.01 -45.89 9.75
C ILE N 117 11.86 -44.90 9.56
N GLY N 118 10.63 -45.31 9.88
CA GLY N 118 9.51 -44.36 9.79
C GLY N 118 8.18 -45.05 9.82
N GLY N 119 7.16 -44.25 9.51
CA GLY N 119 5.78 -44.68 9.54
C GLY N 119 5.04 -43.98 8.39
N LEU N 120 4.14 -44.71 7.76
CA LEU N 120 3.29 -44.19 6.71
C LEU N 120 1.86 -44.29 7.18
N GLY N 121 1.09 -43.22 6.95
CA GLY N 121 -0.34 -43.21 7.27
C GLY N 121 -1.17 -42.71 6.08
N ILE N 122 -2.27 -43.36 5.83
CA ILE N 122 -3.22 -43.03 4.82
C ILE N 122 -4.58 -42.92 5.47
N SER N 123 -5.32 -41.86 5.13
CA SER N 123 -6.70 -41.72 5.49
C SER N 123 -7.52 -40.99 4.41
N GLY N 124 -8.78 -41.38 4.26
CA GLY N 124 -9.67 -40.77 3.29
C GLY N 124 -10.68 -41.74 2.70
N GLY N 125 -10.31 -43.01 2.62
CA GLY N 125 -11.16 -44.05 2.06
C GLY N 125 -11.78 -44.87 3.13
N SER N 126 -12.32 -46.03 2.72
CA SER N 126 -12.65 -47.08 3.68
C SER N 126 -11.31 -47.52 4.28
N VAL N 127 -11.38 -48.15 5.42
CA VAL N 127 -10.17 -48.72 6.04
C VAL N 127 -9.43 -49.62 5.04
N GLU N 128 -10.17 -50.42 4.26
CA GLU N 128 -9.54 -51.35 3.30
C GLU N 128 -8.84 -50.59 2.22
N GLN N 129 -9.45 -49.51 1.72
CA GLN N 129 -8.80 -48.68 0.72
C GLN N 129 -7.52 -48.05 1.27
N ASP N 130 -7.60 -47.55 2.51
CA ASP N 130 -6.45 -46.87 3.11
C ASP N 130 -5.29 -47.87 3.21
N MET N 131 -5.60 -49.07 3.65
CA MET N 131 -4.59 -50.14 3.72
C MET N 131 -4.01 -50.52 2.33
N ASP N 132 -4.86 -50.63 1.31
CA ASP N 132 -4.43 -50.93 -0.06
C ASP N 132 -3.48 -49.88 -0.56
N ILE N 133 -3.86 -48.62 -0.39
CA ILE N 133 -3.01 -47.53 -0.81
C ILE N 133 -1.68 -47.58 -0.10
N ALA N 134 -1.71 -47.74 1.21
CA ALA N 134 -0.48 -47.78 2.01
C ALA N 134 0.42 -48.93 1.59
N GLN N 135 -0.15 -50.10 1.45
CA GLN N 135 0.63 -51.29 1.04
C GLN N 135 1.23 -51.12 -0.37
N THR N 136 0.46 -50.53 -1.28
CA THR N 136 0.96 -50.25 -2.66
C THR N 136 2.10 -49.33 -2.64
N ALA N 137 1.99 -48.26 -1.83
CA ALA N 137 3.06 -47.29 -1.74
C ALA N 137 4.32 -47.94 -1.20
N ILE N 138 4.15 -48.71 -0.13
CA ILE N 138 5.30 -49.35 0.52
C ILE N 138 6.02 -50.34 -0.43
N ALA N 139 5.24 -51.08 -1.20
CA ALA N 139 5.78 -51.96 -2.25
C ALA N 139 6.63 -51.21 -3.31
N ALA N 140 6.41 -49.91 -3.48
CA ALA N 140 7.19 -49.13 -4.44
C ALA N 140 8.62 -48.89 -4.02
N ILE N 141 8.96 -49.09 -2.74
CA ILE N 141 10.33 -48.86 -2.30
C ILE N 141 10.90 -50.10 -1.62
N ASN N 142 12.17 -50.09 -1.32
CA ASN N 142 12.80 -51.31 -0.79
C ASN N 142 12.73 -51.23 0.74
N VAL N 143 11.56 -51.55 1.33
CA VAL N 143 11.36 -51.65 2.77
C VAL N 143 10.41 -52.71 3.24
N GLY N 144 10.56 -53.11 4.50
CA GLY N 144 9.64 -54.04 5.12
C GLY N 144 8.68 -53.34 6.07
N THR N 145 7.62 -54.04 6.43
CA THR N 145 6.65 -53.56 7.42
C THR N 145 6.76 -54.26 8.76
N HIS N 146 7.79 -55.11 8.91
CA HIS N 146 8.07 -55.76 10.17
C HIS N 146 9.57 -55.79 10.34
N GLN N 147 10.05 -55.79 11.57
CA GLN N 147 11.47 -55.84 11.82
C GLN N 147 12.12 -57.09 11.15
N VAL O 10 28.43 -42.24 19.68
CA VAL O 10 28.22 -40.81 20.03
C VAL O 10 27.09 -40.46 21.03
N ALA O 11 25.91 -41.08 20.97
CA ALA O 11 24.81 -40.80 21.89
C ALA O 11 25.18 -40.76 23.39
N LEU O 12 24.26 -40.25 24.23
CA LEU O 12 24.43 -40.28 25.68
C LEU O 12 24.36 -41.73 26.20
N SER O 13 25.46 -42.16 26.81
CA SER O 13 25.57 -43.53 27.37
C SER O 13 24.92 -43.53 28.75
N PHE O 14 24.74 -44.71 29.31
CA PHE O 14 24.32 -44.82 30.70
C PHE O 14 25.20 -44.00 31.62
N HIS O 15 26.51 -44.14 31.44
CA HIS O 15 27.48 -43.39 32.25
C HIS O 15 27.33 -41.88 32.07
N ASP O 16 27.12 -41.42 30.86
CA ASP O 16 26.84 -39.98 30.63
C ASP O 16 25.61 -39.50 31.46
N LEU O 17 24.52 -40.24 31.35
CA LEU O 17 23.26 -39.86 31.97
C LEU O 17 23.41 -39.85 33.48
N HIS O 18 24.03 -40.91 33.98
CA HIS O 18 24.20 -41.15 35.43
C HIS O 18 25.07 -40.06 36.01
N GLN O 19 26.20 -39.76 35.34
CA GLN O 19 27.11 -38.68 35.80
C GLN O 19 26.52 -37.28 35.71
N LEU O 20 25.83 -36.96 34.61
CA LEU O 20 25.11 -35.67 34.53
C LEU O 20 24.19 -35.49 35.69
N THR O 21 23.38 -36.52 35.96
CA THR O 21 22.35 -36.44 37.00
C THR O 21 22.98 -36.34 38.39
N ARG O 22 23.97 -37.19 38.69
CA ARG O 22 24.68 -37.17 39.96
C ARG O 22 25.34 -35.83 40.22
N ALA O 23 26.05 -35.33 39.22
CA ALA O 23 26.76 -34.06 39.36
C ALA O 23 25.80 -32.90 39.52
N ALA O 24 24.65 -32.93 38.84
CA ALA O 24 23.69 -31.85 38.99
C ALA O 24 23.17 -31.87 40.42
N VAL O 25 22.78 -33.03 40.93
CA VAL O 25 22.19 -33.13 42.27
C VAL O 25 23.24 -32.69 43.32
N GLU O 26 24.48 -33.14 43.15
CA GLU O 26 25.51 -32.73 44.10
C GLU O 26 25.74 -31.25 44.12
N ARG O 27 25.79 -30.62 42.96
CA ARG O 27 25.95 -29.18 42.91
C ARG O 27 24.79 -28.47 43.55
N ALA O 28 23.58 -28.93 43.29
CA ALA O 28 22.40 -28.36 43.93
C ALA O 28 22.45 -28.48 45.46
N GLN O 29 22.89 -29.63 45.95
CA GLN O 29 23.13 -29.82 47.39
C GLN O 29 24.16 -28.82 47.95
N GLN O 30 25.23 -28.56 47.22
CA GLN O 30 26.26 -27.58 47.64
C GLN O 30 25.65 -26.19 47.71
N LEU O 31 24.79 -25.86 46.74
CA LEU O 31 24.12 -24.57 46.74
C LEU O 31 22.97 -24.51 47.68
N GLN O 32 22.57 -25.66 48.27
CA GLN O 32 21.41 -25.74 49.18
C GLN O 32 20.08 -25.30 48.52
N VAL O 33 19.87 -25.75 47.30
CA VAL O 33 18.62 -25.48 46.61
C VAL O 33 18.11 -26.75 45.94
N PRO O 34 16.85 -27.14 46.20
CA PRO O 34 16.36 -28.39 45.58
C PRO O 34 15.89 -28.09 44.18
N VAL O 35 16.33 -28.92 43.23
CA VAL O 35 15.97 -28.71 41.85
C VAL O 35 15.37 -29.99 41.23
N VAL O 36 14.79 -29.79 40.06
CA VAL O 36 14.46 -30.86 39.14
C VAL O 36 15.53 -30.84 38.07
N VAL O 37 16.04 -32.02 37.77
CA VAL O 37 16.98 -32.27 36.72
C VAL O 37 16.19 -33.00 35.64
N SER O 38 16.36 -32.55 34.40
CA SER O 38 15.83 -33.27 33.30
C SER O 38 16.82 -33.41 32.16
N ILE O 39 16.82 -34.58 31.55
CA ILE O 39 17.64 -34.85 30.40
C ILE O 39 16.75 -35.39 29.32
N VAL O 40 16.90 -34.85 28.13
CA VAL O 40 16.24 -35.34 26.95
C VAL O 40 17.28 -35.83 25.97
N ASP O 41 16.86 -36.73 25.08
CA ASP O 41 17.74 -37.15 24.00
C ASP O 41 17.72 -36.15 22.82
N ALA O 42 18.41 -36.52 21.72
CA ALA O 42 18.53 -35.64 20.56
C ALA O 42 17.24 -35.45 19.83
N HIS O 43 16.22 -36.26 20.13
CA HIS O 43 14.90 -36.08 19.52
C HIS O 43 13.92 -35.39 20.46
N GLY O 44 14.38 -34.98 21.62
CA GLY O 44 13.53 -34.35 22.59
C GLY O 44 12.78 -35.26 23.54
N THR O 45 13.08 -36.55 23.53
CA THR O 45 12.36 -37.52 24.38
C THR O 45 12.95 -37.48 25.76
N GLU O 46 12.06 -37.34 26.76
CA GLU O 46 12.47 -37.38 28.14
C GLU O 46 13.20 -38.69 28.46
N THR O 47 14.41 -38.55 28.97
CA THR O 47 15.29 -39.72 29.23
C THR O 47 15.51 -39.91 30.70
N VAL O 48 15.74 -38.80 31.43
CA VAL O 48 15.88 -38.85 32.83
C VAL O 48 15.14 -37.68 33.43
N THR O 49 14.44 -37.94 34.56
CA THR O 49 13.95 -36.85 35.41
C THR O 49 14.23 -37.23 36.86
N TRP O 50 14.75 -36.27 37.62
CA TRP O 50 15.00 -36.49 39.01
C TRP O 50 14.56 -35.23 39.79
N ARG O 51 13.65 -35.40 40.74
CA ARG O 51 13.18 -34.29 41.56
C ARG O 51 13.73 -34.42 42.94
N MET O 52 14.46 -33.41 43.36
CA MET O 52 14.93 -33.32 44.76
C MET O 52 13.77 -32.92 45.67
N PRO O 53 13.75 -33.43 46.91
CA PRO O 53 12.69 -33.08 47.81
C PRO O 53 12.54 -31.57 47.99
N ASP O 54 11.28 -31.12 48.05
CA ASP O 54 10.90 -29.72 48.20
C ASP O 54 11.24 -28.79 47.04
N ALA O 55 11.64 -29.31 45.89
CA ALA O 55 11.80 -28.46 44.70
C ALA O 55 10.47 -27.74 44.36
N LEU O 56 10.55 -26.49 43.95
CA LEU O 56 9.34 -25.77 43.54
C LEU O 56 8.51 -26.63 42.62
N LEU O 57 7.19 -26.65 42.84
CA LEU O 57 6.32 -27.43 41.96
C LEU O 57 6.47 -27.04 40.51
N VAL O 58 6.57 -25.77 40.24
CA VAL O 58 6.77 -25.34 38.83
C VAL O 58 7.95 -25.95 38.13
N SER O 59 8.99 -26.31 38.88
CA SER O 59 10.18 -26.86 38.29
C SER O 59 9.97 -28.22 37.60
N SER O 60 8.94 -28.96 38.01
CA SER O 60 8.54 -30.22 37.40
C SER O 60 8.08 -30.04 35.95
N GLU O 61 7.60 -28.85 35.62
CA GLU O 61 7.28 -28.50 34.22
C GLU O 61 8.46 -27.77 33.58
N LEU O 62 9.09 -26.83 34.31
CA LEU O 62 10.12 -25.99 33.67
C LEU O 62 11.39 -26.76 33.29
N ALA O 63 11.82 -27.70 34.10
CA ALA O 63 13.11 -28.38 33.80
C ALA O 63 13.04 -29.21 32.50
N PRO O 64 12.01 -30.02 32.34
CA PRO O 64 11.90 -30.75 31.08
C PRO O 64 11.66 -29.87 29.89
N LYS O 65 10.93 -28.77 30.07
CA LYS O 65 10.80 -27.80 29.00
C LYS O 65 12.12 -27.13 28.58
N LYS O 66 12.96 -26.82 29.56
CA LYS O 66 14.26 -26.27 29.27
C LYS O 66 15.08 -27.22 28.44
N ALA O 67 15.11 -28.46 28.88
CA ALA O 67 15.88 -29.49 28.19
C ALA O 67 15.38 -29.68 26.76
N TRP O 68 14.05 -29.78 26.62
CA TRP O 68 13.42 -29.90 25.28
C TRP O 68 13.70 -28.68 24.33
N THR O 69 13.62 -27.49 24.89
CA THR O 69 13.92 -26.25 24.20
C THR O 69 15.36 -26.25 23.62
N ALA O 70 16.30 -26.71 24.45
CA ALA O 70 17.69 -26.78 24.05
C ALA O 70 17.91 -27.64 22.80
N VAL O 71 17.25 -28.81 22.74
CA VAL O 71 17.27 -29.63 21.54
C VAL O 71 16.41 -29.05 20.36
N ALA O 72 15.21 -28.57 20.69
CA ALA O 72 14.26 -28.13 19.71
C ALA O 72 14.71 -26.87 18.94
N MET O 73 15.51 -26.07 19.60
CA MET O 73 16.11 -24.86 19.03
C MET O 73 17.61 -24.89 18.86
N LYS O 74 18.25 -26.01 19.22
CA LYS O 74 19.72 -26.18 19.16
C LYS O 74 20.48 -25.04 19.85
N THR O 75 20.12 -24.71 21.07
CA THR O 75 20.63 -23.55 21.73
C THR O 75 20.58 -23.74 23.23
N ALA O 76 21.32 -22.95 23.99
CA ALA O 76 21.06 -22.85 25.43
C ALA O 76 19.87 -21.93 25.63
N THR O 77 19.07 -22.18 26.68
CA THR O 77 17.86 -21.37 26.84
C THR O 77 18.17 -19.91 27.17
N HIS O 78 19.28 -19.61 27.85
CA HIS O 78 19.63 -18.19 28.16
C HIS O 78 19.97 -17.40 26.90
N GLU O 79 20.32 -18.08 25.82
CA GLU O 79 20.59 -17.46 24.55
C GLU O 79 19.32 -17.10 23.83
N LEU O 80 18.17 -17.56 24.30
CA LEU O 80 16.87 -17.11 23.73
C LEU O 80 16.28 -15.87 24.39
N SER O 81 16.81 -15.46 25.53
CA SER O 81 16.19 -14.36 26.29
C SER O 81 16.09 -13.05 25.51
N ASP O 82 17.16 -12.67 24.79
CA ASP O 82 17.12 -11.39 24.02
C ASP O 82 16.20 -11.47 22.82
N VAL O 83 16.15 -12.62 22.16
CA VAL O 83 15.47 -12.72 20.88
C VAL O 83 13.90 -12.79 20.97
N VAL O 84 13.37 -13.07 22.17
CA VAL O 84 11.93 -13.07 22.37
C VAL O 84 11.39 -11.79 23.01
N GLN O 85 12.23 -10.81 23.32
CA GLN O 85 11.76 -9.58 23.89
C GLN O 85 10.86 -8.81 22.91
N PRO O 86 10.00 -7.94 23.45
CA PRO O 86 9.31 -6.95 22.59
C PRO O 86 10.32 -6.27 21.68
N GLY O 87 9.99 -6.17 20.41
CA GLY O 87 10.88 -5.56 19.42
C GLY O 87 11.94 -6.47 18.82
N ALA O 88 12.14 -7.69 19.36
CA ALA O 88 13.13 -8.60 18.82
C ALA O 88 12.52 -9.59 17.82
N ALA O 89 13.35 -10.36 17.16
CA ALA O 89 12.95 -11.11 16.01
C ALA O 89 11.91 -12.20 16.26
N LEU O 90 11.93 -12.79 17.46
CA LEU O 90 11.06 -13.93 17.78
C LEU O 90 10.12 -13.57 18.98
N TYR O 91 9.81 -12.30 19.14
CA TYR O 91 8.73 -11.87 20.00
C TYR O 91 7.49 -12.76 19.82
N GLY O 92 6.97 -13.23 20.94
CA GLY O 92 5.79 -14.10 20.94
C GLY O 92 6.00 -15.58 20.85
N LEU O 93 7.27 -16.02 20.71
CA LEU O 93 7.60 -17.43 20.51
C LEU O 93 6.98 -18.36 21.55
N GLU O 94 7.04 -17.94 22.80
CA GLU O 94 6.54 -18.76 23.91
C GLU O 94 5.05 -19.09 23.76
N SER O 95 4.27 -18.15 23.23
CA SER O 95 2.88 -18.42 22.94
C SER O 95 2.66 -19.20 21.65
N HIS O 96 3.47 -18.88 20.61
CA HIS O 96 3.35 -19.60 19.34
C HIS O 96 3.55 -21.09 19.53
N LEU O 97 4.43 -21.47 20.46
CA LEU O 97 4.72 -22.89 20.72
C LEU O 97 3.97 -23.43 21.99
N GLN O 98 2.93 -22.73 22.39
CA GLN O 98 1.97 -23.17 23.43
C GLN O 98 2.69 -23.57 24.73
N GLY O 99 3.71 -22.80 25.08
CA GLY O 99 4.43 -23.01 26.32
C GLY O 99 5.49 -24.06 26.31
N LYS O 100 5.79 -24.66 25.15
CA LYS O 100 6.76 -25.74 25.12
C LYS O 100 8.19 -25.28 25.25
N VAL O 101 8.42 -24.02 24.95
CA VAL O 101 9.76 -23.45 25.04
C VAL O 101 9.88 -22.54 26.24
N VAL O 102 11.05 -22.58 26.90
CA VAL O 102 11.38 -21.70 28.02
C VAL O 102 12.60 -20.92 27.59
N THR O 103 12.58 -19.62 27.86
CA THR O 103 13.48 -18.66 27.21
C THR O 103 14.35 -17.96 28.22
N PHE O 104 14.37 -18.48 29.47
CA PHE O 104 15.33 -18.05 30.42
C PHE O 104 16.29 -19.22 30.73
N GLY O 105 17.39 -18.88 31.32
CA GLY O 105 18.49 -19.83 31.56
C GLY O 105 18.20 -21.10 32.37
N GLY O 106 18.99 -22.12 32.06
CA GLY O 106 19.00 -23.39 32.76
C GLY O 106 18.99 -24.61 31.87
N GLY O 107 18.79 -24.42 30.56
CA GLY O 107 18.77 -25.48 29.58
C GLY O 107 19.98 -25.33 28.69
N TYR O 108 20.65 -26.46 28.38
CA TYR O 108 21.79 -26.50 27.49
C TYR O 108 21.65 -27.64 26.53
N ALA O 109 22.02 -27.38 25.26
CA ALA O 109 22.17 -28.40 24.24
C ALA O 109 23.48 -29.11 24.43
N LEU O 110 23.49 -30.42 24.19
CA LEU O 110 24.65 -31.26 24.43
C LEU O 110 25.12 -31.78 23.11
N TRP O 111 26.39 -31.53 22.80
CA TRP O 111 26.98 -31.93 21.51
C TRP O 111 28.25 -32.81 21.71
N ARG O 112 28.46 -33.74 20.78
CA ARG O 112 29.68 -34.56 20.75
C ARG O 112 30.06 -34.79 19.32
N ASP O 113 31.30 -34.41 18.96
CA ASP O 113 31.82 -34.61 17.59
C ASP O 113 30.91 -34.02 16.53
N GLY O 114 30.42 -32.80 16.78
CA GLY O 114 29.50 -32.14 15.85
C GLY O 114 28.05 -32.65 15.77
N ILE O 115 27.69 -33.60 16.64
CA ILE O 115 26.38 -34.22 16.63
C ILE O 115 25.59 -33.84 17.91
N LEU O 116 24.31 -33.49 17.75
CA LEU O 116 23.48 -33.08 18.89
C LEU O 116 23.05 -34.37 19.55
N ILE O 117 23.40 -34.56 20.81
CA ILE O 117 23.06 -35.81 21.49
C ILE O 117 21.99 -35.66 22.60
N GLY O 118 21.64 -34.43 22.98
CA GLY O 118 20.60 -34.25 23.98
C GLY O 118 20.51 -32.85 24.49
N GLY O 119 19.75 -32.73 25.59
CA GLY O 119 19.52 -31.48 26.26
C GLY O 119 19.40 -31.72 27.73
N LEU O 120 19.91 -30.79 28.50
CA LEU O 120 19.82 -30.82 29.93
C LEU O 120 19.09 -29.61 30.39
N GLY O 121 18.22 -29.78 31.37
CA GLY O 121 17.46 -28.69 31.96
C GLY O 121 17.41 -28.76 33.46
N ILE O 122 17.62 -27.61 34.10
CA ILE O 122 17.60 -27.47 35.56
C ILE O 122 16.59 -26.42 35.89
N SER O 123 15.73 -26.70 36.87
CA SER O 123 14.90 -25.65 37.44
C SER O 123 14.73 -25.84 38.94
N GLY O 124 14.55 -24.72 39.66
CA GLY O 124 14.29 -24.75 41.13
C GLY O 124 14.93 -23.61 41.86
N GLY O 125 15.99 -23.06 41.31
CA GLY O 125 16.72 -21.98 41.94
C GLY O 125 16.45 -20.70 41.23
N SER O 126 17.32 -19.70 41.48
CA SER O 126 17.31 -18.51 40.67
C SER O 126 17.81 -19.03 39.29
N VAL O 127 17.56 -18.23 38.27
CA VAL O 127 18.11 -18.55 36.96
C VAL O 127 19.63 -18.78 37.03
N GLU O 128 20.34 -17.93 37.76
CA GLU O 128 21.80 -18.09 37.88
C GLU O 128 22.22 -19.41 38.55
N GLN O 129 21.51 -19.80 39.60
CA GLN O 129 21.75 -21.10 40.24
C GLN O 129 21.45 -22.27 39.31
N ASP O 130 20.36 -22.17 38.57
CA ASP O 130 20.02 -23.22 37.60
C ASP O 130 21.13 -23.37 36.58
N MET O 131 21.63 -22.25 36.06
CA MET O 131 22.72 -22.30 35.05
C MET O 131 24.04 -22.84 35.64
N ASP O 132 24.34 -22.44 36.86
CA ASP O 132 25.53 -22.97 37.60
C ASP O 132 25.43 -24.52 37.70
N ILE O 133 24.30 -24.98 38.21
CA ILE O 133 24.07 -26.40 38.36
C ILE O 133 24.24 -27.13 37.02
N ALA O 134 23.61 -26.60 35.97
CA ALA O 134 23.64 -27.21 34.65
C ALA O 134 25.06 -27.24 34.11
N GLN O 135 25.77 -26.12 34.22
CA GLN O 135 27.16 -26.05 33.74
C GLN O 135 28.09 -27.02 34.49
N THR O 136 27.91 -27.09 35.82
CA THR O 136 28.71 -28.00 36.67
C THR O 136 28.47 -29.44 36.26
N ALA O 137 27.24 -29.79 36.01
CA ALA O 137 26.91 -31.14 35.57
C ALA O 137 27.53 -31.49 34.25
N ILE O 138 27.42 -30.58 33.32
CA ILE O 138 27.96 -30.78 31.97
C ILE O 138 29.47 -30.95 31.98
N ALA O 139 30.14 -30.17 32.83
CA ALA O 139 31.60 -30.30 33.04
C ALA O 139 32.00 -31.67 33.56
N ALA O 140 31.10 -32.39 34.23
CA ALA O 140 31.40 -33.73 34.70
C ALA O 140 31.54 -34.77 33.62
N ILE O 141 31.06 -34.54 32.40
CA ILE O 141 31.18 -35.53 31.33
C ILE O 141 31.91 -34.96 30.12
N ASN O 142 32.22 -35.79 29.13
CA ASN O 142 32.99 -35.33 28.00
C ASN O 142 32.03 -34.88 26.89
N VAL O 143 31.47 -33.66 27.03
CA VAL O 143 30.61 -33.05 26.00
C VAL O 143 30.73 -31.56 25.88
N GLY O 144 30.32 -31.07 24.71
CA GLY O 144 30.29 -29.62 24.46
C GLY O 144 28.86 -29.09 24.50
N THR O 145 28.75 -27.77 24.64
CA THR O 145 27.46 -27.08 24.61
C THR O 145 27.22 -26.33 23.32
N HIS O 146 28.12 -26.47 22.32
CA HIS O 146 27.91 -25.91 20.98
C HIS O 146 28.47 -26.92 20.01
N GLN O 147 27.95 -26.90 18.79
CA GLN O 147 28.36 -27.82 17.76
C GLN O 147 29.88 -27.70 17.50
N VAL P 10 8.04 -43.76 56.67
CA VAL P 10 8.69 -42.65 56.05
C VAL P 10 8.36 -42.78 54.52
N ALA P 11 8.27 -41.60 54.02
CA ALA P 11 8.35 -41.34 52.61
C ALA P 11 9.41 -42.16 51.91
N LEU P 12 9.37 -42.11 50.56
CA LEU P 12 10.41 -42.75 49.76
C LEU P 12 11.71 -42.00 49.93
N SER P 13 12.74 -42.71 50.35
CA SER P 13 14.05 -42.12 50.53
C SER P 13 14.77 -42.12 49.22
N PHE P 14 15.95 -41.53 49.19
CA PHE P 14 16.87 -41.69 48.06
C PHE P 14 17.12 -43.16 47.72
N HIS P 15 17.45 -43.93 48.75
CA HIS P 15 17.73 -45.35 48.57
C HIS P 15 16.53 -46.05 47.95
N ASP P 16 15.34 -45.77 48.46
CA ASP P 16 14.14 -46.38 47.93
C ASP P 16 14.02 -46.11 46.40
N LEU P 17 14.13 -44.83 46.03
CA LEU P 17 13.97 -44.36 44.63
C LEU P 17 15.04 -44.93 43.71
N HIS P 18 16.26 -44.91 44.19
CA HIS P 18 17.40 -45.45 43.49
C HIS P 18 17.28 -46.98 43.26
N GLN P 19 16.92 -47.71 44.31
CA GLN P 19 16.79 -49.18 44.20
C GLN P 19 15.62 -49.60 43.32
N LEU P 20 14.46 -48.95 43.51
CA LEU P 20 13.26 -49.20 42.64
C LEU P 20 13.58 -49.07 41.13
N THR P 21 14.27 -47.99 40.80
CA THR P 21 14.72 -47.71 39.47
C THR P 21 15.73 -48.72 38.95
N ARG P 22 16.78 -48.98 39.71
CA ARG P 22 17.75 -49.99 39.36
C ARG P 22 17.16 -51.34 39.14
N ALA P 23 16.34 -51.77 40.06
CA ALA P 23 15.78 -53.09 40.02
C ALA P 23 14.83 -53.23 38.81
N ALA P 24 14.04 -52.15 38.51
CA ALA P 24 13.17 -52.19 37.41
C ALA P 24 13.97 -52.33 36.10
N VAL P 25 14.99 -51.50 35.98
CA VAL P 25 15.82 -51.55 34.75
C VAL P 25 16.47 -52.94 34.61
N GLU P 26 17.03 -53.44 35.70
CA GLU P 26 17.70 -54.73 35.56
C GLU P 26 16.76 -55.85 35.16
N ARG P 27 15.57 -55.88 35.75
CA ARG P 27 14.60 -56.87 35.36
C ARG P 27 14.23 -56.70 33.88
N ALA P 28 14.05 -55.47 33.43
CA ALA P 28 13.69 -55.25 32.04
C ALA P 28 14.82 -55.81 31.12
N GLN P 29 16.08 -55.57 31.51
CA GLN P 29 17.26 -56.13 30.79
C GLN P 29 17.20 -57.65 30.75
N GLN P 30 16.80 -58.30 31.85
CA GLN P 30 16.67 -59.73 31.90
C GLN P 30 15.58 -60.24 30.98
N LEU P 31 14.46 -59.51 30.94
CA LEU P 31 13.43 -59.79 29.98
C LEU P 31 13.73 -59.38 28.55
N GLN P 32 14.79 -58.64 28.33
CA GLN P 32 15.18 -58.09 27.02
C GLN P 32 14.09 -57.18 26.40
N VAL P 33 13.48 -56.35 27.25
CA VAL P 33 12.51 -55.40 26.74
C VAL P 33 12.86 -54.04 27.32
N PRO P 34 12.98 -53.05 26.46
CA PRO P 34 13.17 -51.70 26.99
C PRO P 34 11.91 -51.06 27.50
N VAL P 35 11.98 -50.44 28.69
CA VAL P 35 10.84 -49.78 29.25
C VAL P 35 11.16 -48.35 29.70
N VAL P 36 10.07 -47.62 30.01
CA VAL P 36 10.14 -46.40 30.75
C VAL P 36 9.69 -46.78 32.17
N VAL P 37 10.43 -46.25 33.13
CA VAL P 37 10.15 -46.41 34.55
C VAL P 37 9.78 -45.04 35.07
N SER P 38 8.68 -44.97 35.82
CA SER P 38 8.30 -43.72 36.45
C SER P 38 7.88 -43.94 37.88
N ILE P 39 8.28 -43.00 38.74
CA ILE P 39 7.91 -43.02 40.14
C ILE P 39 7.37 -41.68 40.48
N VAL P 40 6.24 -41.69 41.14
CA VAL P 40 5.63 -40.50 41.66
C VAL P 40 5.57 -40.59 43.16
N ASP P 41 5.50 -39.44 43.81
CA ASP P 41 5.32 -39.41 45.26
C ASP P 41 3.87 -39.55 45.64
N ALA P 42 3.61 -39.52 46.94
CA ALA P 42 2.23 -39.65 47.43
C ALA P 42 1.25 -38.59 46.98
N HIS P 43 1.71 -37.46 46.47
CA HIS P 43 0.86 -36.40 45.93
C HIS P 43 0.81 -36.45 44.42
N GLY P 44 1.40 -37.47 43.83
CA GLY P 44 1.34 -37.62 42.39
C GLY P 44 2.38 -36.85 41.61
N THR P 45 3.36 -36.26 42.28
CA THR P 45 4.39 -35.50 41.60
C THR P 45 5.43 -36.47 41.04
N GLU P 46 5.75 -36.30 39.75
CA GLU P 46 6.85 -37.01 39.12
C GLU P 46 8.17 -36.85 39.83
N THR P 47 8.74 -37.98 40.27
CA THR P 47 9.94 -37.94 41.12
C THR P 47 11.09 -38.51 40.38
N VAL P 48 10.87 -39.63 39.70
CA VAL P 48 11.91 -40.23 38.86
C VAL P 48 11.30 -40.70 37.57
N THR P 49 11.99 -40.44 36.48
CA THR P 49 11.69 -41.06 35.20
C THR P 49 12.98 -41.54 34.56
N TRP P 50 12.94 -42.74 33.98
CA TRP P 50 14.11 -43.30 33.31
C TRP P 50 13.62 -44.03 32.07
N ARG P 51 14.14 -43.66 30.90
CA ARG P 51 13.80 -44.32 29.64
C ARG P 51 14.97 -45.14 29.20
N MET P 52 14.77 -46.44 29.04
CA MET P 52 15.72 -47.31 28.39
C MET P 52 15.72 -47.10 26.86
N PRO P 53 16.90 -47.23 26.24
CA PRO P 53 16.97 -47.02 24.78
C PRO P 53 15.97 -47.89 24.03
N ASP P 54 15.34 -47.30 23.02
CA ASP P 54 14.39 -47.96 22.15
C ASP P 54 13.08 -48.35 22.77
N ALA P 55 12.77 -47.86 23.98
CA ALA P 55 11.44 -48.09 24.54
C ALA P 55 10.40 -47.50 23.59
N LEU P 56 9.23 -48.15 23.53
CA LEU P 56 8.14 -47.63 22.73
C LEU P 56 7.90 -46.17 23.08
N LEU P 57 7.74 -45.33 22.07
CA LEU P 57 7.48 -43.92 22.29
C LEU P 57 6.24 -43.68 23.24
N VAL P 58 5.18 -44.47 23.08
CA VAL P 58 3.99 -44.33 23.93
C VAL P 58 4.28 -44.54 25.41
N SER P 59 5.29 -45.33 25.69
CA SER P 59 5.67 -45.60 27.05
C SER P 59 6.09 -44.36 27.88
N SER P 60 6.62 -43.36 27.21
CA SER P 60 6.93 -42.04 27.81
C SER P 60 5.72 -41.32 28.40
N GLU P 61 4.55 -41.54 27.84
CA GLU P 61 3.32 -41.05 28.40
C GLU P 61 2.66 -42.09 29.34
N LEU P 62 2.64 -43.37 28.93
CA LEU P 62 1.94 -44.36 29.76
C LEU P 62 2.56 -44.64 31.12
N ALA P 63 3.89 -44.70 31.23
CA ALA P 63 4.49 -45.07 32.50
C ALA P 63 4.21 -44.03 33.63
N PRO P 64 4.40 -42.73 33.39
CA PRO P 64 4.05 -41.77 34.39
C PRO P 64 2.58 -41.77 34.68
N LYS P 65 1.74 -41.97 33.67
CA LYS P 65 0.30 -42.05 33.89
C LYS P 65 -0.10 -43.22 34.75
N LYS P 66 0.54 -44.35 34.56
CA LYS P 66 0.26 -45.49 35.47
C LYS P 66 0.67 -45.27 36.89
N ALA P 67 1.83 -44.67 37.08
CA ALA P 67 2.30 -44.29 38.42
C ALA P 67 1.34 -43.31 39.08
N TRP P 68 0.97 -42.28 38.35
CA TRP P 68 -0.04 -41.29 38.84
C TRP P 68 -1.40 -41.91 39.21
N THR P 69 -1.91 -42.79 38.35
CA THR P 69 -3.14 -43.46 38.51
C THR P 69 -3.11 -44.24 39.85
N ALA P 70 -2.01 -44.93 40.11
CA ALA P 70 -1.85 -45.74 41.31
C ALA P 70 -2.06 -44.89 42.58
N VAL P 71 -1.47 -43.70 42.63
CA VAL P 71 -1.70 -42.83 43.77
C VAL P 71 -3.03 -42.14 43.76
N ALA P 72 -3.45 -41.65 42.58
CA ALA P 72 -4.71 -40.90 42.44
C ALA P 72 -5.97 -41.72 42.74
N MET P 73 -5.89 -43.03 42.54
CA MET P 73 -6.95 -43.99 42.85
C MET P 73 -6.62 -45.00 43.96
N LYS P 74 -5.44 -44.89 44.56
CA LYS P 74 -5.00 -45.77 45.64
C LYS P 74 -5.15 -47.24 45.26
N THR P 75 -4.66 -47.59 44.09
CA THR P 75 -4.90 -48.93 43.56
C THR P 75 -3.76 -49.33 42.61
N ALA P 76 -3.61 -50.60 42.32
CA ALA P 76 -2.80 -51.01 41.15
C ALA P 76 -3.61 -50.84 39.91
N THR P 77 -2.98 -50.46 38.79
CA THR P 77 -3.72 -50.20 37.62
C THR P 77 -4.43 -51.40 37.04
N HIS P 78 -3.89 -52.58 37.20
CA HIS P 78 -4.62 -53.81 36.69
C HIS P 78 -5.93 -54.09 37.44
N GLU P 79 -6.04 -53.59 38.67
CA GLU P 79 -7.25 -53.67 39.46
C GLU P 79 -8.33 -52.73 38.96
N LEU P 80 -8.01 -51.80 38.06
CA LEU P 80 -9.06 -50.98 37.41
C LEU P 80 -9.66 -51.57 36.16
N SER P 81 -9.09 -52.64 35.60
CA SER P 81 -9.51 -53.11 34.31
C SER P 81 -10.98 -53.53 34.27
N ASP P 82 -11.43 -54.29 35.27
CA ASP P 82 -12.79 -54.76 35.28
C ASP P 82 -13.80 -53.59 35.49
N VAL P 83 -13.44 -52.62 36.33
CA VAL P 83 -14.39 -51.59 36.80
C VAL P 83 -14.65 -50.48 35.76
N VAL P 84 -13.82 -50.40 34.69
CA VAL P 84 -14.08 -49.44 33.58
C VAL P 84 -14.72 -50.06 32.36
N GLN P 85 -15.02 -51.38 32.40
CA GLN P 85 -15.60 -52.03 31.23
C GLN P 85 -17.03 -51.53 30.97
N PRO P 86 -17.52 -51.63 29.73
CA PRO P 86 -18.96 -51.44 29.48
C PRO P 86 -19.77 -52.26 30.49
N GLY P 87 -20.74 -51.62 31.12
CA GLY P 87 -21.58 -52.27 32.12
C GLY P 87 -21.06 -52.23 33.52
N ALA P 88 -19.81 -51.79 33.74
CA ALA P 88 -19.23 -51.75 35.06
C ALA P 88 -19.37 -50.34 35.69
N ALA P 89 -19.02 -50.23 36.97
CA ALA P 89 -19.37 -49.08 37.77
C ALA P 89 -18.71 -47.76 37.34
N LEU P 90 -17.50 -47.83 36.80
CA LEU P 90 -16.74 -46.62 36.36
C LEU P 90 -16.48 -46.61 34.88
N TYR P 91 -17.41 -47.18 34.10
CA TYR P 91 -17.35 -47.05 32.64
C TYR P 91 -17.16 -45.56 32.23
N GLY P 92 -16.27 -45.33 31.26
CA GLY P 92 -15.95 -44.00 30.82
C GLY P 92 -14.89 -43.24 31.57
N LEU P 93 -14.41 -43.78 32.68
CA LEU P 93 -13.46 -43.10 33.56
C LEU P 93 -12.25 -42.47 32.84
N GLU P 94 -11.71 -43.18 31.88
CA GLU P 94 -10.55 -42.73 31.14
C GLU P 94 -10.80 -41.46 30.36
N SER P 95 -12.03 -41.26 29.89
CA SER P 95 -12.40 -40.03 29.23
C SER P 95 -12.77 -38.92 30.22
N HIS P 96 -13.48 -39.31 31.34
CA HIS P 96 -13.81 -38.36 32.36
C HIS P 96 -12.58 -37.64 32.92
N LEU P 97 -11.47 -38.36 33.04
CA LEU P 97 -10.23 -37.80 33.53
C LEU P 97 -9.25 -37.40 32.43
N GLN P 98 -9.76 -37.23 31.21
CA GLN P 98 -9.01 -36.66 30.07
C GLN P 98 -7.68 -37.38 29.85
N GLY P 99 -7.71 -38.70 29.96
CA GLY P 99 -6.54 -39.52 29.69
C GLY P 99 -5.52 -39.62 30.80
N LYS P 100 -5.79 -39.05 31.97
CA LYS P 100 -4.78 -39.08 33.02
C LYS P 100 -4.66 -40.40 33.72
N VAL P 101 -5.68 -41.23 33.63
CA VAL P 101 -5.67 -42.52 34.25
C VAL P 101 -5.48 -43.62 33.21
N VAL P 102 -4.68 -44.63 33.58
CA VAL P 102 -4.48 -45.81 32.73
C VAL P 102 -5.03 -46.96 33.52
N THR P 103 -5.80 -47.82 32.84
CA THR P 103 -6.57 -48.86 33.47
C THR P 103 -6.16 -50.29 33.11
N PHE P 104 -4.97 -50.44 32.53
CA PHE P 104 -4.35 -51.77 32.37
C PHE P 104 -3.05 -51.82 33.19
N GLY P 105 -2.55 -53.03 33.37
CA GLY P 105 -1.50 -53.31 34.33
C GLY P 105 -0.17 -52.60 34.10
N GLY P 106 0.53 -52.42 35.21
CA GLY P 106 1.88 -51.90 35.21
C GLY P 106 2.13 -50.78 36.19
N GLY P 107 1.08 -50.28 36.83
CA GLY P 107 1.19 -49.29 37.90
C GLY P 107 0.78 -49.86 39.23
N TYR P 108 1.53 -49.51 40.29
CA TYR P 108 1.25 -49.98 41.66
C TYR P 108 1.41 -48.84 42.61
N ALA P 109 0.49 -48.83 43.59
CA ALA P 109 0.62 -47.96 44.74
C ALA P 109 1.58 -48.53 45.73
N LEU P 110 2.35 -47.68 46.39
CA LEU P 110 3.40 -48.07 47.32
C LEU P 110 3.00 -47.60 48.70
N TRP P 111 2.95 -48.56 49.63
CA TRP P 111 2.52 -48.30 51.02
C TRP P 111 3.60 -48.73 52.03
N ARG P 112 3.73 -47.98 53.11
CA ARG P 112 4.62 -48.35 54.21
C ARG P 112 3.89 -47.98 55.50
N ASP P 113 3.72 -48.96 56.40
CA ASP P 113 3.11 -48.72 57.72
C ASP P 113 1.73 -48.06 57.61
N GLY P 114 0.93 -48.56 56.67
CA GLY P 114 -0.40 -47.98 56.42
C GLY P 114 -0.49 -46.64 55.72
N ILE P 115 0.66 -46.09 55.30
CA ILE P 115 0.70 -44.77 54.68
C ILE P 115 1.08 -44.91 53.19
N LEU P 116 0.37 -44.19 52.34
CA LEU P 116 0.65 -44.19 50.91
C LEU P 116 1.88 -43.32 50.69
N ILE P 117 2.94 -43.90 50.10
CA ILE P 117 4.16 -43.11 49.87
C ILE P 117 4.48 -42.81 48.42
N GLY P 118 3.76 -43.41 47.48
CA GLY P 118 4.06 -43.19 46.09
C GLY P 118 3.43 -44.19 45.19
N GLY P 119 3.85 -44.10 43.91
CA GLY P 119 3.33 -44.90 42.81
C GLY P 119 4.43 -45.21 41.81
N LEU P 120 4.47 -46.47 41.34
CA LEU P 120 5.46 -46.90 40.37
C LEU P 120 4.71 -47.28 39.11
N GLY P 121 5.26 -46.93 37.96
CA GLY P 121 4.65 -47.24 36.67
C GLY P 121 5.71 -47.73 35.70
N ILE P 122 5.36 -48.79 34.99
CA ILE P 122 6.20 -49.37 33.95
C ILE P 122 5.45 -49.51 32.68
N SER P 123 6.06 -49.12 31.57
CA SER P 123 5.46 -49.32 30.29
C SER P 123 6.56 -49.62 29.27
N GLY P 124 6.24 -50.49 28.29
CA GLY P 124 7.16 -50.75 27.18
C GLY P 124 7.09 -52.21 26.74
N GLY P 125 6.65 -53.07 27.62
CA GLY P 125 6.44 -54.50 27.26
C GLY P 125 4.98 -54.87 27.05
N SER P 126 4.70 -56.17 27.10
CA SER P 126 3.33 -56.65 27.20
C SER P 126 2.90 -56.22 28.61
N VAL P 127 1.61 -56.18 28.82
CA VAL P 127 1.08 -55.85 30.12
C VAL P 127 1.73 -56.76 31.18
N GLU P 128 1.83 -58.07 30.89
CA GLU P 128 2.38 -59.03 31.85
C GLU P 128 3.86 -58.75 32.14
N GLN P 129 4.64 -58.38 31.13
CA GLN P 129 6.01 -57.94 31.34
C GLN P 129 6.11 -56.68 32.21
N ASP P 130 5.24 -55.73 31.97
CA ASP P 130 5.25 -54.47 32.70
C ASP P 130 4.99 -54.76 34.18
N MET P 131 4.01 -55.61 34.44
CA MET P 131 3.66 -56.02 35.82
C MET P 131 4.78 -56.80 36.53
N ASP P 132 5.41 -57.72 35.83
CA ASP P 132 6.58 -58.49 36.31
C ASP P 132 7.71 -57.52 36.71
N ILE P 133 8.06 -56.62 35.81
CA ILE P 133 9.09 -55.66 36.09
C ILE P 133 8.71 -54.82 37.33
N ALA P 134 7.48 -54.33 37.38
CA ALA P 134 7.03 -53.47 38.50
C ALA P 134 7.10 -54.26 39.79
N GLN P 135 6.63 -55.50 39.75
CA GLN P 135 6.62 -56.31 40.96
C GLN P 135 8.04 -56.62 41.45
N THR P 136 8.92 -56.94 40.52
CA THR P 136 10.32 -57.23 40.86
C THR P 136 10.92 -56.02 41.53
N ALA P 137 10.68 -54.83 41.00
CA ALA P 137 11.27 -53.62 41.52
C ALA P 137 10.77 -53.39 42.95
N ILE P 138 9.48 -53.56 43.14
CA ILE P 138 8.84 -53.36 44.44
C ILE P 138 9.35 -54.35 45.50
N ALA P 139 9.52 -55.62 45.10
CA ALA P 139 10.20 -56.63 45.91
C ALA P 139 11.65 -56.26 46.31
N ALA P 140 12.39 -55.50 45.49
CA ALA P 140 13.73 -55.02 45.87
C ALA P 140 13.79 -54.08 47.07
N ILE P 141 12.68 -53.44 47.40
CA ILE P 141 12.77 -52.49 48.55
C ILE P 141 11.83 -52.93 49.59
N ASN P 142 11.08 -54.01 49.41
CA ASN P 142 10.14 -54.46 50.44
C ASN P 142 9.06 -53.47 51.12
N VAL P 143 8.41 -52.72 50.25
CA VAL P 143 7.26 -51.76 50.70
C VAL P 143 6.15 -52.65 50.32
N GLY P 144 4.93 -52.29 50.68
CA GLY P 144 3.76 -53.08 50.32
C GLY P 144 3.06 -52.41 49.15
N THR P 145 2.22 -53.18 48.49
CA THR P 145 1.35 -52.68 47.42
C THR P 145 -0.14 -52.55 47.84
N HIS P 146 -0.45 -52.73 49.12
CA HIS P 146 -1.78 -52.45 49.67
C HIS P 146 -1.57 -51.88 51.06
N GLN P 147 -2.54 -51.10 51.52
CA GLN P 147 -2.45 -50.46 52.82
C GLN P 147 -2.29 -51.52 53.95
CHA HEM Q . 10.77 42.67 -61.85
CHB HEM Q . 12.11 39.62 -58.40
CHC HEM Q . 8.72 41.69 -55.58
CHD HEM Q . 7.77 44.98 -58.90
C1A HEM Q . 11.37 41.66 -61.17
C2A HEM Q . 12.26 40.71 -61.75
C3A HEM Q . 12.65 39.83 -60.79
C4A HEM Q . 12.03 40.26 -59.61
CMA HEM Q . 13.58 38.62 -60.92
CAA HEM Q . 12.66 40.63 -63.21
CBA HEM Q . 11.46 39.87 -63.85
CGA HEM Q . 11.68 39.57 -65.32
O1A HEM Q . 11.55 40.50 -66.16
O2A HEM Q . 11.95 38.40 -65.71
C1B HEM Q . 11.32 39.93 -57.34
C2B HEM Q . 11.28 39.24 -56.11
C3B HEM Q . 10.33 39.82 -55.30
C4B HEM Q . 9.72 40.89 -56.09
CMB HEM Q . 12.15 38.08 -55.75
CAB HEM Q . 10.06 39.33 -53.92
CBB HEM Q . 9.22 39.75 -52.98
C1C HEM Q . 8.16 42.75 -56.18
C2C HEM Q . 7.20 43.62 -55.62
C3C HEM Q . 6.91 44.57 -56.61
C4C HEM Q . 7.74 44.24 -57.74
CMC HEM Q . 6.58 43.48 -54.23
CAC HEM Q . 5.98 45.77 -56.66
CBC HEM Q . 5.12 46.14 -55.72
C1D HEM Q . 8.55 44.57 -59.95
C2D HEM Q . 8.46 45.34 -61.22
C3D HEM Q . 9.27 44.69 -62.07
C4D HEM Q . 9.86 43.55 -61.33
CMD HEM Q . 7.63 46.56 -61.49
CAD HEM Q . 9.55 45.10 -63.51
CBD HEM Q . 10.61 46.20 -63.42
CGD HEM Q . 12.00 45.66 -63.06
O1D HEM Q . 12.56 44.80 -63.78
O2D HEM Q . 12.63 46.07 -62.05
NA HEM Q . 11.19 41.32 -59.87
NB HEM Q . 10.38 40.84 -57.28
NC HEM Q . 8.46 43.11 -57.47
ND HEM Q . 9.39 43.48 -60.07
FE HEM Q . 9.88 42.20 -58.71
C1 GOL R . -6.70 44.42 -38.17
O1 GOL R . -8.01 44.96 -38.50
C2 GOL R . -6.54 43.72 -39.50
O2 GOL R . -5.55 44.27 -40.37
C3 GOL R . -6.87 42.27 -39.52
O3 GOL R . -6.24 41.52 -40.53
C1 GOL S . -11.44 45.22 -38.78
O1 GOL S . -10.63 46.06 -37.99
C2 GOL S . -12.80 45.82 -38.73
O2 GOL S . -12.76 47.32 -38.66
C3 GOL S . -13.51 45.19 -39.91
O3 GOL S . -14.94 45.58 -39.99
C1 GOL T . -13.87 32.65 -52.41
O1 GOL T . -14.37 33.79 -51.67
C2 GOL T . -13.71 31.43 -51.53
O2 GOL T . -14.90 31.19 -50.78
C3 GOL T . -13.42 30.17 -52.33
O3 GOL T . -13.93 30.19 -53.67
NA NA U . -11.46 30.23 -27.63
NA NA V . -10.71 33.33 -28.42
C1 GOL W . 22.89 27.36 -42.05
O1 GOL W . 22.19 28.63 -42.13
C2 GOL W . 22.18 26.18 -42.72
O2 GOL W . 21.94 26.59 -44.02
C3 GOL W . 23.08 24.93 -42.75
O3 GOL W . 22.47 24.00 -41.89
NA NA X . 23.17 27.37 -24.00
CHA HEM Y . 10.49 63.68 -9.70
CHB HEM Y . 8.30 59.50 -10.75
CHC HEM Y . 12.27 58.39 -13.22
CHD HEM Y . 14.25 62.88 -12.65
C1A HEM Y . 9.60 62.60 -9.77
C2A HEM Y . 8.39 62.49 -9.01
C3A HEM Y . 7.76 61.30 -9.31
C4A HEM Y . 8.59 60.71 -10.27
CMA HEM Y . 6.46 60.71 -8.79
CAA HEM Y . 7.84 63.52 -8.04
CBA HEM Y . 8.33 63.26 -6.61
CGA HEM Y . 7.36 64.00 -5.73
O1A HEM Y . 6.30 63.42 -5.43
O2A HEM Y . 7.61 65.15 -5.34
C1B HEM Y . 9.26 58.88 -11.55
C2B HEM Y . 8.91 57.59 -11.94
C3B HEM Y . 9.98 57.17 -12.65
C4B HEM Y . 10.99 58.29 -12.70
CMB HEM Y . 7.55 56.97 -11.52
CAB HEM Y . 10.01 55.82 -13.31
CBB HEM Y . 10.98 55.35 -14.08
C1C HEM Y . 13.15 59.48 -13.22
C2C HEM Y . 14.35 59.56 -13.96
C3C HEM Y . 14.92 60.85 -13.84
C4C HEM Y . 14.04 61.59 -13.03
CMC HEM Y . 14.84 58.37 -14.77
CAC HEM Y . 16.19 61.44 -14.42
CBC HEM Y . 17.09 60.69 -15.05
C1D HEM Y . 13.36 63.43 -11.78
C2D HEM Y . 13.49 64.78 -11.31
C3D HEM Y . 12.47 64.99 -10.45
C4D HEM Y . 11.68 63.75 -10.45
CMD HEM Y . 14.58 65.77 -11.66
CAD HEM Y . 12.33 66.30 -9.71
CBD HEM Y . 12.96 66.42 -8.29
CGD HEM Y . 14.30 65.79 -8.13
O1D HEM Y . 14.59 64.81 -7.41
O2D HEM Y . 15.29 66.24 -8.73
NA HEM Y . 9.76 61.44 -10.51
NB HEM Y . 10.50 59.22 -11.98
NC HEM Y . 13.04 60.74 -12.66
ND HEM Y . 12.26 62.82 -11.26
FE HEM Y . 11.45 61.11 -11.61
C1 GOL Z . -8.29 43.94 -13.50
O1 GOL Z . -9.66 44.34 -13.38
C2 GOL Z . -7.85 45.22 -14.20
O2 GOL Z . -6.91 45.88 -13.40
C3 GOL Z . -7.59 45.09 -15.65
O3 GOL Z . -6.58 45.98 -16.11
CL CL AA . -12.42 32.60 -26.44
C1 GOL BA . 24.87 42.14 -22.42
O1 GOL BA . 24.07 42.76 -21.49
C2 GOL BA . 24.81 42.98 -23.67
O2 GOL BA . 24.81 44.40 -23.32
C3 GOL BA . 26.13 42.51 -24.24
O3 GOL BA . 26.16 42.77 -25.61
C1 GOL CA . 18.32 49.94 -31.86
O1 GOL CA . 19.02 49.55 -30.68
C2 GOL CA . 17.56 48.67 -32.18
O2 GOL CA . 16.67 48.75 -33.28
C3 GOL CA . 18.59 47.61 -32.53
O3 GOL CA . 19.22 46.95 -31.42
NA NA DA . 22.39 24.92 -22.31
CL CL EA . 23.96 25.12 -24.46
CHA HEM FA . 1.16 14.32 10.51
CHB HEM FA . 3.97 16.47 7.17
CHC HEM FA . 0.32 15.81 4.08
CHD HEM FA . -2.22 13.31 7.31
C1A HEM FA . 2.16 14.98 9.87
C2A HEM FA . 3.29 15.48 10.51
C3A HEM FA . 4.08 16.09 9.58
C4A HEM FA . 3.47 15.96 8.33
CMA HEM FA . 5.40 16.81 9.81
CAA HEM FA . 3.61 15.42 12.01
CBA HEM FA . 3.18 16.80 12.58
CGA HEM FA . 2.63 16.74 13.98
O1A HEM FA . 3.37 17.11 14.93
O2A HEM FA . 1.44 16.37 14.17
C1B HEM FA . 3.23 16.47 6.01
C2B HEM FA . 3.64 17.05 4.81
C3B HEM FA . 2.62 16.88 3.94
C4B HEM FA . 1.53 16.16 4.64
CMB HEM FA . 5.01 17.74 4.63
CAB HEM FA . 2.70 17.33 2.54
CBB HEM FA . 1.82 17.19 1.58
C1C HEM FA . -0.71 15.09 4.67
C2C HEM FA . -1.93 14.73 4.02
C3C HEM FA . -2.66 13.99 4.98
C4C HEM FA . -1.85 13.95 6.17
CMC HEM FA . -2.35 15.08 2.59
CAC HEM FA . -4.00 13.33 4.93
CBC HEM FA . -4.81 13.29 3.91
C1D HEM FA . -1.44 13.41 8.44
C2D HEM FA . -1.95 12.78 9.66
C3D HEM FA . -1.03 13.06 10.60
C4D HEM FA . 0.04 13.84 9.91
CMD HEM FA . -3.25 11.98 9.77
CAD HEM FA . -1.07 12.60 12.06
CBD HEM FA . -2.19 13.20 12.90
CGD HEM FA . -1.69 14.18 13.94
O1D HEM FA . -2.07 14.08 15.16
O2D HEM FA . -0.94 15.13 13.58
NA HEM FA . 2.27 15.30 8.51
NB HEM FA . 2.00 15.96 5.86
NC HEM FA . -0.71 14.66 5.97
ND HEM FA . -0.25 14.05 8.63
FE HEM FA . 0.84 15.00 7.32
C1 GOL GA . -12.71 21.70 -12.82
O1 GOL GA . -11.74 21.93 -11.86
C2 GOL GA . -12.71 20.28 -13.37
O2 GOL GA . -12.65 19.23 -12.40
C3 GOL GA . -14.05 20.33 -14.08
O3 GOL GA . -14.44 19.06 -14.39
NA NA HA . -10.82 34.16 -24.82
C1 GOL IA . 20.40 23.41 -7.58
O1 GOL IA . 19.27 22.55 -7.39
C2 GOL IA . 19.95 24.76 -7.12
O2 GOL IA . 19.51 24.56 -5.78
C3 GOL IA . 21.14 25.76 -7.05
O3 GOL IA . 20.66 26.89 -7.75
NA NA JA . 22.28 22.72 -25.22
CHA HEM KA . 0.29 -7.00 -40.26
CHB HEM KA . -2.72 -3.89 -42.16
CHC HEM KA . -0.77 -0.33 -39.28
CHD HEM KA . 2.17 -3.70 -37.36
C1A HEM KA . -0.69 -6.42 -41.00
C2A HEM KA . -1.40 -7.15 -41.96
C3A HEM KA . -2.26 -6.27 -42.52
C4A HEM KA . -2.10 -5.04 -41.85
CMA HEM KA . -3.27 -6.52 -43.64
CAA HEM KA . -1.16 -8.64 -42.31
CBA HEM KA . -1.49 -9.69 -41.24
CGA HEM KA . -2.94 -10.10 -41.15
O1A HEM KA . -3.67 -9.58 -40.24
O2A HEM KA . -3.42 -11.00 -41.91
C1B HEM KA . -2.45 -2.64 -41.53
C2B HEM KA . -3.07 -1.48 -41.88
C3B HEM KA . -2.64 -0.46 -41.08
C4B HEM KA . -1.56 -1.01 -40.24
CMB HEM KA . -4.20 -1.30 -42.88
CAB HEM KA . -3.22 0.87 -41.31
CBB HEM KA . -2.73 1.98 -40.85
C1C HEM KA . 0.16 -0.93 -38.48
C2C HEM KA . 0.99 -0.27 -37.56
C3C HEM KA . 1.80 -1.25 -37.03
C4C HEM KA . 1.54 -2.50 -37.64
CMC HEM KA . 0.89 1.23 -37.27
CAC HEM KA . 2.81 -1.01 -36.05
CBC HEM KA . 3.79 -1.79 -35.69
C1D HEM KA . 1.83 -4.86 -38.06
C2D HEM KA . 2.43 -6.11 -37.72
C3D HEM KA . 1.95 -7.04 -38.54
C4D HEM KA . 1.01 -6.31 -39.34
CMD HEM KA . 3.55 -6.31 -36.70
CAD HEM KA . 2.37 -8.54 -38.60
CBD HEM KA . 2.24 -9.32 -37.29
CGD HEM KA . 0.80 -9.60 -36.92
O1D HEM KA . 0.53 -10.17 -35.90
O2D HEM KA . -0.13 -9.20 -37.61
NA HEM KA . -1.08 -5.13 -40.97
NB HEM KA . -1.53 -2.32 -40.58
NC HEM KA . 0.54 -2.22 -38.54
ND HEM KA . 0.91 -4.97 -39.03
FE HEM KA . -0.28 -3.69 -39.79
C1 GOL LA . 2.22 12.03 -45.80
O1 GOL LA . 2.12 12.32 -44.39
C2 GOL LA . 1.35 10.87 -46.36
O2 GOL LA . 2.29 10.01 -46.98
C3 GOL LA . 0.48 10.09 -45.35
O3 GOL LA . 0.29 8.64 -45.53
C1 GOL MA . -11.13 5.75 -12.94
O1 GOL MA . -11.89 6.96 -12.96
C2 GOL MA . -9.82 5.88 -13.72
O2 GOL MA . -8.99 6.96 -13.20
C3 GOL MA . -9.07 4.56 -13.63
O3 GOL MA . -9.43 3.63 -14.65
C1 GOL NA . -11.83 20.13 -39.06
O1 GOL NA . -10.43 20.15 -39.20
C2 GOL NA . -12.19 18.79 -38.51
O2 GOL NA . -11.53 17.74 -39.26
C3 GOL NA . -12.06 18.77 -37.00
O3 GOL NA . -11.53 17.60 -36.51
NA NA OA . -11.50 30.87 -24.54
C1 GOL PA . 18.59 7.83 -24.77
O1 GOL PA . 19.99 7.44 -25.03
C2 GOL PA . 17.90 7.61 -26.13
O2 GOL PA . 16.82 6.66 -26.17
C3 GOL PA . 17.58 8.86 -26.79
O3 GOL PA . 17.37 8.61 -28.19
MG MG QA . 7.51 -9.32 -33.26
NA NA RA . 22.98 25.51 -27.05
NA NA SA . 8.22 -5.10 -49.97
CHA HEM TA . -20.29 -23.05 61.39
CHB HEM TA . -20.35 -19.30 58.42
CHC HEM TA . -18.32 -22.20 55.16
CHD HEM TA . -18.88 -26.03 57.93
C1A HEM TA . -20.46 -21.79 60.89
C2A HEM TA . -20.86 -20.68 61.65
C3A HEM TA . -20.89 -19.61 60.79
C4A HEM TA . -20.49 -20.10 59.53
CMA HEM TA . -21.29 -18.19 61.10
CAA HEM TA . -21.22 -20.69 63.15
CBA HEM TA . -20.00 -20.68 64.13
CGA HEM TA . -18.81 -21.61 63.86
O1A HEM TA . -17.73 -21.22 63.34
O2A HEM TA . -18.85 -22.83 64.19
C1B HEM TA . -19.74 -19.79 57.25
C2B HEM TA . -19.46 -18.92 56.15
C3B HEM TA . -18.90 -19.72 55.21
C4B HEM TA . -18.81 -21.10 55.79
CMB HEM TA . -19.75 -17.43 55.96
CAB HEM TA . -18.44 -19.19 53.90
CBB HEM TA . -17.76 -19.84 53.00
C1C HEM TA . -18.30 -23.49 55.61
C2C HEM TA . -17.87 -24.56 54.85
C3C HEM TA . -18.03 -25.70 55.64
C4C HEM TA . -18.57 -25.28 56.87
CMC HEM TA . -17.33 -24.37 53.43
CAC HEM TA . -17.65 -27.07 55.19
CBC HEM TA . -17.69 -28.21 55.82
C1D HEM TA . -19.29 -25.47 59.11
C2D HEM TA . -19.44 -26.29 60.30
C3D HEM TA . -19.81 -25.45 61.26
C4D HEM TA . -19.90 -24.13 60.65
CMD HEM TA . -19.22 -27.78 60.44
CAD HEM TA . -20.10 -25.81 62.69
CBD HEM TA . -21.60 -25.83 62.83
CGD HEM TA . -22.12 -24.96 63.94
O1D HEM TA . -23.01 -25.39 64.72
O2D HEM TA . -21.68 -23.80 64.07
NA HEM TA . -20.25 -21.43 59.58
NB HEM TA . -19.35 -21.03 56.98
NC HEM TA . -18.77 -23.96 56.77
ND HEM TA . -19.60 -24.21 59.35
FE HEM TA . -19.46 -22.71 58.23
C1 GOL UA . -6.56 -3.07 39.16
O1 GOL UA . -5.84 -1.78 39.19
C2 GOL UA . -7.87 -2.98 38.34
O2 GOL UA . -8.13 -1.92 37.36
C3 GOL UA . -7.90 -4.27 37.57
O3 GOL UA . -7.93 -5.37 38.49
C1 GOL VA . -19.98 -11.74 34.76
O1 GOL VA . -18.62 -11.70 35.22
C2 GOL VA . -21.06 -12.34 35.63
O2 GOL VA . -21.43 -13.66 35.18
C3 GOL VA . -20.65 -12.41 37.06
O3 GOL VA . -21.40 -11.42 37.72
C1 GOL WA . -7.17 -28.86 41.62
O1 GOL WA . -6.85 -29.51 42.85
C2 GOL WA . -8.31 -29.58 40.90
O2 GOL WA . -9.55 -29.03 41.40
C3 GOL WA . -8.19 -29.51 39.38
O3 GOL WA . -9.01 -30.56 38.78
C1 GOL XA . -8.16 -10.13 39.55
O1 GOL XA . -8.47 -10.98 40.60
C2 GOL XA . -9.41 -9.52 38.99
O2 GOL XA . -10.53 -9.46 39.97
C3 GOL XA . -8.74 -8.16 38.78
O3 GOL XA . -9.58 -7.37 37.95
NA NA YA . 4.07 -14.33 27.47
CL CL ZA . 2.98 -12.25 26.25
NA NA AB . 1.17 -13.04 28.04
C1 GOL BB . -13.92 -43.41 42.19
O1 GOL BB . -14.30 -44.71 42.69
C2 GOL BB . -15.06 -42.57 42.73
O2 GOL BB . -14.71 -42.12 44.01
C3 GOL BB . -15.51 -41.56 41.73
O3 GOL BB . -16.72 -40.97 42.15
NA NA CB . -16.00 -42.73 24.31
CL CL DB . -14.52 -45.01 24.78
NA NA EB . -14.32 -43.52 27.04
CHA HEM FB . -37.44 -12.59 10.76
CHB HEM FB . -34.65 -15.73 13.12
CHC HEM FB . -30.89 -13.21 11.41
CHD HEM FB . -33.69 -10.22 8.83
C1A HEM FB . -36.97 -13.64 11.54
C2A HEM FB . -37.83 -14.47 12.34
C3A HEM FB . -37.01 -15.36 12.99
C4A HEM FB . -35.69 -15.08 12.60
CMA HEM FB . -37.52 -16.42 13.90
CAA HEM FB . -39.38 -14.49 12.44
CBA HEM FB . -40.02 -14.36 13.86
CGA HEM FB . -41.47 -13.85 13.79
O1A HEM FB . -42.33 -14.56 13.16
O2A HEM FB . -41.79 -12.76 14.38
C1B HEM FB . -33.38 -15.23 12.81
C2B HEM FB . -32.33 -15.84 13.45
C3B HEM FB . -31.20 -15.22 13.01
C4B HEM FB . -31.64 -14.15 12.10
CMB HEM FB . -32.59 -17.02 14.38
CAB HEM FB . -29.83 -15.59 13.42
CBB HEM FB . -28.69 -14.96 13.17
C1C HEM FB . -31.32 -12.22 10.57
C2C HEM FB . -30.48 -11.33 9.95
C3C HEM FB . -31.28 -10.47 9.19
C4C HEM FB . -32.63 -10.84 9.39
CMC HEM FB . -28.96 -11.36 10.09
CAC HEM FB . -30.97 -9.38 8.27
CBC HEM FB . -29.74 -9.16 7.84
C1D HEM FB . -34.94 -10.66 9.18
C2D HEM FB . -36.10 -10.02 8.72
C3D HEM FB . -37.16 -10.64 9.26
C4D HEM FB . -36.59 -11.73 10.07
CMD HEM FB . -36.09 -8.80 7.75
CAD HEM FB . -38.61 -10.27 8.97
CBD HEM FB . -39.06 -10.68 7.54
CGD HEM FB . -39.42 -12.09 7.46
O1D HEM FB . -40.35 -12.51 8.18
O2D HEM FB . -38.81 -12.91 6.74
NA HEM FB . -35.63 -13.97 11.77
NB HEM FB . -32.91 -14.22 12.05
NC HEM FB . -32.60 -11.88 10.22
ND HEM FB . -35.23 -11.69 9.99
FE HEM FB . -34.11 -12.89 10.97
C1 GOL GB . -38.15 -10.72 13.93
O1 GOL GB . -39.41 -10.26 13.37
C2 GOL GB . -37.87 -10.17 15.34
O2 GOL GB . -37.65 -8.77 15.25
C3 GOL GB . -38.97 -10.50 16.30
O3 GOL GB . -38.99 -9.59 17.42
C1 GOL HB . -23.45 -6.43 38.94
O1 GOL HB . -22.04 -6.30 38.75
C2 GOL HB . -23.98 -7.37 37.89
O2 GOL HB . -23.50 -8.67 38.17
C3 GOL HB . -25.49 -7.38 38.04
O3 GOL HB . -26.12 -8.02 36.93
C1 GOL IB . -8.11 -8.25 13.05
O1 GOL IB . -7.72 -6.90 12.73
C2 GOL IB . -9.45 -8.01 13.71
O2 GOL IB . -10.43 -8.34 12.76
C3 GOL IB . -9.64 -8.62 15.06
O3 GOL IB . -10.84 -8.19 15.68
NA NA JB . -13.39 -43.86 22.72
CHA HEM KB . 7.85 -35.76 -10.30
CHB HEM KB . 4.56 -36.09 -6.81
CHC HEM KB . 7.70 -33.63 -4.02
CHD HEM KB . 11.12 -33.64 -7.42
C1A HEM KB . 6.70 -36.02 -9.61
C2A HEM KB . 5.52 -36.65 -10.15
C3A HEM KB . 4.62 -36.74 -9.12
C4A HEM KB . 5.23 -36.20 -7.99
CMA HEM KB . 3.20 -37.31 -9.11
CAA HEM KB . 5.29 -37.15 -11.59
CBA HEM KB . 5.83 -36.24 -12.72
CGA HEM KB . 4.82 -35.91 -13.80
O1A HEM KB . 4.03 -36.78 -14.26
O2A HEM KB . 4.79 -34.72 -14.21
C1B HEM KB . 5.18 -35.42 -5.74
C2B HEM KB . 4.50 -35.27 -4.53
C3B HEM KB . 5.35 -34.57 -3.70
C4B HEM KB . 6.58 -34.29 -4.49
CMB HEM KB . 3.09 -35.80 -4.27
CAB HEM KB . 5.04 -34.21 -2.29
CBB HEM KB . 5.80 -33.58 -1.39
C1C HEM KB . 8.89 -33.41 -4.67
C2C HEM KB . 9.97 -32.71 -4.11
C3C HEM KB . 11.00 -32.71 -5.09
C4C HEM KB . 10.47 -33.42 -6.23
CMC HEM KB . 10.03 -32.13 -2.70
CAC HEM KB . 12.38 -32.13 -5.05
CBC HEM KB . 13.00 -31.53 -4.02
C1D HEM KB . 10.45 -34.25 -8.47
C2D HEM KB . 11.08 -34.43 -9.77
C3D HEM KB . 10.17 -35.04 -10.56
C4D HEM KB . 8.96 -35.18 -9.75
CMD HEM KB . 12.51 -34.05 -10.10
CAD HEM KB . 10.29 -35.47 -12.00
CBD HEM KB . 9.96 -34.28 -12.92
CGD HEM KB . 11.30 -33.70 -13.27
O1D HEM KB . 11.68 -32.65 -12.72
O2D HEM KB . 12.04 -34.28 -14.11
NA HEM KB . 6.51 -35.72 -8.28
NB HEM KB . 6.40 -34.85 -5.68
NC HEM KB . 9.20 -33.80 -5.96
ND HEM KB . 9.19 -34.72 -8.51
FE HEM KB . 7.87 -34.73 -7.19
C1 GOL LB . 11.82 -19.38 12.88
O1 GOL LB . 10.79 -19.66 11.95
C2 GOL LB . 12.68 -20.56 13.24
O2 GOL LB . 13.43 -20.93 12.09
C3 GOL LB . 13.58 -20.27 14.40
O3 GOL LB . 14.36 -19.06 14.28
NA NA MB . 0.70 -12.63 24.40
NA NA NB . 3.63 -14.02 24.16
C1 GOL OB . -10.59 -43.75 7.80
O1 GOL OB . -9.30 -43.25 7.95
C2 GOL OB . -11.40 -42.69 7.09
O2 GOL OB . -10.87 -42.55 5.77
C3 GOL OB . -12.85 -43.16 7.02
O3 GOL OB . -13.59 -42.15 7.69
NA NA PB . -12.15 -45.15 25.89
CHA HEM QB . 25.05 -47.04 41.01
CHB HEM QB . 21.27 -46.42 38.16
CHC HEM QB . 20.67 -41.89 39.96
CHD HEM QB . 24.43 -42.57 42.91
C1A HEM QB . 24.11 -47.26 40.07
C2A HEM QB . 23.98 -48.43 39.25
C3A HEM QB . 22.89 -48.19 38.46
C4A HEM QB . 22.37 -46.95 38.80
CMA HEM QB . 22.26 -49.08 37.38
CAA HEM QB . 24.78 -49.76 39.20
CBA HEM QB . 25.51 -49.89 37.81
CGA HEM QB . 26.80 -49.18 37.87
O1A HEM QB . 27.04 -48.33 38.71
O2A HEM QB . 27.66 -49.38 37.05
C1B HEM QB . 20.80 -45.14 38.41
C2B HEM QB . 19.65 -44.63 37.73
C3B HEM QB . 19.47 -43.35 38.19
C4B HEM QB . 20.52 -43.08 39.23
CMB HEM QB . 18.89 -45.39 36.67
CAB HEM QB . 18.39 -42.50 37.66
CBB HEM QB . 18.20 -41.23 37.86
C1C HEM QB . 21.62 -41.67 40.92
C2C HEM QB . 21.66 -40.51 41.68
C3C HEM QB . 22.74 -40.72 42.57
C4C HEM QB . 23.34 -41.99 42.28
CMC HEM QB . 20.69 -39.35 41.58
CAC HEM QB . 23.19 -39.77 43.62
CBC HEM QB . 22.57 -38.62 43.91
C1D HEM QB . 24.89 -43.84 42.58
C2D HEM QB . 26.01 -44.50 43.27
C3D HEM QB . 26.21 -45.71 42.72
C4D HEM QB . 25.17 -45.86 41.76
CMD HEM QB . 26.89 -43.92 44.35
CAD HEM QB . 27.26 -46.78 43.11
CBD HEM QB . 28.27 -47.25 42.04
CGD HEM QB . 29.52 -46.39 41.96
O1D HEM QB . 29.58 -45.57 40.98
O2D HEM QB . 30.46 -46.53 42.81
NA HEM QB . 23.13 -46.30 39.77
NB HEM QB . 21.26 -44.19 39.27
NC HEM QB . 22.64 -42.55 41.25
ND HEM QB . 24.40 -44.70 41.70
FE HEM QB . 22.89 -44.45 40.52
C1 GOL RB . 12.04 -20.17 38.92
O1 GOL RB . 12.76 -19.14 39.63
C2 GOL RB . 13.13 -21.11 38.47
O2 GOL RB . 13.14 -22.13 39.48
C3 GOL RB . 12.93 -21.47 37.04
O3 GOL RB . 13.92 -22.31 36.50
NA NA SB . 18.12 -51.83 50.89
C1 GOL TB . 1.74 -50.97 27.60
O1 GOL TB . 2.31 -50.21 28.70
C2 GOL TB . 2.63 -50.74 26.40
O2 GOL TB . 3.88 -51.38 26.77
C3 GOL TB . 2.08 -51.35 25.15
O3 GOL TB . 1.70 -52.73 25.34
MG MG UB . 22.12 -54.13 34.22
#